data_4N1A
#
_entry.id   4N1A
#
_cell.length_a   216.150
_cell.length_b   216.150
_cell.length_c   186.510
_cell.angle_alpha   90.00
_cell.angle_beta   90.00
_cell.angle_gamma   90.00
#
_symmetry.space_group_name_H-M   'P 41 21 2'
#
loop_
_entity.id
_entity.type
_entity.pdbx_description
1 polymer 'Cell divisionFtsK/SpoIIIE'
2 polymer 'Uncharacterized protein'
3 non-polymer "ADENOSINE-5'-TRIPHOSPHATE"
4 non-polymer 'MAGNESIUM ION'
5 water water
#
loop_
_entity_poly.entity_id
_entity_poly.type
_entity_poly.pdbx_seq_one_letter_code
_entity_poly.pdbx_strand_id
1 'polypeptide(L)'
;MHHHHHHHHGGSEFSIDGGSLEVLFQGPSSPSHQIWLPPLDVPPTLDELLPPLSPSAAHGYTADGWEWRGRLHAVVGLVD
RPFDQRRDPYWLDLSGGAGHVGVAGGPQTGKSTMLRTLITSLALLHTPQEVQFYCLDFGGGTLAGLAELPHVGSVATRLD
ADRIRRTVAEVSALLEQREQEFTERGIDSMATYRRLRATGEYAGDGFGDVFLVVDNWLTLRQDYEALEDSITQLAARGLG
YGIHVVLSSNKWSEFRTSIRDLLGTKLELRLGDPYESEVDRKKAANVPENRPGRGLTRDGYHFLTALPRIDGDTSAETLT
EGIATTVKTIREAWHGPTAPPVRMLPNVLPAAQLPSAAESGTRIPIGIDEDSLSPVYLDFNTDPHFLVFGDTECGKSNLL
RLITAGIIERYTPQQARLIFIDYSRSLLDVATTEHQIGYAASSTAASSLVRDIKGAMEARLPPPDLTPEQLRSRSWWTGA
ELFLVVDDYEMVATSDNPLRPLAELLPQARDIGLHLIIARSMGGAGRALYEPIIQRIKEMASPGLVMSGNKDEGILLGNV
KPHKLPQGRGYFVERRSGTRLIQTAYRES
;
A,B,C,E
2 'polypeptide(L)' ITYEAREEAAQQSVNRVQALLNG G,H,J,K
#
loop_
_chem_comp.id
_chem_comp.type
_chem_comp.name
_chem_comp.formula
ATP non-polymer ADENOSINE-5'-TRIPHOSPHATE 'C10 H16 N5 O13 P3'
MG non-polymer 'MAGNESIUM ION' 'Mg 2'
#
# COMPACT_ATOMS: atom_id res chain seq x y z
N ILE A 35 -10.78 39.37 27.80
CA ILE A 35 -9.56 39.80 27.14
C ILE A 35 -9.71 39.80 25.61
N TRP A 36 -9.92 38.62 25.03
CA TRP A 36 -10.23 38.51 23.62
C TRP A 36 -11.74 38.59 23.45
N LEU A 37 -12.17 39.12 22.31
CA LEU A 37 -13.60 39.20 22.02
C LEU A 37 -14.13 37.83 21.60
N PRO A 38 -15.41 37.55 21.92
CA PRO A 38 -16.02 36.27 21.53
C PRO A 38 -16.07 36.10 20.01
N PRO A 39 -15.88 34.86 19.53
CA PRO A 39 -15.83 34.53 18.11
C PRO A 39 -17.00 35.11 17.32
N LEU A 40 -16.68 35.86 16.28
CA LEU A 40 -17.70 36.45 15.43
C LEU A 40 -18.35 35.37 14.57
N ASP A 41 -19.58 35.62 14.14
CA ASP A 41 -20.34 34.62 13.40
C ASP A 41 -20.38 34.93 11.91
N VAL A 42 -20.18 36.18 11.54
CA VAL A 42 -20.13 36.59 10.14
C VAL A 42 -18.98 37.56 9.87
N PRO A 43 -18.18 37.28 8.83
CA PRO A 43 -17.04 38.11 8.46
C PRO A 43 -17.47 39.44 7.85
N PRO A 44 -16.59 40.46 7.91
CA PRO A 44 -16.92 41.76 7.32
C PRO A 44 -16.70 41.76 5.81
N THR A 45 -17.22 42.79 5.15
CA THR A 45 -16.96 42.98 3.73
C THR A 45 -16.23 44.31 3.51
N LEU A 46 -15.65 44.49 2.33
CA LEU A 46 -14.81 45.64 2.06
C LEU A 46 -15.55 46.98 2.16
N ASP A 47 -16.84 46.98 1.82
CA ASP A 47 -17.63 48.20 1.91
C ASP A 47 -17.87 48.59 3.36
N GLU A 48 -17.89 47.59 4.25
CA GLU A 48 -18.03 47.83 5.68
C GLU A 48 -16.80 48.53 6.23
N LEU A 49 -15.64 48.19 5.70
CA LEU A 49 -14.36 48.68 6.21
C LEU A 49 -13.80 49.82 5.36
N LEU A 50 -14.67 50.46 4.59
CA LEU A 50 -14.26 51.55 3.71
C LEU A 50 -15.31 52.65 3.65
N PRO A 51 -14.87 53.90 3.41
CA PRO A 51 -15.75 55.07 3.26
C PRO A 51 -16.80 54.87 2.17
N PRO A 52 -17.82 55.74 2.13
CA PRO A 52 -18.79 55.68 1.03
C PRO A 52 -18.10 55.77 -0.33
N LEU A 53 -18.20 54.70 -1.11
CA LEU A 53 -17.54 54.61 -2.41
C LEU A 53 -18.36 55.25 -3.51
N SER A 54 -17.69 55.99 -4.39
CA SER A 54 -18.35 56.71 -5.48
C SER A 54 -17.62 56.49 -6.81
N PRO A 55 -18.36 56.60 -7.92
CA PRO A 55 -17.74 56.60 -9.26
C PRO A 55 -17.00 57.91 -9.51
N SER A 56 -15.71 57.83 -9.80
CA SER A 56 -14.89 59.04 -9.97
C SER A 56 -14.46 59.24 -11.42
N ALA A 57 -14.27 60.51 -11.80
CA ALA A 57 -13.76 60.85 -13.12
C ALA A 57 -12.46 61.64 -13.02
N ALA A 58 -11.33 60.94 -13.14
CA ALA A 58 -11.33 59.50 -13.39
C ALA A 58 -10.38 58.78 -12.43
N HIS A 59 -10.92 58.24 -11.36
CA HIS A 59 -10.14 57.40 -10.43
C HIS A 59 -10.84 56.07 -10.23
N GLY A 60 -11.83 55.79 -11.07
CA GLY A 60 -12.60 54.56 -10.97
C GLY A 60 -13.55 54.60 -9.79
N TYR A 61 -14.11 53.45 -9.44
CA TYR A 61 -15.00 53.33 -8.30
C TYR A 61 -14.19 53.26 -7.02
N THR A 62 -14.03 54.40 -6.34
CA THR A 62 -13.16 54.49 -5.18
C THR A 62 -13.69 55.46 -4.13
N ALA A 63 -12.87 55.74 -3.11
CA ALA A 63 -13.19 56.75 -2.12
C ALA A 63 -12.83 58.13 -2.67
N ASP A 64 -13.78 58.75 -3.35
CA ASP A 64 -13.55 59.99 -4.08
C ASP A 64 -13.05 61.13 -3.19
N GLY A 65 -11.78 61.50 -3.38
CA GLY A 65 -11.21 62.66 -2.70
C GLY A 65 -10.57 62.37 -1.35
N TRP A 66 -10.58 61.10 -0.95
CA TRP A 66 -10.05 60.71 0.35
C TRP A 66 -8.55 61.00 0.43
N GLU A 67 -8.11 61.51 1.58
CA GLU A 67 -6.71 61.84 1.77
C GLU A 67 -5.86 60.57 1.92
N TRP A 68 -6.53 59.43 2.08
CA TRP A 68 -5.84 58.16 2.26
C TRP A 68 -5.91 57.29 1.00
N ARG A 69 -6.40 57.85 -0.10
CA ARG A 69 -6.51 57.10 -1.34
C ARG A 69 -5.22 57.17 -2.15
N GLY A 70 -4.68 56.00 -2.50
CA GLY A 70 -3.50 55.92 -3.34
C GLY A 70 -2.19 56.07 -2.59
N ARG A 71 -2.21 55.82 -1.29
CA ARG A 71 -0.99 55.88 -0.49
C ARG A 71 -0.50 54.48 -0.16
N LEU A 72 -0.98 53.50 -0.94
CA LEU A 72 -0.57 52.10 -0.82
C LEU A 72 -0.81 51.49 0.56
N HIS A 73 -1.89 51.92 1.22
CA HIS A 73 -2.38 51.23 2.40
C HIS A 73 -3.62 50.45 2.01
N ALA A 74 -3.85 49.31 2.66
CA ALA A 74 -4.97 48.46 2.29
C ALA A 74 -5.56 47.72 3.49
N VAL A 75 -6.88 47.76 3.60
CA VAL A 75 -7.58 47.06 4.67
C VAL A 75 -7.95 45.64 4.22
N VAL A 76 -7.66 44.66 5.08
CA VAL A 76 -7.87 43.27 4.72
C VAL A 76 -8.80 42.52 5.67
N GLY A 77 -9.44 43.24 6.59
CA GLY A 77 -10.36 42.61 7.52
C GLY A 77 -10.47 43.30 8.87
N LEU A 78 -10.91 42.55 9.88
CA LEU A 78 -11.00 43.06 11.24
C LEU A 78 -9.96 42.41 12.13
N VAL A 79 -9.50 43.15 13.14
CA VAL A 79 -8.49 42.63 14.06
C VAL A 79 -8.93 42.85 15.52
N ASP A 80 -8.67 41.86 16.36
CA ASP A 80 -9.01 41.95 17.77
C ASP A 80 -7.75 42.00 18.63
N ARG A 81 -7.34 43.21 19.01
CA ARG A 81 -6.21 43.39 19.92
C ARG A 81 -6.68 43.18 21.36
N PRO A 82 -5.78 42.71 22.24
CA PRO A 82 -6.14 42.36 23.61
C PRO A 82 -6.79 43.52 24.38
N PHE A 83 -7.86 43.19 25.10
CA PHE A 83 -8.59 44.13 25.96
C PHE A 83 -9.26 45.25 25.15
N ASP A 84 -9.47 44.99 23.88
CA ASP A 84 -10.36 45.81 23.07
C ASP A 84 -11.77 45.26 23.22
N GLN A 85 -12.77 46.14 23.21
CA GLN A 85 -14.14 45.69 23.35
C GLN A 85 -14.88 45.85 22.02
N ARG A 86 -14.19 46.43 21.05
CA ARG A 86 -14.69 46.55 19.69
C ARG A 86 -13.57 46.36 18.69
N ARG A 87 -13.80 45.50 17.71
CA ARG A 87 -12.77 45.17 16.72
C ARG A 87 -12.44 46.36 15.82
N ASP A 88 -11.14 46.58 15.62
CA ASP A 88 -10.66 47.65 14.77
C ASP A 88 -10.36 47.14 13.37
N PRO A 89 -10.45 48.03 12.37
CA PRO A 89 -10.13 47.64 10.98
C PRO A 89 -8.65 47.30 10.79
N TYR A 90 -8.39 46.12 10.27
CA TYR A 90 -7.03 45.65 10.01
C TYR A 90 -6.48 46.28 8.73
N TRP A 91 -5.45 47.11 8.86
CA TRP A 91 -4.85 47.76 7.69
C TRP A 91 -3.40 47.34 7.49
N LEU A 92 -2.96 47.34 6.23
CA LEU A 92 -1.59 47.00 5.88
C LEU A 92 -0.92 48.12 5.11
N ASP A 93 0.32 48.45 5.49
CA ASP A 93 1.10 49.47 4.80
C ASP A 93 2.09 48.82 3.85
N LEU A 94 1.89 49.06 2.55
CA LEU A 94 2.72 48.41 1.54
C LEU A 94 3.68 49.37 0.84
N SER A 95 3.90 50.53 1.47
CA SER A 95 4.95 51.45 1.02
C SER A 95 6.13 51.36 1.97
N GLY A 96 7.20 50.70 1.52
CA GLY A 96 8.37 50.54 2.36
C GLY A 96 8.71 49.09 2.61
N GLY A 97 9.38 48.83 3.73
CA GLY A 97 9.91 47.51 4.04
C GLY A 97 8.89 46.39 4.06
N ALA A 98 7.66 46.73 4.41
CA ALA A 98 6.59 45.73 4.50
C ALA A 98 5.92 45.50 3.16
N GLY A 99 6.62 45.85 2.08
CA GLY A 99 6.06 45.78 0.74
C GLY A 99 5.78 44.36 0.26
N HIS A 100 6.55 43.40 0.76
CA HIS A 100 6.34 42.00 0.40
C HIS A 100 5.39 41.33 1.38
N VAL A 101 4.45 40.54 0.86
CA VAL A 101 3.44 39.91 1.69
C VAL A 101 3.53 38.38 1.64
N GLY A 102 3.51 37.76 2.81
CA GLY A 102 3.52 36.31 2.89
C GLY A 102 2.27 35.79 3.57
N VAL A 103 1.71 34.71 3.03
CA VAL A 103 0.50 34.11 3.59
C VAL A 103 0.68 32.60 3.77
N ALA A 104 0.40 32.11 4.97
CA ALA A 104 0.50 30.68 5.24
C ALA A 104 -0.79 30.12 5.82
N GLY A 105 -0.85 28.80 5.93
CA GLY A 105 -2.03 28.14 6.49
C GLY A 105 -2.28 26.78 5.86
N GLY A 106 -2.94 25.90 6.60
CA GLY A 106 -3.22 24.56 6.13
C GLY A 106 -4.28 24.51 5.05
N PRO A 107 -4.71 23.29 4.68
CA PRO A 107 -5.74 23.10 3.67
C PRO A 107 -7.07 23.77 4.04
N GLN A 108 -7.68 24.47 3.09
CA GLN A 108 -8.99 25.10 3.26
C GLN A 108 -9.05 26.06 4.45
N THR A 109 -7.93 26.72 4.74
CA THR A 109 -7.85 27.63 5.89
C THR A 109 -8.19 29.06 5.50
N GLY A 110 -8.23 29.34 4.20
CA GLY A 110 -8.58 30.66 3.72
C GLY A 110 -7.43 31.43 3.08
N LYS A 111 -6.43 30.71 2.57
CA LYS A 111 -5.28 31.33 1.94
C LYS A 111 -5.67 32.09 0.68
N SER A 112 -6.33 31.39 -0.23
CA SER A 112 -6.67 31.95 -1.54
C SER A 112 -7.62 33.14 -1.45
N THR A 113 -8.49 33.13 -0.45
CA THR A 113 -9.45 34.22 -0.28
C THR A 113 -8.76 35.49 0.23
N MET A 114 -7.72 35.30 1.04
CA MET A 114 -6.93 36.42 1.54
C MET A 114 -6.23 37.15 0.39
N LEU A 115 -5.69 36.38 -0.55
CA LEU A 115 -5.07 36.94 -1.74
C LEU A 115 -6.06 37.78 -2.53
N ARG A 116 -7.27 37.24 -2.70
CA ARG A 116 -8.30 37.93 -3.47
C ARG A 116 -8.79 39.18 -2.76
N THR A 117 -8.73 39.18 -1.44
CA THR A 117 -9.17 40.32 -0.64
C THR A 117 -8.15 41.46 -0.71
N LEU A 118 -6.87 41.09 -0.66
CA LEU A 118 -5.80 42.07 -0.72
C LEU A 118 -5.77 42.77 -2.07
N ILE A 119 -5.98 42.00 -3.13
CA ILE A 119 -5.98 42.54 -4.49
C ILE A 119 -7.17 43.48 -4.72
N THR A 120 -8.35 43.04 -4.27
CA THR A 120 -9.56 43.84 -4.42
C THR A 120 -9.49 45.11 -3.60
N SER A 121 -8.98 45.00 -2.38
CA SER A 121 -8.86 46.15 -1.49
C SER A 121 -7.95 47.21 -2.10
N LEU A 122 -6.83 46.76 -2.66
CA LEU A 122 -5.91 47.65 -3.34
C LEU A 122 -6.54 48.24 -4.58
N ALA A 123 -7.38 47.45 -5.24
CA ALA A 123 -8.05 47.88 -6.47
C ALA A 123 -9.10 48.94 -6.18
N LEU A 124 -9.69 48.89 -4.99
CA LEU A 124 -10.72 49.84 -4.59
C LEU A 124 -10.12 51.18 -4.18
N LEU A 125 -8.86 51.16 -3.76
CA LEU A 125 -8.21 52.37 -3.26
C LEU A 125 -7.16 52.89 -4.23
N HIS A 126 -7.07 52.26 -5.41
CA HIS A 126 -6.10 52.67 -6.42
C HIS A 126 -6.66 52.56 -7.84
N THR A 127 -5.90 53.09 -8.80
CA THR A 127 -6.25 52.99 -10.20
C THR A 127 -5.33 51.99 -10.88
N PRO A 128 -5.76 51.42 -12.03
CA PRO A 128 -4.93 50.47 -12.77
C PRO A 128 -3.55 51.03 -13.17
N GLN A 129 -3.43 52.35 -13.24
CA GLN A 129 -2.16 52.98 -13.56
C GLN A 129 -1.26 53.08 -12.33
N GLU A 130 -1.83 52.82 -11.15
CA GLU A 130 -1.08 52.94 -9.91
C GLU A 130 -0.63 51.58 -9.39
N VAL A 131 -1.44 50.56 -9.59
CA VAL A 131 -1.08 49.20 -9.18
C VAL A 131 -1.36 48.19 -10.28
N GLN A 132 -0.48 47.20 -10.41
CA GLN A 132 -0.67 46.12 -11.39
C GLN A 132 -0.44 44.75 -10.73
N PHE A 133 -1.20 43.76 -11.18
CA PHE A 133 -1.14 42.43 -10.58
C PHE A 133 -0.88 41.35 -11.62
N TYR A 134 0.03 40.44 -11.30
CA TYR A 134 0.32 39.31 -12.18
C TYR A 134 0.38 38.02 -11.37
N CYS A 135 -0.59 37.15 -11.59
CA CYS A 135 -0.82 36.02 -10.71
C CYS A 135 -0.34 34.67 -11.26
N LEU A 136 0.24 33.88 -10.37
CA LEU A 136 0.57 32.49 -10.66
C LEU A 136 -0.26 31.60 -9.76
N ASP A 137 -1.42 31.18 -10.25
CA ASP A 137 -2.38 30.46 -9.42
C ASP A 137 -2.13 28.97 -9.37
N PHE A 138 -1.60 28.48 -8.25
CA PHE A 138 -1.39 27.05 -8.06
C PHE A 138 -2.23 26.54 -6.90
N GLY A 139 -3.16 27.37 -6.43
CA GLY A 139 -4.00 27.01 -5.31
C GLY A 139 -5.49 27.10 -5.62
N GLY A 140 -6.00 26.12 -6.34
CA GLY A 140 -7.43 26.04 -6.62
C GLY A 140 -7.85 26.82 -7.85
N GLY A 141 -6.91 27.55 -8.45
CA GLY A 141 -7.17 28.30 -9.67
C GLY A 141 -8.29 29.31 -9.52
N THR A 142 -8.42 29.88 -8.34
CA THR A 142 -9.55 30.75 -8.02
C THR A 142 -9.27 32.23 -8.29
N LEU A 143 -8.04 32.55 -8.68
CA LEU A 143 -7.68 33.93 -8.98
C LEU A 143 -8.20 34.36 -10.35
N ALA A 144 -8.74 33.39 -11.10
CA ALA A 144 -9.25 33.65 -12.44
C ALA A 144 -10.45 34.60 -12.43
N GLY A 145 -11.16 34.64 -11.30
CA GLY A 145 -12.32 35.49 -11.17
C GLY A 145 -11.97 36.95 -11.14
N LEU A 146 -10.72 37.25 -10.84
CA LEU A 146 -10.25 38.63 -10.74
C LEU A 146 -9.47 39.04 -11.97
N ALA A 147 -9.49 38.20 -13.00
CA ALA A 147 -8.73 38.46 -14.21
C ALA A 147 -9.29 39.65 -14.99
N GLU A 148 -10.60 39.82 -14.94
CA GLU A 148 -11.25 40.89 -15.70
C GLU A 148 -11.11 42.25 -15.01
N LEU A 149 -10.39 42.27 -13.90
CA LEU A 149 -10.03 43.53 -13.26
C LEU A 149 -9.02 44.27 -14.10
N PRO A 150 -9.23 45.58 -14.30
CA PRO A 150 -8.28 46.39 -15.09
C PRO A 150 -6.93 46.51 -14.40
N HIS A 151 -6.87 46.16 -13.12
CA HIS A 151 -5.62 46.17 -12.37
C HIS A 151 -4.81 44.90 -12.60
N VAL A 152 -5.48 43.87 -13.13
CA VAL A 152 -4.82 42.59 -13.37
C VAL A 152 -4.53 42.38 -14.85
N GLY A 153 -3.29 42.00 -15.15
CA GLY A 153 -2.87 41.82 -16.53
C GLY A 153 -2.63 40.38 -16.93
N SER A 154 -2.51 39.49 -15.96
CA SER A 154 -2.25 38.08 -16.24
C SER A 154 -2.58 37.15 -15.07
N VAL A 155 -3.27 36.06 -15.40
CA VAL A 155 -3.49 34.98 -14.44
C VAL A 155 -3.16 33.65 -15.11
N ALA A 156 -2.31 32.86 -14.47
CA ALA A 156 -1.86 31.61 -15.08
C ALA A 156 -2.24 30.39 -14.23
N THR A 157 -2.93 29.44 -14.85
CA THR A 157 -3.31 28.20 -14.18
C THR A 157 -2.12 27.26 -14.07
N ARG A 158 -2.34 26.06 -13.56
CA ARG A 158 -1.27 25.07 -13.43
C ARG A 158 -0.74 24.66 -14.82
N LEU A 159 -1.64 24.63 -15.77
CA LEU A 159 -1.34 24.26 -17.14
C LEU A 159 -0.47 25.20 -17.94
N ASP A 160 -0.70 26.49 -17.81
CA ASP A 160 -0.17 27.44 -18.76
C ASP A 160 1.28 27.71 -18.45
N ALA A 161 2.10 26.72 -18.70
CA ALA A 161 3.50 26.83 -18.37
C ALA A 161 4.13 27.93 -19.14
N ASP A 162 3.78 28.07 -20.39
CA ASP A 162 4.37 29.11 -21.22
C ASP A 162 4.10 30.49 -20.63
N ARG A 163 2.89 30.69 -20.12
CA ARG A 163 2.50 31.96 -19.52
C ARG A 163 3.15 32.14 -18.14
N ILE A 164 3.22 31.04 -17.38
CA ILE A 164 3.86 31.07 -16.07
C ILE A 164 5.33 31.50 -16.16
N ARG A 165 6.08 30.81 -17.01
CA ARG A 165 7.52 31.04 -17.17
C ARG A 165 7.80 32.44 -17.70
N ARG A 166 6.88 32.95 -18.51
CA ARG A 166 7.05 34.24 -19.16
C ARG A 166 6.61 35.39 -18.26
N THR A 167 5.61 35.14 -17.41
CA THR A 167 5.11 36.16 -16.48
C THR A 167 6.20 36.63 -15.53
N VAL A 168 6.95 35.69 -14.97
CA VAL A 168 8.04 36.02 -14.07
C VAL A 168 9.15 36.77 -14.80
N ALA A 169 9.49 36.30 -15.99
CA ALA A 169 10.54 36.92 -16.80
C ALA A 169 10.18 38.34 -17.21
N GLU A 170 8.88 38.61 -17.33
CA GLU A 170 8.39 39.92 -17.70
C GLU A 170 8.67 40.94 -16.60
N VAL A 171 8.40 40.55 -15.36
CA VAL A 171 8.61 41.42 -14.21
C VAL A 171 10.10 41.54 -13.91
N SER A 172 10.81 40.43 -14.05
CA SER A 172 12.26 40.40 -13.82
C SER A 172 12.98 41.36 -14.77
N ALA A 173 12.43 41.51 -15.97
CA ALA A 173 13.00 42.41 -16.97
C ALA A 173 12.66 43.86 -16.64
N LEU A 174 11.52 44.06 -15.98
CA LEU A 174 11.10 45.40 -15.58
C LEU A 174 11.96 45.93 -14.44
N LEU A 175 12.38 45.02 -13.56
CA LEU A 175 13.26 45.37 -12.46
C LEU A 175 14.60 45.90 -12.99
N GLU A 176 15.18 45.15 -13.93
CA GLU A 176 16.45 45.53 -14.53
C GLU A 176 16.33 46.83 -15.32
N GLN A 177 15.14 47.05 -15.89
CA GLN A 177 14.87 48.26 -16.66
C GLN A 177 14.84 49.49 -15.76
N ARG A 178 14.23 49.36 -14.59
CA ARG A 178 14.10 50.48 -13.67
C ARG A 178 15.41 50.76 -12.93
N GLU A 179 16.24 49.73 -12.79
CA GLU A 179 17.53 49.89 -12.11
C GLU A 179 18.45 50.79 -12.91
N GLN A 180 18.14 50.98 -14.19
CA GLN A 180 18.90 51.88 -15.04
C GLN A 180 18.11 53.13 -15.37
N GLU A 181 16.78 53.02 -15.37
CA GLU A 181 15.93 54.16 -15.66
C GLU A 181 16.02 55.20 -14.54
N PHE A 182 16.04 54.71 -13.31
CA PHE A 182 16.05 55.59 -12.16
C PHE A 182 17.39 56.30 -12.01
N THR A 183 18.47 55.62 -12.35
CA THR A 183 19.80 56.19 -12.21
C THR A 183 20.11 57.20 -13.32
N GLU A 184 19.64 56.92 -14.53
CA GLU A 184 19.84 57.82 -15.67
C GLU A 184 19.06 59.12 -15.50
N ARG A 185 18.02 59.07 -14.67
CA ARG A 185 17.23 60.26 -14.38
C ARG A 185 17.36 60.63 -12.91
N GLY A 186 16.53 61.57 -12.45
CA GLY A 186 16.64 62.06 -11.09
C GLY A 186 15.82 61.29 -10.08
N ILE A 187 15.65 59.99 -10.31
CA ILE A 187 14.85 59.17 -9.42
C ILE A 187 15.70 58.55 -8.31
N ASP A 188 15.67 59.17 -7.14
CA ASP A 188 16.45 58.67 -6.00
C ASP A 188 15.73 57.54 -5.28
N SER A 189 14.44 57.70 -5.06
CA SER A 189 13.64 56.69 -4.37
C SER A 189 12.37 56.38 -5.15
N MET A 190 11.68 55.31 -4.76
CA MET A 190 10.44 54.92 -5.41
C MET A 190 9.33 55.91 -5.12
N ALA A 191 9.39 56.53 -3.95
CA ALA A 191 8.40 57.52 -3.54
C ALA A 191 8.43 58.73 -4.48
N THR A 192 9.62 59.09 -4.93
CA THR A 192 9.79 60.20 -5.86
C THR A 192 9.13 59.87 -7.19
N TYR A 193 9.30 58.62 -7.62
CA TYR A 193 8.73 58.14 -8.86
C TYR A 193 7.20 58.22 -8.86
N ARG A 194 6.59 57.81 -7.74
CA ARG A 194 5.14 57.88 -7.59
C ARG A 194 4.68 59.33 -7.58
N ARG A 195 5.49 60.20 -7.00
CA ARG A 195 5.17 61.62 -6.91
C ARG A 195 5.17 62.26 -8.29
N LEU A 196 6.03 61.75 -9.17
CA LEU A 196 6.11 62.27 -10.53
C LEU A 196 4.91 61.81 -11.36
N ARG A 197 4.51 60.56 -11.19
CA ARG A 197 3.36 60.03 -11.91
C ARG A 197 2.06 60.57 -11.33
N ALA A 198 2.13 61.13 -10.13
CA ALA A 198 0.98 61.74 -9.50
C ALA A 198 0.64 63.06 -10.20
N THR A 199 1.63 63.64 -10.85
CA THR A 199 1.46 64.89 -11.59
C THR A 199 0.49 64.70 -12.76
N GLY A 200 0.58 63.54 -13.40
CA GLY A 200 -0.22 63.26 -14.58
C GLY A 200 0.45 63.77 -15.84
N GLU A 201 1.70 64.19 -15.70
CA GLU A 201 2.48 64.69 -16.84
C GLU A 201 3.74 63.87 -17.01
N TYR A 202 3.76 62.68 -16.41
CA TYR A 202 4.92 61.82 -16.44
C TYR A 202 4.57 60.44 -16.97
N ALA A 203 5.17 60.07 -18.10
CA ALA A 203 4.89 58.78 -18.74
C ALA A 203 5.49 57.63 -17.93
N GLY A 204 6.73 57.79 -17.49
CA GLY A 204 7.41 56.75 -16.74
C GLY A 204 7.73 55.55 -17.62
N ASP A 205 7.86 54.39 -17.00
CA ASP A 205 8.16 53.17 -17.73
C ASP A 205 6.89 52.44 -18.13
N GLY A 206 5.75 53.10 -17.95
CA GLY A 206 4.47 52.52 -18.31
C GLY A 206 3.82 51.71 -17.21
N PHE A 207 4.53 51.56 -16.09
CA PHE A 207 4.00 50.82 -14.95
C PHE A 207 3.86 51.69 -13.71
N GLY A 208 3.26 51.11 -12.67
CA GLY A 208 3.21 51.74 -11.37
C GLY A 208 3.87 50.82 -10.35
N ASP A 209 3.11 50.40 -9.35
CA ASP A 209 3.58 49.40 -8.40
C ASP A 209 3.11 48.02 -8.86
N VAL A 210 4.07 47.14 -9.13
CA VAL A 210 3.75 45.82 -9.68
C VAL A 210 3.78 44.73 -8.61
N PHE A 211 2.73 43.92 -8.57
CA PHE A 211 2.63 42.84 -7.59
C PHE A 211 2.69 41.47 -8.26
N LEU A 212 3.69 40.68 -7.90
CA LEU A 212 3.77 39.31 -8.38
C LEU A 212 3.16 38.37 -7.35
N VAL A 213 2.03 37.76 -7.69
CA VAL A 213 1.28 36.94 -6.75
C VAL A 213 1.38 35.45 -7.06
N VAL A 214 1.74 34.66 -6.05
CA VAL A 214 1.82 33.21 -6.17
C VAL A 214 0.97 32.54 -5.10
N ASP A 215 0.13 31.58 -5.49
CA ASP A 215 -0.81 30.97 -4.55
C ASP A 215 -0.23 29.77 -3.81
N ASN A 216 0.57 28.96 -4.49
CA ASN A 216 1.20 27.80 -3.85
C ASN A 216 2.69 27.73 -4.19
N TRP A 217 3.50 28.32 -3.32
CA TRP A 217 4.94 28.41 -3.53
C TRP A 217 5.59 27.04 -3.68
N LEU A 218 5.01 26.04 -3.02
CA LEU A 218 5.51 24.68 -3.09
C LEU A 218 5.38 24.13 -4.52
N THR A 219 4.22 24.34 -5.12
CA THR A 219 3.95 23.88 -6.47
C THR A 219 4.90 24.53 -7.48
N LEU A 220 5.28 25.77 -7.21
CA LEU A 220 6.19 26.49 -8.08
C LEU A 220 7.59 25.88 -8.06
N ARG A 221 8.20 25.85 -6.88
CA ARG A 221 9.58 25.39 -6.75
C ARG A 221 9.73 23.90 -7.05
N GLN A 222 8.61 23.19 -7.15
CA GLN A 222 8.60 21.79 -7.52
C GLN A 222 8.57 21.59 -9.04
N ASP A 223 7.72 22.37 -9.71
CA ASP A 223 7.52 22.22 -11.15
C ASP A 223 8.27 23.29 -11.94
N TYR A 224 8.77 24.30 -11.25
CA TYR A 224 9.53 25.37 -11.89
C TYR A 224 10.69 25.80 -11.00
N GLU A 225 11.70 24.93 -10.91
CA GLU A 225 12.83 25.15 -10.01
C GLU A 225 13.60 26.42 -10.37
N ALA A 226 13.61 26.77 -11.65
CA ALA A 226 14.34 27.95 -12.12
C ALA A 226 13.68 29.23 -11.66
N LEU A 227 12.35 29.21 -11.55
CA LEU A 227 11.59 30.39 -11.16
C LEU A 227 11.64 30.65 -9.66
N GLU A 228 12.14 29.69 -8.90
CA GLU A 228 12.26 29.86 -7.47
C GLU A 228 13.33 30.89 -7.13
N ASP A 229 14.51 30.70 -7.70
CA ASP A 229 15.64 31.58 -7.43
C ASP A 229 15.45 32.96 -8.07
N SER A 230 14.79 32.99 -9.22
CA SER A 230 14.59 34.23 -9.96
C SER A 230 13.62 35.16 -9.24
N ILE A 231 12.51 34.61 -8.78
CA ILE A 231 11.54 35.36 -8.00
C ILE A 231 12.16 35.83 -6.69
N THR A 232 13.02 34.99 -6.12
CA THR A 232 13.73 35.33 -4.89
C THR A 232 14.60 36.56 -5.12
N GLN A 233 15.26 36.62 -6.27
CA GLN A 233 16.09 37.76 -6.62
C GLN A 233 15.26 39.02 -6.82
N LEU A 234 14.02 38.86 -7.25
CA LEU A 234 13.10 39.98 -7.39
C LEU A 234 12.76 40.56 -6.03
N ALA A 235 12.55 39.69 -5.06
CA ALA A 235 12.17 40.12 -3.71
C ALA A 235 13.35 40.81 -3.02
N ALA A 236 14.56 40.46 -3.41
CA ALA A 236 15.76 40.95 -2.76
C ALA A 236 15.95 42.46 -2.96
N ARG A 237 15.97 42.90 -4.21
CA ARG A 237 16.30 44.29 -4.52
C ARG A 237 15.18 45.01 -5.25
N GLY A 238 14.03 44.35 -5.39
CA GLY A 238 12.95 44.89 -6.18
C GLY A 238 11.96 45.76 -5.45
N LEU A 239 12.01 45.74 -4.12
CA LEU A 239 11.04 46.50 -3.33
C LEU A 239 11.30 48.00 -3.43
N GLY A 240 12.56 48.38 -3.64
CA GLY A 240 12.92 49.77 -3.78
C GLY A 240 12.65 50.30 -5.17
N TYR A 241 12.20 49.42 -6.06
CA TYR A 241 11.90 49.79 -7.43
C TYR A 241 10.43 49.55 -7.76
N GLY A 242 9.64 49.27 -6.74
CA GLY A 242 8.20 49.14 -6.90
C GLY A 242 7.72 47.76 -7.30
N ILE A 243 8.59 46.77 -7.23
CA ILE A 243 8.21 45.40 -7.54
C ILE A 243 7.96 44.63 -6.25
N HIS A 244 6.73 44.13 -6.09
CA HIS A 244 6.33 43.43 -4.86
C HIS A 244 6.11 41.94 -5.13
N VAL A 245 6.33 41.12 -4.12
CA VAL A 245 5.97 39.71 -4.20
C VAL A 245 4.94 39.37 -3.14
N VAL A 246 3.83 38.78 -3.58
CA VAL A 246 2.79 38.33 -2.67
C VAL A 246 2.67 36.81 -2.76
N LEU A 247 3.31 36.12 -1.84
CA LEU A 247 3.47 34.67 -1.93
C LEU A 247 2.65 33.93 -0.88
N SER A 248 1.98 32.87 -1.30
CA SER A 248 1.20 32.04 -0.40
C SER A 248 1.66 30.58 -0.46
N SER A 249 1.53 29.87 0.66
CA SER A 249 1.93 28.47 0.73
C SER A 249 1.28 27.79 1.92
N ASN A 250 1.31 26.45 1.94
CA ASN A 250 0.71 25.70 3.04
C ASN A 250 1.46 25.89 4.35
N LYS A 251 2.80 25.88 4.29
CA LYS A 251 3.63 25.98 5.49
C LYS A 251 4.78 26.96 5.30
N TRP A 252 5.22 27.57 6.39
CA TRP A 252 6.33 28.51 6.34
C TRP A 252 7.62 27.84 5.90
N SER A 253 7.76 26.56 6.26
CA SER A 253 8.97 25.81 5.95
C SER A 253 9.12 25.55 4.45
N GLU A 254 8.06 25.78 3.70
CA GLU A 254 8.09 25.58 2.26
C GLU A 254 8.77 26.77 1.57
N PHE A 255 8.99 27.83 2.32
CA PHE A 255 9.79 28.97 1.85
C PHE A 255 11.24 28.81 2.26
N ARG A 256 12.16 28.98 1.31
CA ARG A 256 13.58 29.00 1.63
C ARG A 256 13.86 30.20 2.52
N THR A 257 14.86 30.08 3.39
CA THR A 257 15.22 31.16 4.30
C THR A 257 15.61 32.42 3.55
N SER A 258 16.14 32.23 2.34
CA SER A 258 16.58 33.35 1.50
C SER A 258 15.43 34.30 1.15
N ILE A 259 14.23 33.76 1.00
CA ILE A 259 13.09 34.57 0.58
C ILE A 259 12.05 34.71 1.68
N ARG A 260 12.02 33.75 2.61
CA ARG A 260 11.05 33.79 3.71
C ARG A 260 11.30 35.00 4.59
N ASP A 261 12.56 35.34 4.80
CA ASP A 261 12.92 36.49 5.62
C ASP A 261 12.64 37.82 4.91
N LEU A 262 12.45 37.76 3.60
CA LEU A 262 12.20 38.96 2.82
C LEU A 262 10.72 39.37 2.86
N LEU A 263 9.87 38.44 3.28
CA LEU A 263 8.44 38.70 3.40
C LEU A 263 8.15 39.53 4.66
N GLY A 264 8.18 40.85 4.52
CA GLY A 264 8.00 41.76 5.63
C GLY A 264 6.67 41.59 6.34
N THR A 265 5.59 41.60 5.57
CA THR A 265 4.26 41.40 6.11
C THR A 265 3.86 39.93 6.05
N LYS A 266 3.68 39.30 7.20
CA LYS A 266 3.29 37.90 7.25
C LYS A 266 1.91 37.71 7.89
N LEU A 267 1.01 37.09 7.14
CA LEU A 267 -0.34 36.80 7.61
C LEU A 267 -0.52 35.29 7.79
N GLU A 268 -0.51 34.84 9.03
CA GLU A 268 -0.54 33.41 9.32
C GLU A 268 -1.92 32.93 9.76
N LEU A 269 -2.48 32.00 9.00
CA LEU A 269 -3.78 31.41 9.32
C LEU A 269 -3.60 30.12 10.11
N ARG A 270 -4.69 29.38 10.30
CA ARG A 270 -4.65 28.13 11.06
C ARG A 270 -3.64 27.16 10.47
N LEU A 271 -2.64 26.80 11.27
CA LEU A 271 -1.55 25.95 10.82
C LEU A 271 -1.67 24.51 11.33
N GLY A 272 -1.41 23.56 10.43
CA GLY A 272 -1.11 22.21 10.84
C GLY A 272 0.35 22.21 11.23
N ASP A 273 0.68 21.56 12.34
CA ASP A 273 2.02 21.64 12.93
C ASP A 273 2.39 23.10 13.21
N PRO A 274 1.83 23.67 14.30
CA PRO A 274 2.05 25.07 14.66
C PRO A 274 3.45 25.33 15.23
N TYR A 275 4.32 24.32 15.20
CA TYR A 275 5.66 24.45 15.77
C TYR A 275 6.57 25.31 14.90
N GLU A 276 6.16 25.51 13.64
CA GLU A 276 6.94 26.32 12.72
C GLU A 276 6.27 27.66 12.45
N SER A 277 5.42 28.08 13.38
CA SER A 277 4.76 29.37 13.30
C SER A 277 5.76 30.50 13.47
N GLU A 278 5.47 31.65 12.87
CA GLU A 278 6.37 32.79 12.91
C GLU A 278 5.99 33.80 13.99
N VAL A 279 4.91 33.51 14.72
CA VAL A 279 4.49 34.38 15.80
C VAL A 279 4.63 33.71 17.17
N ASP A 280 3.90 32.61 17.38
CA ASP A 280 3.98 31.86 18.63
C ASP A 280 3.35 30.48 18.49
N ARG A 281 4.04 29.46 18.99
CA ARG A 281 3.59 28.08 18.86
C ARG A 281 2.29 27.82 19.62
N LYS A 282 2.27 28.19 20.90
CA LYS A 282 1.11 27.90 21.75
C LYS A 282 -0.10 28.75 21.36
N LYS A 283 0.16 29.95 20.85
CA LYS A 283 -0.93 30.82 20.39
C LYS A 283 -1.55 30.31 19.10
N ALA A 284 -0.77 29.54 18.35
CA ALA A 284 -1.22 29.02 17.06
C ALA A 284 -2.03 27.74 17.24
N ALA A 285 -1.78 27.01 18.32
CA ALA A 285 -2.47 25.76 18.60
C ALA A 285 -3.89 26.02 19.10
N ASN A 286 -4.15 27.25 19.54
CA ASN A 286 -5.48 27.63 20.00
C ASN A 286 -6.23 28.43 18.94
N VAL A 287 -5.71 28.43 17.73
CA VAL A 287 -6.38 29.07 16.60
C VAL A 287 -7.56 28.23 16.13
N PRO A 288 -8.74 28.85 16.02
CA PRO A 288 -9.99 28.18 15.62
C PRO A 288 -9.86 27.40 14.32
N GLU A 289 -10.13 26.10 14.38
CA GLU A 289 -10.21 25.27 13.20
C GLU A 289 -11.62 25.36 12.62
N ASN A 290 -11.76 25.06 11.32
CA ASN A 290 -13.05 25.06 10.64
C ASN A 290 -13.75 26.41 10.61
N ARG A 291 -13.03 27.46 11.01
CA ARG A 291 -13.49 28.83 10.81
C ARG A 291 -12.43 29.58 10.00
N PRO A 292 -12.47 29.41 8.67
CA PRO A 292 -11.47 29.99 7.76
C PRO A 292 -11.54 31.52 7.74
N GLY A 293 -10.38 32.16 7.62
CA GLY A 293 -10.30 33.61 7.70
C GLY A 293 -9.63 34.02 8.99
N ARG A 294 -9.82 33.21 10.02
CA ARG A 294 -9.19 33.45 11.32
C ARG A 294 -7.68 33.22 11.23
N GLY A 295 -6.91 34.18 11.75
CA GLY A 295 -5.46 34.08 11.73
C GLY A 295 -4.79 34.91 12.81
N LEU A 296 -3.46 34.84 12.83
CA LEU A 296 -2.66 35.61 13.78
C LEU A 296 -1.71 36.56 13.08
N THR A 297 -1.44 37.70 13.71
CA THR A 297 -0.43 38.63 13.21
C THR A 297 0.91 38.31 13.87
N ARG A 298 1.96 39.00 13.45
CA ARG A 298 3.28 38.78 14.02
C ARG A 298 3.33 39.30 15.46
N ASP A 299 2.40 40.19 15.78
CA ASP A 299 2.30 40.75 17.13
C ASP A 299 1.41 39.89 18.02
N GLY A 300 0.72 38.93 17.41
CA GLY A 300 -0.11 38.01 18.15
C GLY A 300 -1.58 38.40 18.18
N TYR A 301 -1.97 39.39 17.38
CA TYR A 301 -3.35 39.84 17.37
C TYR A 301 -4.24 38.85 16.62
N HIS A 302 -5.49 38.75 17.06
CA HIS A 302 -6.48 37.92 16.35
C HIS A 302 -7.11 38.72 15.23
N PHE A 303 -6.98 38.24 13.99
CA PHE A 303 -7.63 38.90 12.87
C PHE A 303 -8.52 37.95 12.08
N LEU A 304 -9.43 38.53 11.30
CA LEU A 304 -10.35 37.77 10.48
C LEU A 304 -10.41 38.35 9.08
N THR A 305 -10.10 37.52 8.09
CA THR A 305 -10.05 37.95 6.70
C THR A 305 -11.43 38.38 6.19
N ALA A 306 -11.51 39.57 5.61
CA ALA A 306 -12.76 40.07 5.06
C ALA A 306 -13.05 39.45 3.70
N LEU A 307 -14.30 39.49 3.28
CA LEU A 307 -14.69 38.95 1.98
C LEU A 307 -14.53 39.99 0.89
N PRO A 308 -14.00 39.58 -0.27
CA PRO A 308 -13.74 40.46 -1.41
C PRO A 308 -15.02 40.98 -2.08
N ARG A 309 -15.96 41.46 -1.28
CA ARG A 309 -17.23 41.96 -1.80
C ARG A 309 -17.41 43.44 -1.48
N ILE A 310 -18.31 44.10 -2.19
CA ILE A 310 -18.67 45.49 -1.90
C ILE A 310 -20.18 45.67 -1.88
N ASP A 311 -20.90 44.56 -1.82
CA ASP A 311 -22.35 44.58 -1.81
C ASP A 311 -22.92 44.63 -0.39
N GLY A 312 -22.32 43.87 0.52
CA GLY A 312 -22.74 43.87 1.90
C GLY A 312 -23.12 42.50 2.43
N ASP A 313 -23.16 41.53 1.52
CA ASP A 313 -23.52 40.16 1.89
C ASP A 313 -22.38 39.52 2.68
N THR A 314 -22.65 39.22 3.95
CA THR A 314 -21.62 38.68 4.84
C THR A 314 -21.53 37.16 4.75
N SER A 315 -22.38 36.55 3.94
CA SER A 315 -22.36 35.11 3.76
C SER A 315 -21.22 34.69 2.83
N ALA A 316 -20.84 33.42 2.91
CA ALA A 316 -19.70 32.93 2.13
C ALA A 316 -20.11 31.91 1.07
N GLU A 317 -21.35 31.44 1.15
CA GLU A 317 -21.86 30.49 0.17
C GLU A 317 -22.30 31.23 -1.08
N THR A 318 -22.30 32.56 -0.98
CA THR A 318 -22.61 33.43 -2.10
C THR A 318 -21.36 34.19 -2.55
N LEU A 319 -20.21 33.54 -2.40
CA LEU A 319 -18.92 34.18 -2.65
C LEU A 319 -18.57 34.23 -4.13
N THR A 320 -19.00 33.27 -4.91
CA THR A 320 -18.57 33.30 -6.29
C THR A 320 -19.23 34.44 -7.00
N GLU A 321 -20.32 34.91 -6.46
CA GLU A 321 -21.14 35.88 -7.16
C GLU A 321 -20.97 37.24 -6.60
N GLY A 322 -20.36 37.31 -5.44
CA GLY A 322 -20.17 38.58 -4.82
C GLY A 322 -19.12 39.23 -5.62
N ILE A 323 -18.11 38.43 -5.91
CA ILE A 323 -16.93 38.90 -6.56
C ILE A 323 -17.24 39.45 -7.91
N ALA A 324 -18.10 38.78 -8.63
CA ALA A 324 -18.32 39.12 -10.00
C ALA A 324 -18.84 40.50 -10.09
N THR A 325 -19.79 40.83 -9.24
CA THR A 325 -20.41 42.11 -9.27
C THR A 325 -19.42 43.18 -8.96
N THR A 326 -18.54 42.90 -8.02
CA THR A 326 -17.49 43.81 -7.65
C THR A 326 -16.48 44.08 -8.73
N VAL A 327 -16.00 43.03 -9.34
CA VAL A 327 -15.07 43.16 -10.46
C VAL A 327 -15.71 43.93 -11.61
N LYS A 328 -16.98 43.64 -11.86
CA LYS A 328 -17.74 44.33 -12.90
C LYS A 328 -17.82 45.83 -12.62
N THR A 329 -18.11 46.19 -11.37
CA THR A 329 -18.25 47.58 -10.99
C THR A 329 -16.94 48.34 -11.16
N ILE A 330 -15.84 47.71 -10.76
CA ILE A 330 -14.53 48.32 -10.90
C ILE A 330 -14.16 48.49 -12.37
N ARG A 331 -14.52 47.51 -13.20
CA ARG A 331 -14.24 47.56 -14.63
C ARG A 331 -15.07 48.63 -15.32
N GLU A 332 -16.33 48.77 -14.91
CA GLU A 332 -17.24 49.74 -15.55
C GLU A 332 -16.86 51.19 -15.26
N ALA A 333 -16.48 51.46 -14.01
CA ALA A 333 -16.20 52.82 -13.58
C ALA A 333 -14.87 53.34 -14.14
N TRP A 334 -14.05 52.42 -14.64
CA TRP A 334 -12.74 52.78 -15.18
C TRP A 334 -12.74 52.76 -16.72
N HIS A 335 -12.48 53.92 -17.31
CA HIS A 335 -12.49 54.05 -18.76
C HIS A 335 -11.12 54.47 -19.29
N GLY A 336 -10.08 54.14 -18.55
CA GLY A 336 -8.71 54.48 -18.94
C GLY A 336 -7.89 53.25 -19.29
N PRO A 337 -6.56 53.42 -19.35
CA PRO A 337 -5.63 52.32 -19.66
C PRO A 337 -5.71 51.18 -18.64
N THR A 338 -5.62 49.95 -19.12
CA THR A 338 -5.64 48.79 -18.22
C THR A 338 -4.21 48.37 -17.89
N ALA A 339 -4.09 47.28 -17.13
CA ALA A 339 -2.78 46.74 -16.77
C ALA A 339 -2.11 46.11 -17.98
N PRO A 340 -0.83 46.43 -18.18
CA PRO A 340 -0.03 45.86 -19.29
C PRO A 340 0.01 44.34 -19.24
N PRO A 341 -0.23 43.69 -20.39
CA PRO A 341 -0.27 42.22 -20.44
C PRO A 341 1.13 41.61 -20.48
N VAL A 342 1.20 40.31 -20.20
CA VAL A 342 2.46 39.58 -20.30
C VAL A 342 2.71 39.19 -21.75
N ARG A 343 3.76 39.77 -22.34
CA ARG A 343 4.10 39.49 -23.73
C ARG A 343 4.49 38.03 -23.93
N MET A 344 3.66 37.30 -24.66
CA MET A 344 3.90 35.88 -24.90
C MET A 344 4.76 35.65 -26.13
N LEU A 345 5.37 34.47 -26.23
CA LEU A 345 6.06 34.05 -27.44
C LEU A 345 5.03 33.74 -28.52
N PRO A 346 5.19 34.37 -29.70
CA PRO A 346 4.23 34.23 -30.79
C PRO A 346 4.15 32.81 -31.34
N ASN A 347 2.96 32.41 -31.79
CA ASN A 347 2.79 31.13 -32.44
C ASN A 347 3.56 31.12 -33.75
N VAL A 348 3.43 32.20 -34.50
CA VAL A 348 4.16 32.39 -35.74
C VAL A 348 4.90 33.73 -35.71
N LEU A 349 6.23 33.67 -35.72
CA LEU A 349 7.05 34.87 -35.69
C LEU A 349 7.48 35.27 -37.10
N PRO A 350 6.94 36.39 -37.61
CA PRO A 350 7.29 36.88 -38.94
C PRO A 350 8.79 37.17 -39.05
N ALA A 351 9.42 36.62 -40.09
CA ALA A 351 10.84 36.80 -40.30
C ALA A 351 11.17 38.25 -40.65
N ALA A 352 10.15 39.00 -41.05
CA ALA A 352 10.32 40.40 -41.41
C ALA A 352 10.59 41.25 -40.17
N GLN A 353 10.30 40.70 -39.00
CA GLN A 353 10.50 41.42 -37.75
C GLN A 353 11.97 41.45 -37.34
N LEU A 354 12.66 40.35 -37.57
CA LEU A 354 14.08 40.23 -37.24
C LEU A 354 14.91 41.33 -37.91
N PRO A 355 15.98 41.77 -37.24
CA PRO A 355 16.85 42.84 -37.73
C PRO A 355 17.37 42.59 -39.15
N SER A 356 17.32 43.62 -39.99
CA SER A 356 17.83 43.54 -41.35
C SER A 356 19.34 43.41 -41.36
N ALA A 357 19.91 43.14 -42.53
CA ALA A 357 21.35 43.00 -42.67
C ALA A 357 22.07 44.31 -42.40
N ALA A 358 21.35 45.42 -42.55
CA ALA A 358 21.93 46.74 -42.40
C ALA A 358 22.21 47.07 -40.93
N GLU A 359 21.50 46.39 -40.04
CA GLU A 359 21.63 46.69 -38.61
C GLU A 359 22.26 45.54 -37.83
N SER A 360 22.35 44.36 -38.44
CA SER A 360 22.92 43.20 -37.75
C SER A 360 24.34 42.90 -38.21
N GLY A 361 24.62 43.17 -39.48
CA GLY A 361 25.91 42.86 -40.05
C GLY A 361 25.98 41.43 -40.54
N THR A 362 27.13 40.78 -40.36
CA THR A 362 27.27 39.39 -40.74
C THR A 362 26.52 38.47 -39.77
N ARG A 363 26.13 39.01 -38.63
CA ARG A 363 25.32 38.27 -37.66
C ARG A 363 23.94 37.99 -38.24
N ILE A 364 23.49 36.74 -38.11
CA ILE A 364 22.22 36.33 -38.70
C ILE A 364 21.18 35.97 -37.65
N PRO A 365 20.18 36.85 -37.47
CA PRO A 365 19.09 36.60 -36.52
C PRO A 365 18.20 35.46 -36.97
N ILE A 366 17.90 34.54 -36.07
CA ILE A 366 17.06 33.39 -36.39
C ILE A 366 15.80 33.32 -35.54
N GLY A 367 15.69 34.23 -34.57
CA GLY A 367 14.52 34.28 -33.72
C GLY A 367 14.71 35.08 -32.45
N ILE A 368 13.78 34.95 -31.51
CA ILE A 368 13.83 35.66 -30.25
C ILE A 368 13.74 34.68 -29.07
N ASP A 369 14.38 35.03 -27.96
CA ASP A 369 14.41 34.16 -26.78
C ASP A 369 13.28 34.47 -25.80
N GLU A 370 12.93 33.48 -24.98
CA GLU A 370 11.84 33.62 -24.02
C GLU A 370 12.22 34.53 -22.86
N ASP A 371 13.52 34.62 -22.60
CA ASP A 371 14.03 35.33 -21.44
C ASP A 371 13.77 36.83 -21.50
N SER A 372 13.89 37.42 -22.68
CA SER A 372 13.75 38.86 -22.82
C SER A 372 13.15 39.31 -24.15
N LEU A 373 12.70 38.35 -24.95
CA LEU A 373 12.14 38.61 -26.29
C LEU A 373 13.11 39.38 -27.19
N SER A 374 14.40 39.24 -26.91
CA SER A 374 15.43 39.87 -27.72
C SER A 374 15.89 38.92 -28.82
N PRO A 375 16.33 39.48 -29.97
CA PRO A 375 16.81 38.67 -31.09
C PRO A 375 17.94 37.71 -30.72
N VAL A 376 17.98 36.56 -31.40
CA VAL A 376 19.02 35.56 -31.20
C VAL A 376 19.83 35.39 -32.49
N TYR A 377 21.10 35.76 -32.44
CA TYR A 377 21.91 35.82 -33.66
C TYR A 377 22.80 34.57 -33.86
N LEU A 378 23.21 34.36 -35.10
CA LEU A 378 24.22 33.36 -35.43
C LEU A 378 25.43 34.06 -36.05
N ASP A 379 26.63 33.61 -35.69
CA ASP A 379 27.84 34.23 -36.19
C ASP A 379 28.80 33.15 -36.68
N PHE A 380 28.95 33.07 -38.00
CA PHE A 380 29.76 32.02 -38.60
C PHE A 380 31.24 32.41 -38.64
N ASN A 381 31.54 33.64 -38.24
CA ASN A 381 32.91 34.07 -38.10
C ASN A 381 33.45 33.73 -36.71
N THR A 382 32.53 33.33 -35.83
CA THR A 382 32.88 32.94 -34.47
C THR A 382 32.82 31.42 -34.33
N ASP A 383 31.79 30.82 -34.92
CA ASP A 383 31.62 29.37 -34.91
C ASP A 383 31.14 28.88 -36.27
N PRO A 384 31.96 28.05 -36.94
CA PRO A 384 31.74 27.63 -38.34
C PRO A 384 30.47 26.81 -38.59
N HIS A 385 30.10 25.92 -37.70
CA HIS A 385 29.02 24.96 -37.98
C HIS A 385 27.74 25.23 -37.20
N PHE A 386 26.71 24.45 -37.51
CA PHE A 386 25.41 24.58 -36.87
C PHE A 386 24.57 23.32 -37.07
N LEU A 387 23.86 22.90 -36.03
CA LEU A 387 23.17 21.61 -36.05
C LEU A 387 21.75 21.68 -35.46
N VAL A 388 20.79 21.09 -36.15
CA VAL A 388 19.39 21.13 -35.71
C VAL A 388 18.78 19.73 -35.51
N PHE A 389 18.08 19.55 -34.40
CA PHE A 389 17.33 18.33 -34.16
C PHE A 389 15.84 18.66 -34.01
N GLY A 390 14.99 17.85 -34.64
CA GLY A 390 13.55 18.08 -34.58
C GLY A 390 12.73 16.96 -35.17
N ASP A 391 11.52 16.75 -34.65
CA ASP A 391 10.66 15.67 -35.12
C ASP A 391 9.89 16.08 -36.38
N THR A 392 8.86 15.31 -36.73
CA THR A 392 8.11 15.53 -37.94
C THR A 392 7.36 16.87 -37.93
N GLU A 393 7.62 17.68 -38.95
CA GLU A 393 6.92 18.95 -39.16
C GLU A 393 7.02 19.89 -37.96
N CYS A 394 8.24 20.13 -37.50
CA CYS A 394 8.48 21.04 -36.39
C CYS A 394 9.08 22.36 -36.87
N GLY A 395 9.60 22.36 -38.08
CA GLY A 395 10.14 23.57 -38.68
C GLY A 395 11.63 23.51 -38.96
N LYS A 396 12.13 22.33 -39.31
CA LYS A 396 13.55 22.16 -39.62
C LYS A 396 13.90 22.78 -40.97
N SER A 397 13.18 22.37 -42.00
CA SER A 397 13.43 22.85 -43.36
C SER A 397 13.21 24.35 -43.46
N ASN A 398 12.25 24.86 -42.69
CA ASN A 398 11.98 26.30 -42.67
C ASN A 398 13.14 27.08 -42.10
N LEU A 399 13.78 26.53 -41.07
CA LEU A 399 14.92 27.19 -40.44
C LEU A 399 16.11 27.28 -41.38
N LEU A 400 16.32 26.21 -42.15
CA LEU A 400 17.43 26.18 -43.10
C LEU A 400 17.22 27.18 -44.23
N ARG A 401 15.96 27.34 -44.64
CA ARG A 401 15.64 28.33 -45.66
C ARG A 401 15.83 29.74 -45.13
N LEU A 402 15.67 29.90 -43.82
CA LEU A 402 15.84 31.19 -43.17
C LEU A 402 17.32 31.60 -43.14
N ILE A 403 18.15 30.72 -42.59
CA ILE A 403 19.59 30.96 -42.48
C ILE A 403 20.23 31.17 -43.84
N THR A 404 19.86 30.34 -44.81
CA THR A 404 20.39 30.47 -46.17
C THR A 404 20.03 31.82 -46.76
N ALA A 405 18.77 32.22 -46.60
CA ALA A 405 18.31 33.51 -47.09
C ALA A 405 19.03 34.62 -46.35
N GLY A 406 19.40 34.37 -45.10
CA GLY A 406 20.15 35.31 -44.31
C GLY A 406 21.57 35.46 -44.79
N ILE A 407 22.15 34.35 -45.24
CA ILE A 407 23.50 34.36 -45.80
C ILE A 407 23.50 35.09 -47.14
N ILE A 408 22.51 34.78 -47.97
CA ILE A 408 22.35 35.43 -49.28
C ILE A 408 22.21 36.94 -49.11
N GLU A 409 21.44 37.36 -48.11
CA GLU A 409 21.20 38.77 -47.85
C GLU A 409 22.47 39.50 -47.38
N ARG A 410 23.40 38.77 -46.80
CA ARG A 410 24.56 39.36 -46.15
C ARG A 410 25.89 39.13 -46.89
N TYR A 411 25.92 38.14 -47.78
CA TYR A 411 27.13 37.83 -48.51
C TYR A 411 26.94 37.90 -50.02
N THR A 412 27.90 38.51 -50.71
CA THR A 412 27.95 38.47 -52.16
C THR A 412 28.47 37.10 -52.56
N PRO A 413 28.04 36.59 -53.73
CA PRO A 413 28.46 35.26 -54.19
C PRO A 413 29.97 35.08 -54.28
N GLN A 414 30.70 36.20 -54.37
CA GLN A 414 32.16 36.15 -54.40
C GLN A 414 32.73 36.02 -52.99
N GLN A 415 31.88 36.26 -51.99
CA GLN A 415 32.28 36.16 -50.59
C GLN A 415 31.89 34.81 -49.99
N ALA A 416 30.75 34.28 -50.44
CA ALA A 416 30.26 33.01 -49.91
C ALA A 416 29.47 32.25 -50.96
N ARG A 417 29.87 31.00 -51.21
CA ARG A 417 29.18 30.14 -52.14
C ARG A 417 28.39 29.07 -51.39
N LEU A 418 27.28 28.63 -51.97
CA LEU A 418 26.40 27.66 -51.31
C LEU A 418 26.32 26.33 -52.05
N ILE A 419 26.29 25.23 -51.30
CA ILE A 419 26.08 23.91 -51.86
C ILE A 419 25.01 23.18 -51.05
N PHE A 420 23.98 22.67 -51.73
CA PHE A 420 22.85 22.04 -51.05
C PHE A 420 22.80 20.54 -51.24
N ILE A 421 22.71 19.80 -50.14
CA ILE A 421 22.37 18.38 -50.19
C ILE A 421 20.93 18.23 -49.73
N ASP A 422 20.04 18.04 -50.70
CA ASP A 422 18.60 18.12 -50.45
C ASP A 422 17.85 17.00 -51.15
N TYR A 423 17.83 15.82 -50.54
CA TYR A 423 17.19 14.65 -51.13
C TYR A 423 15.68 14.84 -51.28
N SER A 424 15.08 15.56 -50.33
CA SER A 424 13.64 15.75 -50.31
C SER A 424 13.22 16.99 -51.08
N ARG A 425 14.20 17.71 -51.63
CA ARG A 425 13.96 18.91 -52.44
C ARG A 425 13.08 19.93 -51.71
N SER A 426 13.54 20.35 -50.53
CA SER A 426 12.77 21.26 -49.68
C SER A 426 13.35 22.67 -49.66
N LEU A 427 14.52 22.84 -50.26
CA LEU A 427 15.21 24.12 -50.21
C LEU A 427 15.26 24.78 -51.59
N LEU A 428 14.21 24.54 -52.38
CA LEU A 428 14.17 25.03 -53.75
C LEU A 428 14.13 26.54 -53.83
N ASP A 429 13.48 27.17 -52.85
CA ASP A 429 13.24 28.60 -52.90
C ASP A 429 14.53 29.41 -52.74
N VAL A 430 15.51 28.84 -52.06
CA VAL A 430 16.74 29.56 -51.75
C VAL A 430 17.94 29.06 -52.54
N ALA A 431 17.72 28.09 -53.41
CA ALA A 431 18.82 27.46 -54.15
C ALA A 431 18.90 27.96 -55.59
N THR A 432 18.16 29.02 -55.91
CA THR A 432 18.15 29.57 -57.26
C THR A 432 19.09 30.76 -57.39
N THR A 433 19.74 31.10 -56.29
CA THR A 433 20.62 32.26 -56.25
C THR A 433 21.93 32.00 -56.99
N GLU A 434 22.70 33.04 -57.22
CA GLU A 434 23.97 32.92 -57.91
C GLU A 434 25.03 32.28 -57.00
N HIS A 435 24.79 32.34 -55.70
CA HIS A 435 25.69 31.72 -54.73
C HIS A 435 25.77 30.22 -54.95
N GLN A 436 24.65 29.62 -55.32
CA GLN A 436 24.54 28.18 -55.46
C GLN A 436 25.43 27.65 -56.57
N ILE A 437 26.35 26.76 -56.20
CA ILE A 437 27.24 26.11 -57.17
C ILE A 437 27.19 24.60 -57.00
N GLY A 438 26.09 24.10 -56.44
CA GLY A 438 25.89 22.68 -56.27
C GLY A 438 24.55 22.35 -55.64
N TYR A 439 23.87 21.34 -56.19
CA TYR A 439 22.61 20.89 -55.64
C TYR A 439 22.47 19.38 -55.80
N ALA A 440 22.47 18.66 -54.68
CA ALA A 440 22.36 17.21 -54.72
C ALA A 440 21.01 16.72 -54.21
N ALA A 441 20.20 16.18 -55.13
CA ALA A 441 18.89 15.66 -54.77
C ALA A 441 18.91 14.13 -54.73
N SER A 442 20.07 13.56 -55.04
CA SER A 442 20.23 12.11 -55.05
C SER A 442 21.53 11.70 -54.36
N SER A 443 21.59 10.43 -53.94
CA SER A 443 22.77 9.90 -53.26
C SER A 443 23.99 9.95 -54.17
N THR A 444 23.77 9.77 -55.46
CA THR A 444 24.85 9.80 -56.44
C THR A 444 25.39 11.22 -56.61
N ALA A 445 24.48 12.18 -56.72
CA ALA A 445 24.87 13.57 -56.90
C ALA A 445 25.61 14.11 -55.69
N ALA A 446 25.35 13.52 -54.53
CA ALA A 446 26.03 13.93 -53.30
C ALA A 446 27.50 13.52 -53.33
N SER A 447 27.76 12.30 -53.80
CA SER A 447 29.11 11.78 -53.87
C SER A 447 29.94 12.54 -54.90
N SER A 448 29.29 12.97 -55.98
CA SER A 448 29.99 13.70 -57.04
C SER A 448 30.38 15.10 -56.58
N LEU A 449 29.67 15.62 -55.58
CA LEU A 449 29.95 16.95 -55.06
C LEU A 449 31.00 16.93 -53.96
N VAL A 450 30.83 16.03 -53.00
CA VAL A 450 31.75 15.90 -51.87
C VAL A 450 33.18 15.63 -52.36
N ARG A 451 33.30 14.91 -53.46
CA ARG A 451 34.59 14.64 -54.07
C ARG A 451 35.28 15.92 -54.51
N ASP A 452 34.53 16.78 -55.21
CA ASP A 452 35.04 18.07 -55.62
C ASP A 452 35.18 19.02 -54.43
N ILE A 453 34.42 18.75 -53.37
CA ILE A 453 34.50 19.55 -52.15
C ILE A 453 35.75 19.19 -51.35
N LYS A 454 35.96 17.89 -51.15
CA LYS A 454 37.10 17.40 -50.39
C LYS A 454 38.41 17.88 -51.02
N GLY A 455 38.48 17.83 -52.34
CA GLY A 455 39.66 18.27 -53.06
C GLY A 455 39.87 19.77 -52.96
N ALA A 456 38.77 20.52 -53.04
CA ALA A 456 38.84 21.98 -53.02
C ALA A 456 39.23 22.51 -51.65
N MET A 457 38.80 21.81 -50.60
CA MET A 457 39.05 22.27 -49.23
C MET A 457 40.40 21.80 -48.70
N GLU A 458 40.83 20.61 -49.14
CA GLU A 458 42.14 20.09 -48.72
C GLU A 458 43.26 21.00 -49.19
N ALA A 459 43.02 21.70 -50.30
CA ALA A 459 44.00 22.62 -50.85
C ALA A 459 44.20 23.83 -49.96
N ARG A 460 43.21 24.11 -49.12
CA ARG A 460 43.27 25.25 -48.22
C ARG A 460 43.85 24.89 -46.85
N LEU A 461 44.11 23.60 -46.64
CA LEU A 461 44.70 23.14 -45.39
C LEU A 461 46.05 23.83 -45.16
N PRO A 462 46.22 24.41 -43.97
CA PRO A 462 47.40 25.23 -43.65
C PRO A 462 48.71 24.45 -43.70
N PRO A 463 49.72 24.99 -44.41
CA PRO A 463 51.07 24.42 -44.44
C PRO A 463 51.70 24.42 -43.05
N PRO A 464 52.60 23.46 -42.78
CA PRO A 464 53.23 23.27 -41.46
C PRO A 464 53.86 24.53 -40.89
N ASP A 465 54.66 25.22 -41.70
CA ASP A 465 55.36 26.42 -41.24
C ASP A 465 54.53 27.67 -41.53
N LEU A 466 53.91 28.22 -40.49
CA LEU A 466 53.10 29.43 -40.63
C LEU A 466 53.19 30.32 -39.39
N THR A 467 53.38 31.61 -39.61
CA THR A 467 53.32 32.57 -38.52
C THR A 467 51.88 32.63 -38.01
N PRO A 468 51.70 32.87 -36.70
CA PRO A 468 50.37 32.99 -36.10
C PRO A 468 49.51 34.06 -36.77
N GLU A 469 50.15 35.09 -37.31
CA GLU A 469 49.43 36.16 -38.00
C GLU A 469 48.90 35.66 -39.34
N GLN A 470 49.63 34.73 -39.96
CA GLN A 470 49.18 34.12 -41.20
C GLN A 470 48.00 33.18 -40.95
N LEU A 471 48.00 32.55 -39.77
CA LEU A 471 46.90 31.66 -39.39
C LEU A 471 45.67 32.47 -38.98
N ARG A 472 45.92 33.65 -38.42
CA ARG A 472 44.86 34.50 -37.90
C ARG A 472 44.11 35.20 -39.03
N SER A 473 44.84 35.61 -40.05
CA SER A 473 44.28 36.38 -41.16
C SER A 473 43.84 35.48 -42.31
N ARG A 474 44.21 34.20 -42.23
CA ARG A 474 43.98 33.24 -43.31
C ARG A 474 44.56 33.79 -44.61
N SER A 475 45.88 33.92 -44.65
CA SER A 475 46.56 34.61 -45.74
C SER A 475 46.90 33.73 -46.93
N TRP A 476 47.32 32.49 -46.65
CA TRP A 476 47.89 31.63 -47.67
C TRP A 476 46.89 31.20 -48.75
N TRP A 477 45.61 31.49 -48.53
CA TRP A 477 44.59 31.21 -49.55
C TRP A 477 43.60 32.37 -49.67
N THR A 478 43.24 32.69 -50.90
CA THR A 478 42.24 33.71 -51.18
C THR A 478 41.07 33.10 -51.92
N GLY A 479 39.86 33.48 -51.53
CA GLY A 479 38.67 32.94 -52.14
C GLY A 479 37.43 33.16 -51.29
N ALA A 480 36.36 32.44 -51.59
CA ALA A 480 35.10 32.59 -50.89
C ALA A 480 34.90 31.51 -49.83
N GLU A 481 33.97 31.77 -48.92
CA GLU A 481 33.61 30.79 -47.90
C GLU A 481 32.66 29.76 -48.49
N LEU A 482 32.71 28.54 -47.99
CA LEU A 482 31.85 27.47 -48.51
C LEU A 482 30.82 27.01 -47.48
N PHE A 483 29.56 27.28 -47.77
CA PHE A 483 28.45 26.86 -46.90
C PHE A 483 27.78 25.61 -47.43
N LEU A 484 27.95 24.51 -46.72
CA LEU A 484 27.31 23.25 -47.09
C LEU A 484 26.04 23.05 -46.26
N VAL A 485 24.89 23.20 -46.91
CA VAL A 485 23.61 23.06 -46.23
C VAL A 485 23.01 21.68 -46.46
N VAL A 486 22.79 20.94 -45.38
CA VAL A 486 22.25 19.59 -45.47
C VAL A 486 20.93 19.45 -44.70
N ASP A 487 19.87 19.14 -45.42
CA ASP A 487 18.57 18.90 -44.79
C ASP A 487 18.29 17.41 -44.75
N ASP A 488 17.58 16.97 -43.71
CA ASP A 488 17.25 15.57 -43.49
C ASP A 488 18.50 14.69 -43.56
N TYR A 489 19.46 15.01 -42.70
CA TYR A 489 20.72 14.27 -42.61
C TYR A 489 20.48 12.79 -42.27
N GLU A 490 19.31 12.52 -41.71
CA GLU A 490 18.89 11.18 -41.31
C GLU A 490 18.93 10.19 -42.47
N MET A 491 18.70 10.68 -43.69
CA MET A 491 18.59 9.81 -44.86
C MET A 491 19.79 9.95 -45.79
N VAL A 492 20.72 10.84 -45.44
CA VAL A 492 21.98 10.92 -46.17
C VAL A 492 23.06 10.18 -45.38
N ALA A 493 22.72 9.83 -44.15
CA ALA A 493 23.65 9.13 -43.26
C ALA A 493 23.35 7.64 -43.24
N THR A 494 23.43 7.00 -44.40
CA THR A 494 23.26 5.57 -44.51
C THR A 494 24.55 4.87 -44.11
N SER A 495 24.70 3.62 -44.53
CA SER A 495 25.93 2.87 -44.29
C SER A 495 27.08 3.55 -45.02
N ASP A 496 26.83 3.94 -46.27
CA ASP A 496 27.83 4.63 -47.08
C ASP A 496 27.53 6.13 -47.16
N ASN A 497 27.59 6.79 -46.01
CA ASN A 497 27.38 8.23 -45.94
C ASN A 497 28.35 8.99 -46.85
N PRO A 498 27.81 9.64 -47.89
CA PRO A 498 28.64 10.35 -48.87
C PRO A 498 29.34 11.57 -48.27
N LEU A 499 28.93 11.99 -47.09
CA LEU A 499 29.52 13.17 -46.45
C LEU A 499 30.66 12.80 -45.51
N ARG A 500 30.78 11.51 -45.21
CA ARG A 500 31.84 11.01 -44.32
C ARG A 500 33.27 11.39 -44.75
N PRO A 501 33.56 11.43 -46.07
CA PRO A 501 34.91 11.90 -46.44
C PRO A 501 35.25 13.32 -46.01
N LEU A 502 34.28 14.07 -45.47
CA LEU A 502 34.54 15.42 -45.01
C LEU A 502 34.79 15.48 -43.51
N ALA A 503 34.52 14.37 -42.83
CA ALA A 503 34.58 14.32 -41.37
C ALA A 503 35.97 14.65 -40.85
N GLU A 504 37.00 14.22 -41.56
CA GLU A 504 38.38 14.34 -41.08
C GLU A 504 38.89 15.78 -41.17
N LEU A 505 38.22 16.63 -41.94
CA LEU A 505 38.65 18.02 -42.06
C LEU A 505 37.65 19.00 -41.47
N LEU A 506 36.58 18.48 -40.87
CA LEU A 506 35.60 19.31 -40.18
C LEU A 506 36.17 20.13 -39.01
N PRO A 507 37.04 19.55 -38.18
CA PRO A 507 37.60 20.40 -37.12
C PRO A 507 38.64 21.41 -37.62
N GLN A 508 38.96 21.35 -38.90
CA GLN A 508 39.92 22.30 -39.49
C GLN A 508 39.20 23.43 -40.21
N ALA A 509 37.90 23.54 -39.96
CA ALA A 509 37.03 24.47 -40.70
C ALA A 509 37.41 25.94 -40.56
N ARG A 510 37.90 26.33 -39.38
CA ARG A 510 38.20 27.73 -39.11
C ARG A 510 39.34 28.26 -39.99
N ASP A 511 40.22 27.36 -40.41
CA ASP A 511 41.39 27.75 -41.20
C ASP A 511 41.13 27.69 -42.70
N ILE A 512 40.12 26.93 -43.11
CA ILE A 512 39.85 26.71 -44.53
C ILE A 512 38.56 27.39 -45.00
N GLY A 513 37.75 27.86 -44.05
CA GLY A 513 36.52 28.55 -44.40
C GLY A 513 35.39 27.64 -44.82
N LEU A 514 35.23 26.53 -44.11
CA LEU A 514 34.16 25.58 -44.38
C LEU A 514 33.04 25.75 -43.38
N HIS A 515 31.80 25.55 -43.82
CA HIS A 515 30.64 25.65 -42.95
C HIS A 515 29.63 24.57 -43.22
N LEU A 516 29.34 23.75 -42.19
CA LEU A 516 28.31 22.74 -42.30
C LEU A 516 27.07 23.15 -41.50
N ILE A 517 25.94 23.26 -42.20
CA ILE A 517 24.68 23.56 -41.55
C ILE A 517 23.74 22.36 -41.74
N ILE A 518 23.51 21.63 -40.65
CA ILE A 518 22.86 20.33 -40.75
C ILE A 518 21.58 20.24 -39.91
N ALA A 519 20.55 19.61 -40.47
CA ALA A 519 19.32 19.32 -39.76
C ALA A 519 19.01 17.82 -39.77
N ARG A 520 18.54 17.29 -38.65
CA ARG A 520 18.24 15.87 -38.53
C ARG A 520 16.96 15.64 -37.73
N SER A 521 16.34 14.48 -37.93
CA SER A 521 15.15 14.12 -37.15
C SER A 521 15.54 13.56 -35.79
N MET A 522 14.55 13.22 -34.98
CA MET A 522 14.79 12.67 -33.67
C MET A 522 14.92 11.14 -33.72
N GLY A 523 14.42 10.55 -34.79
CA GLY A 523 14.48 9.11 -34.98
C GLY A 523 15.90 8.57 -34.96
N GLY A 524 16.29 8.00 -33.82
CA GLY A 524 17.61 7.44 -33.66
C GLY A 524 18.69 8.50 -33.60
N ALA A 525 18.30 9.68 -33.14
CA ALA A 525 19.23 10.80 -33.02
C ALA A 525 20.25 10.56 -31.92
N GLY A 526 19.86 9.78 -30.92
CA GLY A 526 20.72 9.48 -29.79
C GLY A 526 21.94 8.69 -30.21
N ARG A 527 21.72 7.64 -30.99
CA ARG A 527 22.82 6.81 -31.49
C ARG A 527 23.47 7.44 -32.70
N ALA A 528 22.95 8.59 -33.12
CA ALA A 528 23.50 9.32 -34.26
C ALA A 528 24.48 10.39 -33.80
N LEU A 529 24.81 10.38 -32.51
CA LEU A 529 25.78 11.33 -31.98
C LEU A 529 27.19 10.76 -32.02
N TYR A 530 27.31 9.51 -32.44
CA TYR A 530 28.59 8.83 -32.44
C TYR A 530 29.11 8.58 -33.86
N GLU A 531 28.24 8.80 -34.84
CA GLU A 531 28.66 8.69 -36.24
C GLU A 531 29.62 9.84 -36.57
N PRO A 532 30.66 9.54 -37.38
CA PRO A 532 31.83 10.39 -37.66
C PRO A 532 31.58 11.90 -37.72
N ILE A 533 30.50 12.33 -38.35
CA ILE A 533 30.28 13.76 -38.59
C ILE A 533 29.67 14.49 -37.39
N ILE A 534 28.48 14.05 -36.96
CA ILE A 534 27.81 14.68 -35.83
C ILE A 534 28.67 14.58 -34.57
N GLN A 535 29.43 13.49 -34.46
CA GLN A 535 30.37 13.31 -33.36
C GLN A 535 31.35 14.48 -33.28
N ARG A 536 31.91 14.85 -34.42
CA ARG A 536 32.94 15.88 -34.46
C ARG A 536 32.34 17.29 -34.44
N ILE A 537 31.13 17.43 -34.97
CA ILE A 537 30.44 18.72 -34.94
C ILE A 537 30.04 19.07 -33.51
N LYS A 538 29.53 18.07 -32.79
CA LYS A 538 29.14 18.27 -31.40
C LYS A 538 30.37 18.44 -30.51
N GLU A 539 31.47 17.82 -30.91
CA GLU A 539 32.72 17.90 -30.16
C GLU A 539 33.32 19.31 -30.21
N MET A 540 33.05 20.02 -31.29
CA MET A 540 33.56 21.38 -31.46
C MET A 540 32.75 22.40 -30.68
N ALA A 541 31.80 21.91 -29.89
CA ALA A 541 30.87 22.77 -29.15
C ALA A 541 30.13 23.71 -30.11
N SER A 542 29.73 23.19 -31.26
CA SER A 542 29.00 23.97 -32.25
C SER A 542 27.62 24.35 -31.76
N PRO A 543 27.15 25.56 -32.13
CA PRO A 543 25.81 26.02 -31.79
C PRO A 543 24.72 25.15 -32.41
N GLY A 544 23.54 25.13 -31.78
CA GLY A 544 22.43 24.34 -32.29
C GLY A 544 21.22 24.42 -31.38
N LEU A 545 20.08 23.90 -31.84
CA LEU A 545 18.89 23.84 -31.01
C LEU A 545 18.14 22.54 -31.20
N VAL A 546 17.37 22.15 -30.17
CA VAL A 546 16.57 20.95 -30.21
C VAL A 546 15.07 21.30 -30.21
N MET A 547 14.32 20.67 -31.10
CA MET A 547 12.90 21.02 -31.27
C MET A 547 11.98 19.80 -31.14
N SER A 548 10.98 19.93 -30.26
CA SER A 548 9.87 18.96 -30.16
C SER A 548 10.26 17.48 -30.27
N GLY A 549 11.32 17.09 -29.58
CA GLY A 549 11.76 15.70 -29.61
C GLY A 549 11.14 14.89 -28.50
N ASN A 550 11.31 13.57 -28.55
CA ASN A 550 10.83 12.72 -27.47
C ASN A 550 11.95 12.49 -26.44
N LYS A 551 11.59 12.49 -25.16
CA LYS A 551 12.58 12.39 -24.10
C LYS A 551 13.23 11.01 -24.06
N ASP A 552 12.74 10.10 -24.88
CA ASP A 552 13.30 8.77 -24.98
C ASP A 552 14.67 8.81 -25.64
N GLU A 553 14.96 9.91 -26.33
CA GLU A 553 16.18 10.03 -27.12
C GLU A 553 17.35 10.52 -26.28
N GLY A 554 17.06 10.96 -25.06
CA GLY A 554 18.09 11.47 -24.17
C GLY A 554 18.64 12.81 -24.62
N ILE A 555 19.62 13.33 -23.88
CA ILE A 555 20.20 14.63 -24.21
C ILE A 555 20.99 14.54 -25.52
N LEU A 556 20.91 15.60 -26.32
CA LEU A 556 21.61 15.64 -27.60
C LEU A 556 22.62 16.77 -27.63
N LEU A 557 22.16 17.97 -27.26
CA LEU A 557 23.02 19.14 -27.20
C LEU A 557 22.91 19.82 -25.85
N GLY A 558 24.04 19.94 -25.15
CA GLY A 558 24.07 20.62 -23.87
C GLY A 558 23.39 19.86 -22.75
N ASN A 559 22.45 20.52 -22.07
CA ASN A 559 21.84 19.97 -20.86
C ASN A 559 20.34 19.71 -21.00
N VAL A 560 19.82 19.85 -22.21
CA VAL A 560 18.37 19.75 -22.41
C VAL A 560 17.93 18.37 -22.90
N LYS A 561 17.00 17.76 -22.16
CA LYS A 561 16.37 16.54 -22.60
C LYS A 561 15.07 16.90 -23.32
N PRO A 562 14.98 16.54 -24.61
CA PRO A 562 13.90 16.93 -25.53
C PRO A 562 12.50 16.58 -25.03
N HIS A 563 11.55 17.47 -25.28
CA HIS A 563 10.13 17.20 -25.03
C HIS A 563 9.30 17.94 -26.08
N LYS A 564 8.04 17.56 -26.21
CA LYS A 564 7.16 18.14 -27.23
C LYS A 564 7.08 19.66 -27.16
N LEU A 565 7.51 20.30 -28.24
CA LEU A 565 7.48 21.76 -28.36
C LEU A 565 6.61 22.19 -29.53
N PRO A 566 6.07 23.41 -29.48
CA PRO A 566 5.29 23.97 -30.60
C PRO A 566 6.12 24.13 -31.86
N GLN A 567 5.45 24.40 -32.98
CA GLN A 567 6.14 24.59 -34.25
C GLN A 567 7.02 25.83 -34.23
N GLY A 568 8.31 25.63 -34.52
CA GLY A 568 9.25 26.73 -34.62
C GLY A 568 10.02 27.00 -33.34
N ARG A 569 9.61 26.34 -32.26
CA ARG A 569 10.24 26.56 -30.95
C ARG A 569 11.29 25.50 -30.67
N GLY A 570 12.38 25.91 -30.02
CA GLY A 570 13.45 25.01 -29.67
C GLY A 570 14.41 25.57 -28.63
N TYR A 571 15.15 24.69 -27.97
CA TYR A 571 16.12 25.09 -26.97
C TYR A 571 17.46 25.41 -27.62
N PHE A 572 17.75 26.71 -27.77
CA PHE A 572 18.97 27.17 -28.42
C PHE A 572 20.20 26.96 -27.54
N VAL A 573 20.93 25.89 -27.81
CA VAL A 573 22.12 25.55 -27.02
C VAL A 573 23.38 26.21 -27.57
N GLU A 574 24.00 27.05 -26.74
CA GLU A 574 25.26 27.67 -27.07
C GLU A 574 26.12 27.75 -25.82
N ARG A 575 27.30 27.13 -25.87
CA ARG A 575 28.12 26.98 -24.68
C ARG A 575 28.86 28.26 -24.29
N ARG A 576 28.45 29.39 -24.86
CA ARG A 576 28.88 30.69 -24.38
C ARG A 576 27.78 31.30 -23.52
N SER A 577 26.54 31.16 -23.99
CA SER A 577 25.39 31.76 -23.33
C SER A 577 24.44 30.71 -22.75
N GLY A 578 24.94 29.49 -22.58
CA GLY A 578 24.14 28.40 -22.03
C GLY A 578 22.97 28.01 -22.90
N THR A 579 21.95 27.42 -22.29
CA THR A 579 20.76 26.98 -23.02
C THR A 579 19.61 27.95 -22.84
N ARG A 580 19.01 28.38 -23.95
CA ARG A 580 17.89 29.32 -23.91
C ARG A 580 16.75 28.86 -24.82
N LEU A 581 15.53 28.97 -24.32
CA LEU A 581 14.36 28.64 -25.13
C LEU A 581 14.04 29.80 -26.06
N ILE A 582 14.08 29.54 -27.37
CA ILE A 582 13.81 30.57 -28.36
C ILE A 582 12.70 30.16 -29.33
N GLN A 583 12.18 31.15 -30.04
CA GLN A 583 11.18 30.91 -31.09
C GLN A 583 11.71 31.39 -32.44
N THR A 584 11.91 30.46 -33.36
CA THR A 584 12.46 30.79 -34.67
C THR A 584 11.42 31.41 -35.59
N ALA A 585 11.89 32.15 -36.59
CA ALA A 585 11.01 32.90 -37.47
C ALA A 585 10.45 32.05 -38.61
N TYR A 586 9.42 32.57 -39.27
CA TYR A 586 8.78 31.87 -40.38
C TYR A 586 8.95 32.64 -41.69
N ARG A 587 9.54 31.99 -42.68
CA ARG A 587 9.73 32.61 -43.99
C ARG A 587 8.64 32.15 -44.95
N GLU A 588 7.96 33.10 -45.58
CA GLU A 588 6.86 32.78 -46.49
C GLU A 588 7.36 32.12 -47.78
N SER A 589 6.67 31.06 -48.18
CA SER A 589 6.99 30.31 -49.39
C SER A 589 8.43 29.81 -49.40
N LEU B 37 1.15 60.39 11.16
CA LEU B 37 0.82 61.75 11.57
C LEU B 37 -0.18 61.80 12.74
N PRO B 38 0.23 61.34 13.92
CA PRO B 38 -0.68 61.29 15.07
C PRO B 38 -0.53 62.47 16.02
N PRO B 39 -1.62 62.84 16.71
CA PRO B 39 -1.57 63.88 17.74
C PRO B 39 -1.21 63.31 19.12
N LEU B 40 0.00 62.77 19.26
CA LEU B 40 0.42 62.20 20.55
C LEU B 40 1.16 63.24 21.39
N ASP B 41 0.54 63.58 22.51
CA ASP B 41 0.85 64.77 23.27
C ASP B 41 1.56 64.48 24.58
N VAL B 42 0.85 63.99 25.57
CA VAL B 42 1.44 63.77 26.88
C VAL B 42 1.40 62.34 27.27
N PRO B 43 2.57 61.84 27.86
CA PRO B 43 2.59 60.40 28.01
C PRO B 43 1.57 59.92 28.98
N PRO B 44 1.19 58.67 28.88
CA PRO B 44 0.26 58.06 29.84
C PRO B 44 1.00 57.58 31.09
N THR B 45 0.27 57.35 32.17
CA THR B 45 0.85 56.75 33.36
C THR B 45 0.46 55.29 33.41
N LEU B 46 1.24 54.49 34.14
CA LEU B 46 1.00 53.06 34.21
C LEU B 46 -0.36 52.71 34.82
N ASP B 47 -0.92 53.62 35.60
CA ASP B 47 -2.24 53.38 36.19
C ASP B 47 -3.33 53.52 35.14
N GLU B 48 -3.08 54.32 34.12
CA GLU B 48 -4.04 54.52 33.04
C GLU B 48 -4.13 53.27 32.17
N LEU B 49 -2.99 52.62 31.95
CA LEU B 49 -2.92 51.46 31.07
C LEU B 49 -3.35 50.19 31.77
N LEU B 50 -2.78 49.95 32.95
CA LEU B 50 -3.12 48.78 33.75
C LEU B 50 -4.54 48.84 34.30
N PRO B 51 -5.13 47.68 34.62
CA PRO B 51 -6.42 47.61 35.30
C PRO B 51 -6.33 48.24 36.70
N PRO B 52 -7.48 48.50 37.34
CA PRO B 52 -7.45 49.08 38.70
C PRO B 52 -6.61 48.24 39.66
N LEU B 53 -5.70 48.89 40.37
CA LEU B 53 -4.80 48.22 41.29
C LEU B 53 -5.26 48.30 42.73
N SER B 54 -4.89 47.31 43.53
CA SER B 54 -5.31 47.24 44.93
C SER B 54 -4.37 46.34 45.73
N PRO B 55 -4.22 46.63 47.04
CA PRO B 55 -3.40 45.76 47.90
C PRO B 55 -4.07 44.41 48.11
N SER B 56 -3.27 43.38 48.37
CA SER B 56 -3.80 42.03 48.54
C SER B 56 -2.90 41.19 49.43
N ALA B 57 -3.48 40.13 50.00
CA ALA B 57 -2.74 39.20 50.83
C ALA B 57 -2.86 37.78 50.29
N ALA B 58 -1.78 37.26 49.71
CA ALA B 58 -0.51 37.99 49.62
C ALA B 58 0.06 37.96 48.21
N HIS B 59 -0.28 38.98 47.42
CA HIS B 59 0.29 39.17 46.10
C HIS B 59 0.85 40.57 45.93
N GLY B 60 0.95 41.29 47.05
CA GLY B 60 1.44 42.65 47.03
C GLY B 60 0.47 43.60 46.35
N TYR B 61 0.94 44.81 46.06
CA TYR B 61 0.12 45.79 45.36
C TYR B 61 0.08 45.45 43.87
N THR B 62 -1.04 44.90 43.43
CA THR B 62 -1.17 44.45 42.05
C THR B 62 -2.64 44.40 41.61
N ALA B 63 -2.87 43.94 40.39
CA ALA B 63 -4.21 43.71 39.91
C ALA B 63 -4.59 42.27 40.21
N ASP B 64 -4.94 41.99 41.46
CA ASP B 64 -5.24 40.64 41.89
C ASP B 64 -6.50 40.10 41.22
N GLY B 65 -6.45 38.82 40.83
CA GLY B 65 -7.59 38.17 40.22
C GLY B 65 -7.62 38.35 38.72
N TRP B 66 -6.72 39.18 38.22
CA TRP B 66 -6.63 39.46 36.79
C TRP B 66 -6.06 38.26 36.05
N GLU B 67 -6.65 37.92 34.92
CA GLU B 67 -6.28 36.70 34.21
C GLU B 67 -4.91 36.79 33.56
N TRP B 68 -4.37 37.99 33.45
CA TRP B 68 -3.02 38.15 32.93
C TRP B 68 -2.07 38.70 33.99
N ARG B 69 -2.45 38.53 35.26
CA ARG B 69 -1.58 38.89 36.36
C ARG B 69 -0.57 37.77 36.60
N GLY B 70 0.70 38.05 36.32
CA GLY B 70 1.75 37.07 36.53
C GLY B 70 1.92 36.12 35.37
N ARG B 71 1.56 36.56 34.18
CA ARG B 71 1.75 35.76 32.97
C ARG B 71 2.81 36.39 32.07
N LEU B 72 3.70 37.15 32.69
CA LEU B 72 4.86 37.75 32.03
C LEU B 72 4.50 38.68 30.86
N HIS B 73 3.34 39.31 30.94
CA HIS B 73 2.99 40.37 29.99
C HIS B 73 3.22 41.71 30.65
N ALA B 74 3.42 42.75 29.84
CA ALA B 74 3.68 44.09 30.36
C ALA B 74 3.27 45.16 29.36
N VAL B 75 2.79 46.29 29.87
CA VAL B 75 2.41 47.42 29.02
C VAL B 75 3.37 48.58 29.26
N VAL B 76 3.82 49.20 28.17
CA VAL B 76 4.85 50.22 28.26
C VAL B 76 4.44 51.56 27.65
N GLY B 77 3.26 51.61 27.04
CA GLY B 77 2.79 52.88 26.47
C GLY B 77 1.53 52.79 25.63
N LEU B 78 1.31 53.82 24.82
CA LEU B 78 0.15 53.88 23.94
C LEU B 78 0.56 53.96 22.47
N VAL B 79 -0.10 53.17 21.63
CA VAL B 79 0.11 53.26 20.19
C VAL B 79 -1.01 54.06 19.55
N ASP B 80 -0.70 54.79 18.48
CA ASP B 80 -1.68 55.63 17.83
C ASP B 80 -1.83 55.26 16.35
N ARG B 81 -2.62 54.23 16.08
CA ARG B 81 -2.93 53.86 14.71
C ARG B 81 -4.05 54.75 14.19
N PRO B 82 -3.90 55.25 12.95
CA PRO B 82 -4.81 56.24 12.36
C PRO B 82 -6.26 55.80 12.30
N PHE B 83 -6.52 54.50 12.25
CA PHE B 83 -7.87 54.01 12.05
C PHE B 83 -8.43 53.22 13.23
N ASP B 84 -7.71 53.22 14.34
CA ASP B 84 -8.26 52.67 15.58
C ASP B 84 -9.26 53.67 16.16
N GLN B 85 -10.38 53.15 16.66
CA GLN B 85 -11.40 53.99 17.27
C GLN B 85 -10.80 54.81 18.40
N ARG B 86 -9.99 54.14 19.23
CA ARG B 86 -9.24 54.81 20.29
C ARG B 86 -7.87 54.18 20.42
N ARG B 87 -6.94 54.91 21.02
CA ARG B 87 -5.57 54.45 21.21
C ARG B 87 -5.50 53.15 21.98
N ASP B 88 -4.70 52.21 21.49
CA ASP B 88 -4.54 50.91 22.14
C ASP B 88 -3.27 50.89 23.00
N PRO B 89 -3.34 50.19 24.15
CA PRO B 89 -2.16 50.06 25.02
C PRO B 89 -1.09 49.15 24.40
N TYR B 90 0.17 49.54 24.53
CA TYR B 90 1.28 48.77 23.95
C TYR B 90 1.70 47.65 24.88
N TRP B 91 1.18 46.45 24.64
CA TRP B 91 1.51 45.29 25.46
C TRP B 91 2.65 44.47 24.89
N LEU B 92 3.44 43.86 25.77
CA LEU B 92 4.56 43.04 25.37
C LEU B 92 4.46 41.62 25.94
N ASP B 93 4.55 40.62 25.08
CA ASP B 93 4.48 39.22 25.51
C ASP B 93 5.87 38.62 25.66
N LEU B 94 6.28 38.39 26.90
CA LEU B 94 7.59 37.83 27.18
C LEU B 94 7.47 36.44 27.80
N SER B 95 6.33 35.80 27.59
CA SER B 95 6.05 34.51 28.21
C SER B 95 6.89 33.39 27.60
N GLY B 96 6.89 33.30 26.28
CA GLY B 96 7.67 32.29 25.58
C GLY B 96 8.87 32.89 24.89
N GLY B 97 8.94 32.72 23.57
CA GLY B 97 9.99 33.31 22.77
C GLY B 97 9.91 34.83 22.78
N ALA B 98 10.90 35.47 22.19
CA ALA B 98 10.99 36.93 22.19
C ALA B 98 10.92 37.47 23.62
N GLY B 99 11.61 36.79 24.53
CA GLY B 99 11.61 37.16 25.93
C GLY B 99 12.73 38.13 26.27
N HIS B 100 13.69 38.25 25.35
CA HIS B 100 14.75 39.24 25.51
C HIS B 100 14.28 40.58 24.96
N VAL B 101 14.74 41.67 25.58
CA VAL B 101 14.30 43.00 25.18
C VAL B 101 15.47 43.91 24.81
N GLY B 102 15.41 44.48 23.61
CA GLY B 102 16.41 45.43 23.16
C GLY B 102 15.81 46.81 22.95
N VAL B 103 16.48 47.82 23.47
CA VAL B 103 16.02 49.20 23.35
C VAL B 103 17.08 50.08 22.69
N ALA B 104 16.68 50.83 21.67
CA ALA B 104 17.60 51.72 20.98
C ALA B 104 17.04 53.13 20.84
N GLY B 105 17.93 54.11 20.72
CA GLY B 105 17.55 55.50 20.60
C GLY B 105 18.71 56.42 20.92
N GLY B 106 18.71 57.61 20.32
CA GLY B 106 19.80 58.56 20.52
C GLY B 106 19.86 59.12 21.93
N PRO B 107 20.77 60.07 22.16
CA PRO B 107 20.92 60.72 23.46
C PRO B 107 19.65 61.48 23.87
N GLN B 108 19.24 61.33 25.12
CA GLN B 108 18.05 61.99 25.65
C GLN B 108 16.82 61.69 24.80
N THR B 109 16.52 60.41 24.62
CA THR B 109 15.40 59.99 23.77
C THR B 109 14.34 59.25 24.58
N GLY B 110 14.76 58.50 25.58
CA GLY B 110 13.82 57.80 26.44
C GLY B 110 14.23 56.39 26.75
N LYS B 111 15.52 56.08 26.60
CA LYS B 111 16.03 54.74 26.86
C LYS B 111 15.90 54.39 28.34
N SER B 112 16.55 55.18 29.19
CA SER B 112 16.60 54.90 30.63
C SER B 112 15.22 54.84 31.25
N THR B 113 14.32 55.71 30.79
CA THR B 113 12.97 55.78 31.35
C THR B 113 12.11 54.62 30.84
N MET B 114 12.43 54.09 29.67
CA MET B 114 11.70 52.93 29.14
C MET B 114 12.02 51.70 29.97
N LEU B 115 13.29 51.58 30.36
CA LEU B 115 13.71 50.51 31.26
C LEU B 115 12.94 50.61 32.58
N ARG B 116 12.81 51.83 33.08
CA ARG B 116 12.13 52.06 34.35
C ARG B 116 10.64 51.73 34.26
N THR B 117 10.03 51.99 33.10
CA THR B 117 8.63 51.65 32.89
C THR B 117 8.44 50.15 32.74
N LEU B 118 9.37 49.53 32.03
CA LEU B 118 9.31 48.08 31.80
C LEU B 118 9.41 47.31 33.11
N ILE B 119 10.34 47.72 33.97
CA ILE B 119 10.54 47.06 35.25
C ILE B 119 9.35 47.28 36.18
N THR B 120 8.90 48.53 36.26
CA THR B 120 7.77 48.87 37.12
C THR B 120 6.51 48.14 36.70
N SER B 121 6.23 48.15 35.39
CA SER B 121 5.06 47.48 34.85
C SER B 121 5.07 45.98 35.17
N LEU B 122 6.26 45.39 35.10
CA LEU B 122 6.42 43.98 35.45
C LEU B 122 6.23 43.76 36.95
N ALA B 123 6.71 44.71 37.74
CA ALA B 123 6.64 44.61 39.20
C ALA B 123 5.24 44.88 39.72
N LEU B 124 4.39 45.46 38.87
CA LEU B 124 3.01 45.74 39.24
C LEU B 124 2.07 44.59 38.88
N LEU B 125 2.57 43.66 38.07
CA LEU B 125 1.76 42.51 37.67
C LEU B 125 2.37 41.19 38.14
N HIS B 126 3.42 41.29 38.94
CA HIS B 126 4.09 40.09 39.46
C HIS B 126 4.49 40.25 40.92
N THR B 127 4.70 39.14 41.61
CA THR B 127 5.24 39.17 42.95
C THR B 127 6.76 39.10 42.87
N PRO B 128 7.46 39.57 43.91
CA PRO B 128 8.92 39.49 43.93
C PRO B 128 9.45 38.05 43.88
N GLN B 129 8.57 37.06 44.03
CA GLN B 129 8.96 35.66 43.92
C GLN B 129 8.87 35.17 42.47
N GLU B 130 8.09 35.89 41.67
CA GLU B 130 7.87 35.50 40.27
C GLU B 130 8.89 36.12 39.33
N VAL B 131 9.34 37.34 39.63
CA VAL B 131 10.34 38.01 38.80
C VAL B 131 11.45 38.63 39.66
N GLN B 132 12.66 38.68 39.11
CA GLN B 132 13.78 39.33 39.77
C GLN B 132 14.56 40.17 38.77
N PHE B 133 15.07 41.31 39.21
CA PHE B 133 15.81 42.20 38.33
C PHE B 133 17.22 42.48 38.87
N TYR B 134 18.19 42.51 37.98
CA TYR B 134 19.57 42.84 38.34
C TYR B 134 20.13 43.79 37.30
N CYS B 135 20.39 45.02 37.72
CA CYS B 135 20.65 46.10 36.77
C CYS B 135 22.12 46.52 36.68
N LEU B 136 22.51 46.95 35.49
CA LEU B 136 23.83 47.50 35.23
C LEU B 136 23.66 48.87 34.55
N ASP B 137 23.49 49.91 35.35
CA ASP B 137 23.19 51.23 34.81
C ASP B 137 24.43 51.94 34.27
N PHE B 138 24.36 52.34 33.01
CA PHE B 138 25.43 53.09 32.37
C PHE B 138 24.87 54.26 31.58
N GLY B 139 23.58 54.53 31.74
CA GLY B 139 22.91 55.55 30.95
C GLY B 139 22.20 56.63 31.76
N GLY B 140 22.79 57.02 32.89
CA GLY B 140 22.24 58.10 33.69
C GLY B 140 22.22 57.82 35.18
N GLY B 141 22.34 56.55 35.55
CA GLY B 141 22.33 56.17 36.96
C GLY B 141 20.94 56.22 37.55
N THR B 142 19.93 56.35 36.70
CA THR B 142 18.55 56.50 37.14
C THR B 142 17.93 55.19 37.62
N LEU B 143 18.62 54.08 37.40
CA LEU B 143 18.13 52.78 37.82
C LEU B 143 18.30 52.58 39.32
N ALA B 144 19.09 53.45 39.94
CA ALA B 144 19.33 53.36 41.38
C ALA B 144 18.07 53.73 42.16
N GLY B 145 17.13 54.39 41.48
CA GLY B 145 15.89 54.80 42.11
C GLY B 145 14.87 53.69 42.22
N LEU B 146 15.20 52.53 41.66
CA LEU B 146 14.31 51.37 41.74
C LEU B 146 14.93 50.25 42.56
N ALA B 147 16.02 50.57 43.25
CA ALA B 147 16.74 49.57 44.04
C ALA B 147 15.92 49.11 45.24
N GLU B 148 15.12 50.01 45.79
CA GLU B 148 14.33 49.71 46.97
C GLU B 148 13.10 48.84 46.66
N LEU B 149 12.88 48.57 45.37
CA LEU B 149 11.86 47.63 44.96
C LEU B 149 12.17 46.24 45.50
N PRO B 150 11.14 45.50 45.92
CA PRO B 150 11.34 44.14 46.42
C PRO B 150 11.68 43.18 45.28
N HIS B 151 11.44 43.59 44.05
CA HIS B 151 11.74 42.76 42.88
C HIS B 151 13.19 42.90 42.45
N VAL B 152 13.82 44.03 42.78
CA VAL B 152 15.18 44.30 42.37
C VAL B 152 16.19 43.85 43.42
N GLY B 153 17.20 43.09 42.97
CA GLY B 153 18.19 42.54 43.88
C GLY B 153 19.50 43.29 43.92
N SER B 154 19.84 43.96 42.83
CA SER B 154 21.11 44.70 42.76
C SER B 154 21.12 45.72 41.63
N VAL B 155 21.68 46.90 41.93
CA VAL B 155 21.87 47.94 40.92
C VAL B 155 23.28 48.53 41.05
N ALA B 156 24.06 48.42 39.98
CA ALA B 156 25.43 48.94 40.00
C ALA B 156 25.59 50.08 39.00
N THR B 157 26.26 51.14 39.43
CA THR B 157 26.56 52.27 38.57
C THR B 157 27.86 52.02 37.82
N ARG B 158 28.34 53.05 37.12
CA ARG B 158 29.54 52.93 36.31
C ARG B 158 30.79 52.70 37.15
N LEU B 159 30.72 53.07 38.42
CA LEU B 159 31.88 53.00 39.31
C LEU B 159 32.05 51.65 39.99
N ASP B 160 30.95 51.08 40.47
CA ASP B 160 30.99 49.83 41.22
C ASP B 160 31.46 48.66 40.36
N ALA B 161 32.76 48.63 40.08
CA ALA B 161 33.33 47.63 39.18
C ALA B 161 33.17 46.19 39.68
N ASP B 162 33.55 45.97 40.94
CA ASP B 162 33.49 44.63 41.52
C ASP B 162 32.08 44.06 41.51
N ARG B 163 31.09 44.90 41.81
CA ARG B 163 29.70 44.48 41.83
C ARG B 163 29.19 44.12 40.44
N ILE B 164 29.68 44.84 39.42
CA ILE B 164 29.28 44.59 38.05
C ILE B 164 29.69 43.19 37.58
N ARG B 165 30.98 42.88 37.72
CA ARG B 165 31.50 41.59 37.30
C ARG B 165 30.81 40.44 38.03
N ARG B 166 30.55 40.63 39.32
CA ARG B 166 29.96 39.58 40.14
C ARG B 166 28.46 39.41 39.85
N THR B 167 27.84 40.46 39.31
CA THR B 167 26.42 40.40 38.98
C THR B 167 26.18 39.43 37.81
N VAL B 168 26.91 39.62 36.73
CA VAL B 168 26.79 38.75 35.56
C VAL B 168 27.22 37.33 35.90
N ALA B 169 28.24 37.21 36.74
CA ALA B 169 28.75 35.91 37.16
C ALA B 169 27.70 35.13 37.95
N GLU B 170 26.88 35.85 38.71
CA GLU B 170 25.84 35.25 39.53
C GLU B 170 24.74 34.65 38.66
N VAL B 171 24.31 35.41 37.65
CA VAL B 171 23.26 34.98 36.74
C VAL B 171 23.72 33.80 35.88
N SER B 172 24.97 33.84 35.45
CA SER B 172 25.56 32.77 34.65
C SER B 172 25.62 31.47 35.46
N ALA B 173 25.83 31.60 36.76
CA ALA B 173 25.92 30.44 37.64
C ALA B 173 24.53 29.96 38.06
N LEU B 174 23.51 30.50 37.42
CA LEU B 174 22.14 30.08 37.65
C LEU B 174 21.64 29.27 36.46
N LEU B 175 22.04 29.71 35.27
CA LEU B 175 21.74 28.99 34.04
C LEU B 175 22.46 27.64 34.05
N GLU B 176 23.72 27.65 34.49
CA GLU B 176 24.51 26.44 34.58
C GLU B 176 23.95 25.49 35.63
N GLN B 177 23.23 26.05 36.60
CA GLN B 177 22.61 25.27 37.66
C GLN B 177 21.30 24.65 37.18
N ARG B 178 20.54 25.41 36.41
CA ARG B 178 19.24 24.96 35.92
C ARG B 178 19.37 23.97 34.76
N GLU B 179 20.46 24.08 34.01
CA GLU B 179 20.74 23.13 32.94
C GLU B 179 20.90 21.72 33.53
N GLN B 180 21.45 21.69 34.74
CA GLN B 180 21.60 20.43 35.48
C GLN B 180 20.32 20.08 36.23
N GLU B 181 19.64 21.10 36.74
CA GLU B 181 18.45 20.90 37.56
C GLU B 181 17.24 20.46 36.74
N PHE B 182 17.08 21.04 35.56
CA PHE B 182 15.93 20.73 34.70
C PHE B 182 16.01 19.32 34.12
N THR B 183 17.21 18.77 34.03
CA THR B 183 17.40 17.44 33.46
C THR B 183 17.35 16.35 34.52
N GLU B 184 17.90 16.64 35.70
CA GLU B 184 17.89 15.68 36.80
C GLU B 184 16.47 15.46 37.34
N ARG B 185 15.55 16.33 36.91
CA ARG B 185 14.15 16.21 37.30
C ARG B 185 13.27 16.27 36.06
N GLY B 186 11.96 16.06 36.24
CA GLY B 186 11.05 15.97 35.11
C GLY B 186 10.62 17.31 34.54
N ILE B 187 11.50 18.31 34.65
CA ILE B 187 11.19 19.65 34.16
C ILE B 187 11.57 19.77 32.68
N ASP B 188 10.56 19.84 31.82
CA ASP B 188 10.80 19.87 30.38
C ASP B 188 10.96 21.28 29.83
N SER B 189 10.09 22.19 30.25
CA SER B 189 10.13 23.57 29.77
C SER B 189 10.04 24.57 30.91
N MET B 190 10.27 25.84 30.62
CA MET B 190 10.17 26.89 31.62
C MET B 190 8.72 27.10 32.04
N ALA B 191 7.80 26.81 31.12
CA ALA B 191 6.38 26.88 31.42
C ALA B 191 6.01 25.88 32.50
N THR B 192 6.65 24.71 32.48
CA THR B 192 6.42 23.69 33.48
C THR B 192 6.94 24.13 34.84
N TYR B 193 8.14 24.68 34.85
CA TYR B 193 8.78 25.14 36.08
C TYR B 193 7.99 26.26 36.75
N ARG B 194 7.34 27.10 35.94
CA ARG B 194 6.54 28.18 36.47
C ARG B 194 5.25 27.67 37.10
N ARG B 195 4.69 26.62 36.52
CA ARG B 195 3.44 26.05 37.03
C ARG B 195 3.66 25.31 38.35
N LEU B 196 4.85 24.73 38.51
CA LEU B 196 5.15 23.95 39.71
C LEU B 196 5.28 24.84 40.94
N ARG B 197 5.80 26.04 40.76
CA ARG B 197 5.97 26.97 41.88
C ARG B 197 4.66 27.68 42.22
N ALA B 198 3.65 27.49 41.37
CA ALA B 198 2.32 28.03 41.64
C ALA B 198 1.63 27.22 42.74
N THR B 199 2.16 26.04 43.00
CA THR B 199 1.69 25.19 44.09
C THR B 199 1.86 25.90 45.42
N GLY B 200 2.95 26.66 45.54
CA GLY B 200 3.28 27.34 46.78
C GLY B 200 4.02 26.41 47.71
N GLU B 201 4.32 25.20 47.23
CA GLU B 201 4.99 24.19 48.03
C GLU B 201 6.23 23.64 47.33
N TYR B 202 6.50 24.14 46.13
CA TYR B 202 7.71 23.74 45.41
C TYR B 202 8.86 24.66 45.78
N ALA B 203 9.95 24.07 46.23
CA ALA B 203 11.12 24.84 46.70
C ALA B 203 11.76 25.62 45.55
N GLY B 204 12.24 24.89 44.55
CA GLY B 204 12.94 25.51 43.44
C GLY B 204 14.35 25.92 43.82
N ASP B 205 14.94 26.82 43.04
CA ASP B 205 16.29 27.28 43.30
C ASP B 205 16.30 28.68 43.89
N GLY B 206 15.13 29.16 44.30
CA GLY B 206 15.02 30.46 44.94
C GLY B 206 14.82 31.60 43.95
N PHE B 207 14.60 31.26 42.69
CA PHE B 207 14.40 32.27 41.66
C PHE B 207 13.19 31.95 40.78
N GLY B 208 12.70 32.98 40.09
CA GLY B 208 11.65 32.81 39.10
C GLY B 208 12.21 33.16 37.74
N ASP B 209 11.57 34.13 37.08
CA ASP B 209 12.13 34.67 35.85
C ASP B 209 13.09 35.80 36.18
N VAL B 210 14.37 35.60 35.84
CA VAL B 210 15.40 36.57 36.16
C VAL B 210 15.71 37.50 34.99
N PHE B 211 15.84 38.78 35.27
CA PHE B 211 16.08 39.78 34.23
C PHE B 211 17.41 40.50 34.43
N LEU B 212 18.25 40.47 33.40
CA LEU B 212 19.52 41.19 33.43
C LEU B 212 19.41 42.46 32.61
N VAL B 213 19.57 43.61 33.26
CA VAL B 213 19.34 44.89 32.61
C VAL B 213 20.62 45.73 32.51
N VAL B 214 20.97 46.12 31.29
CA VAL B 214 22.05 47.08 31.07
C VAL B 214 21.51 48.32 30.35
N ASP B 215 22.00 49.49 30.73
CA ASP B 215 21.47 50.75 30.20
C ASP B 215 22.23 51.21 28.96
N ASN B 216 23.54 51.01 28.96
CA ASN B 216 24.35 51.38 27.80
C ASN B 216 25.26 50.21 27.39
N TRP B 217 24.73 49.35 26.53
CA TRP B 217 25.43 48.14 26.08
C TRP B 217 26.77 48.47 25.43
N LEU B 218 26.85 49.65 24.83
CA LEU B 218 28.10 50.13 24.25
C LEU B 218 29.16 50.34 25.33
N THR B 219 28.75 51.00 26.42
CA THR B 219 29.63 51.28 27.54
C THR B 219 30.11 49.99 28.21
N LEU B 220 29.25 48.98 28.23
CA LEU B 220 29.58 47.69 28.83
C LEU B 220 30.79 47.05 28.18
N ARG B 221 30.74 46.89 26.87
CA ARG B 221 31.79 46.21 26.12
C ARG B 221 33.05 47.08 26.00
N GLN B 222 32.90 48.38 26.15
CA GLN B 222 34.05 49.29 26.13
C GLN B 222 34.88 49.15 27.40
N ASP B 223 34.20 49.03 28.54
CA ASP B 223 34.88 48.98 29.83
C ASP B 223 35.02 47.56 30.35
N TYR B 224 34.09 46.69 29.97
CA TYR B 224 34.10 45.30 30.40
C TYR B 224 33.89 44.37 29.22
N GLU B 225 34.93 44.15 28.42
CA GLU B 225 34.83 43.37 27.19
C GLU B 225 34.57 41.88 27.48
N ALA B 226 35.11 41.40 28.59
CA ALA B 226 34.97 40.00 28.96
C ALA B 226 33.51 39.62 29.21
N LEU B 227 32.73 40.59 29.68
CA LEU B 227 31.34 40.35 30.03
C LEU B 227 30.44 40.28 28.79
N GLU B 228 30.91 40.82 27.68
CA GLU B 228 30.12 40.86 26.46
C GLU B 228 29.78 39.47 25.94
N ASP B 229 30.81 38.63 25.80
CA ASP B 229 30.63 37.30 25.24
C ASP B 229 29.89 36.37 26.20
N SER B 230 29.98 36.66 27.50
CA SER B 230 29.33 35.82 28.51
C SER B 230 27.84 36.12 28.57
N ILE B 231 27.47 37.36 28.25
CA ILE B 231 26.07 37.76 28.22
C ILE B 231 25.44 37.35 26.88
N THR B 232 26.21 37.45 25.81
CA THR B 232 25.76 37.00 24.50
C THR B 232 25.50 35.50 24.55
N GLN B 233 26.37 34.78 25.23
CA GLN B 233 26.19 33.35 25.45
C GLN B 233 25.00 33.11 26.37
N LEU B 234 24.77 34.05 27.29
CA LEU B 234 23.68 33.95 28.25
C LEU B 234 22.31 34.13 27.59
N ALA B 235 22.26 34.98 26.57
CA ALA B 235 21.01 35.29 25.89
C ALA B 235 20.56 34.13 25.00
N ALA B 236 21.53 33.36 24.50
CA ALA B 236 21.26 32.29 23.57
C ALA B 236 20.53 31.12 24.24
N ARG B 237 21.09 30.61 25.33
CA ARG B 237 20.55 29.43 25.99
C ARG B 237 19.67 29.76 27.19
N GLY B 238 19.64 31.02 27.59
CA GLY B 238 18.99 31.43 28.82
C GLY B 238 17.46 31.49 28.80
N LEU B 239 16.90 31.84 27.65
CA LEU B 239 15.46 32.07 27.55
C LEU B 239 14.64 30.81 27.83
N GLY B 240 15.20 29.65 27.50
CA GLY B 240 14.53 28.39 27.74
C GLY B 240 14.57 27.98 29.20
N TYR B 241 15.47 28.61 29.96
CA TYR B 241 15.63 28.30 31.37
C TYR B 241 15.16 29.47 32.24
N GLY B 242 14.45 30.42 31.62
CA GLY B 242 13.83 31.51 32.36
C GLY B 242 14.76 32.67 32.68
N ILE B 243 15.81 32.84 31.89
CA ILE B 243 16.73 33.96 32.07
C ILE B 243 16.59 34.95 30.92
N HIS B 244 16.24 36.18 31.25
CA HIS B 244 16.05 37.23 30.25
C HIS B 244 17.18 38.25 30.32
N VAL B 245 17.52 38.84 29.18
CA VAL B 245 18.44 39.96 29.17
C VAL B 245 17.74 41.18 28.57
N VAL B 246 17.91 42.32 29.22
CA VAL B 246 17.32 43.57 28.75
C VAL B 246 18.43 44.55 28.45
N LEU B 247 18.75 44.71 27.16
CA LEU B 247 19.88 45.53 26.76
C LEU B 247 19.44 46.80 26.06
N SER B 248 20.07 47.92 26.42
CA SER B 248 19.78 49.19 25.80
C SER B 248 21.06 49.87 25.34
N SER B 249 21.01 50.48 24.17
CA SER B 249 22.16 51.20 23.62
C SER B 249 21.69 52.26 22.64
N ASN B 250 22.58 53.19 22.30
CA ASN B 250 22.22 54.31 21.44
C ASN B 250 21.82 53.89 20.03
N LYS B 251 22.54 52.93 19.46
CA LYS B 251 22.28 52.47 18.11
C LYS B 251 22.21 50.94 18.03
N TRP B 252 21.46 50.43 17.07
CA TRP B 252 21.35 48.98 16.87
C TRP B 252 22.69 48.38 16.45
N SER B 253 23.50 49.17 15.77
CA SER B 253 24.80 48.70 15.28
C SER B 253 25.82 48.57 16.41
N GLU B 254 25.40 48.89 17.63
CA GLU B 254 26.25 48.74 18.80
C GLU B 254 26.08 47.33 19.36
N PHE B 255 25.04 46.64 18.91
CA PHE B 255 24.85 45.23 19.20
C PHE B 255 25.47 44.39 18.10
N ARG B 256 26.30 43.42 18.48
CA ARG B 256 26.80 42.46 17.52
C ARG B 256 25.63 41.66 16.95
N THR B 257 25.72 41.31 15.67
CA THR B 257 24.62 40.64 14.99
C THR B 257 24.27 39.29 15.65
N SER B 258 25.23 38.73 16.37
CA SER B 258 25.02 37.46 17.07
C SER B 258 23.94 37.58 18.15
N ILE B 259 23.97 38.69 18.88
CA ILE B 259 23.05 38.87 20.01
C ILE B 259 21.83 39.70 19.62
N ARG B 260 21.98 40.53 18.61
CA ARG B 260 20.89 41.41 18.16
C ARG B 260 19.71 40.58 17.63
N ASP B 261 20.02 39.43 17.04
CA ASP B 261 18.98 38.54 16.54
C ASP B 261 18.26 37.82 17.69
N LEU B 262 18.91 37.77 18.85
CA LEU B 262 18.33 37.09 20.00
C LEU B 262 17.35 38.02 20.73
N LEU B 263 17.56 39.32 20.58
CA LEU B 263 16.68 40.32 21.17
C LEU B 263 15.31 40.30 20.49
N GLY B 264 14.43 39.42 20.98
CA GLY B 264 13.13 39.21 20.37
C GLY B 264 12.25 40.44 20.34
N THR B 265 11.93 40.98 21.51
CA THR B 265 11.12 42.18 21.60
C THR B 265 12.00 43.42 21.52
N LYS B 266 11.94 44.12 20.39
CA LYS B 266 12.75 45.32 20.20
C LYS B 266 11.90 46.58 20.37
N LEU B 267 12.30 47.42 21.31
CA LEU B 267 11.64 48.70 21.55
C LEU B 267 12.48 49.84 20.99
N GLU B 268 12.04 50.40 19.88
CA GLU B 268 12.84 51.38 19.15
C GLU B 268 12.29 52.80 19.29
N LEU B 269 13.18 53.74 19.60
CA LEU B 269 12.81 55.14 19.74
C LEU B 269 13.45 55.99 18.64
N ARG B 270 13.51 57.29 18.84
CA ARG B 270 14.11 58.19 17.86
C ARG B 270 15.60 57.87 17.68
N LEU B 271 16.01 57.69 16.42
CA LEU B 271 17.39 57.28 16.13
C LEU B 271 18.21 58.35 15.44
N GLY B 272 19.50 58.37 15.67
CA GLY B 272 20.36 59.11 14.79
C GLY B 272 20.48 58.19 13.62
N ASP B 273 20.56 58.70 12.40
CA ASP B 273 20.65 57.81 11.24
C ASP B 273 19.56 56.76 11.29
N PRO B 274 18.36 57.16 10.92
CA PRO B 274 17.16 56.34 10.95
C PRO B 274 17.27 55.20 9.99
N TYR B 275 18.24 55.28 9.12
CA TYR B 275 18.43 54.26 8.13
C TYR B 275 18.63 52.97 8.86
N GLU B 276 19.20 53.05 10.04
CA GLU B 276 19.46 51.86 10.82
C GLU B 276 18.22 51.15 11.27
N SER B 277 17.10 51.84 11.26
CA SER B 277 15.92 51.31 11.92
C SER B 277 15.66 49.83 11.65
N GLU B 278 15.13 49.13 12.66
CA GLU B 278 14.77 47.74 12.53
C GLU B 278 13.30 47.59 12.18
N VAL B 279 12.67 48.70 11.80
CA VAL B 279 11.26 48.70 11.44
C VAL B 279 11.06 49.25 10.02
N ASP B 280 11.40 50.51 9.84
CA ASP B 280 11.30 51.15 8.53
C ASP B 280 12.26 52.34 8.47
N ARG B 281 13.12 52.35 7.46
CA ARG B 281 14.10 53.42 7.30
C ARG B 281 13.45 54.76 6.97
N LYS B 282 12.20 54.71 6.53
CA LYS B 282 11.50 55.93 6.13
C LYS B 282 10.64 56.46 7.27
N LYS B 283 9.90 55.57 7.93
CA LYS B 283 9.04 55.95 9.04
C LYS B 283 9.83 56.47 10.23
N ALA B 284 11.02 55.90 10.44
CA ALA B 284 11.86 56.30 11.55
C ALA B 284 12.35 57.73 11.37
N ALA B 285 12.46 58.16 10.12
CA ALA B 285 12.88 59.52 9.82
C ALA B 285 11.78 60.52 10.19
N ASN B 286 10.55 60.04 10.22
CA ASN B 286 9.40 60.88 10.59
C ASN B 286 9.04 60.72 12.07
N VAL B 287 9.96 60.16 12.84
CA VAL B 287 9.82 60.09 14.29
C VAL B 287 10.40 61.37 14.89
N PRO B 288 9.59 62.11 15.66
CA PRO B 288 9.94 63.41 16.23
C PRO B 288 11.28 63.43 16.96
N GLU B 289 12.00 64.55 16.85
CA GLU B 289 13.27 64.73 17.51
C GLU B 289 13.10 65.69 18.68
N ASN B 290 13.91 65.50 19.73
CA ASN B 290 13.81 66.30 20.95
C ASN B 290 12.41 66.25 21.58
N ARG B 291 11.70 65.16 21.31
CA ARG B 291 10.40 64.89 21.96
C ARG B 291 10.41 63.47 22.52
N PRO B 292 11.06 63.28 23.67
CA PRO B 292 11.37 61.97 24.25
C PRO B 292 10.15 61.10 24.51
N GLY B 293 10.37 59.78 24.59
CA GLY B 293 9.30 58.85 24.86
C GLY B 293 8.67 58.29 23.59
N ARG B 294 8.85 59.01 22.49
CA ARG B 294 8.28 58.62 21.21
C ARG B 294 9.15 57.61 20.48
N GLY B 295 8.51 56.67 19.78
CA GLY B 295 9.21 55.63 19.06
C GLY B 295 8.37 54.93 18.01
N LEU B 296 8.77 53.71 17.67
CA LEU B 296 8.11 52.96 16.61
C LEU B 296 7.86 51.51 17.03
N THR B 297 6.72 50.96 16.61
CA THR B 297 6.35 49.59 16.98
C THR B 297 6.74 48.59 15.90
N ARG B 298 6.57 47.31 16.20
CA ARG B 298 6.92 46.24 15.27
C ARG B 298 6.07 46.30 14.01
N ASP B 299 4.80 46.65 14.17
CA ASP B 299 3.90 46.76 13.03
C ASP B 299 3.95 48.16 12.42
N GLY B 300 4.98 48.90 12.76
CA GLY B 300 5.26 50.19 12.15
C GLY B 300 4.25 51.29 12.43
N TYR B 301 3.89 51.45 13.70
CA TYR B 301 2.99 52.54 14.09
C TYR B 301 3.65 53.42 15.15
N HIS B 302 3.16 54.64 15.29
CA HIS B 302 3.69 55.58 16.28
C HIS B 302 3.20 55.23 17.69
N PHE B 303 4.14 55.16 18.63
CA PHE B 303 3.77 54.90 20.03
C PHE B 303 4.50 55.86 20.96
N LEU B 304 3.99 55.97 22.18
CA LEU B 304 4.57 56.87 23.17
C LEU B 304 4.79 56.13 24.49
N THR B 305 6.03 56.16 24.97
CA THR B 305 6.40 55.49 26.21
C THR B 305 5.67 56.10 27.41
N ALA B 306 5.20 55.24 28.30
CA ALA B 306 4.53 55.70 29.51
C ALA B 306 5.55 56.21 30.53
N LEU B 307 5.06 56.58 31.71
CA LEU B 307 5.94 57.01 32.80
C LEU B 307 5.89 56.00 33.94
N PRO B 308 7.05 55.75 34.58
CA PRO B 308 7.16 54.76 35.65
C PRO B 308 6.45 55.19 36.94
N ARG B 309 5.14 55.38 36.87
CA ARG B 309 4.39 55.91 38.01
C ARG B 309 2.91 55.54 37.93
N ILE B 310 2.24 55.59 39.08
CA ILE B 310 0.82 55.25 39.16
C ILE B 310 0.00 56.32 39.87
N ASP B 311 0.59 57.51 40.06
CA ASP B 311 -0.10 58.59 40.76
C ASP B 311 -1.02 59.38 39.84
N GLY B 312 -1.02 59.03 38.56
CA GLY B 312 -1.90 59.69 37.60
C GLY B 312 -1.47 61.10 37.26
N ASP B 313 -0.16 61.31 37.16
CA ASP B 313 0.39 62.62 36.80
C ASP B 313 1.30 62.50 35.58
N THR B 314 0.90 63.15 34.49
CA THR B 314 1.61 63.03 33.23
C THR B 314 2.84 63.94 33.14
N SER B 315 3.11 64.67 34.22
CA SER B 315 4.24 65.61 34.22
C SER B 315 5.57 64.90 34.40
N ALA B 316 6.53 65.23 33.54
CA ALA B 316 7.88 64.68 33.63
C ALA B 316 8.71 65.48 34.62
N GLU B 317 8.23 66.68 34.95
CA GLU B 317 8.92 67.55 35.90
C GLU B 317 8.73 67.04 37.33
N THR B 318 7.86 66.05 37.48
CA THR B 318 7.58 65.47 38.77
C THR B 318 7.97 64.00 38.81
N LEU B 319 8.79 63.58 37.84
CA LEU B 319 9.09 62.16 37.65
C LEU B 319 9.81 61.54 38.85
N THR B 320 10.81 62.24 39.39
CA THR B 320 11.60 61.70 40.49
C THR B 320 10.75 61.55 41.75
N GLU B 321 9.64 62.27 41.80
CA GLU B 321 8.72 62.19 42.93
C GLU B 321 7.74 61.04 42.74
N GLY B 322 7.19 60.93 41.54
CA GLY B 322 6.21 59.89 41.24
C GLY B 322 6.78 58.49 41.29
N ILE B 323 8.05 58.36 40.95
CA ILE B 323 8.73 57.07 41.03
C ILE B 323 8.86 56.65 42.49
N ALA B 324 9.30 57.58 43.33
CA ALA B 324 9.50 57.31 44.74
C ALA B 324 8.22 56.80 45.40
N THR B 325 7.11 57.49 45.13
CA THR B 325 5.83 57.11 45.72
C THR B 325 5.37 55.76 45.20
N THR B 326 5.71 55.48 43.94
CA THR B 326 5.31 54.22 43.30
C THR B 326 6.06 53.04 43.91
N VAL B 327 7.38 53.19 44.06
CA VAL B 327 8.20 52.14 44.64
C VAL B 327 7.77 51.87 46.08
N LYS B 328 7.52 52.94 46.84
CA LYS B 328 7.14 52.82 48.24
C LYS B 328 5.88 51.99 48.41
N THR B 329 4.94 52.16 47.49
CA THR B 329 3.68 51.44 47.55
C THR B 329 3.90 49.96 47.29
N ILE B 330 4.76 49.65 46.32
CA ILE B 330 5.07 48.28 45.97
C ILE B 330 5.84 47.58 47.10
N ARG B 331 6.75 48.31 47.73
CA ARG B 331 7.55 47.77 48.83
C ARG B 331 6.69 47.51 50.07
N GLU B 332 5.84 48.48 50.42
CA GLU B 332 5.00 48.39 51.60
C GLU B 332 4.01 47.24 51.53
N ALA B 333 3.32 47.11 50.39
CA ALA B 333 2.25 46.14 50.25
C ALA B 333 2.76 44.71 50.16
N TRP B 334 4.08 44.56 50.06
CA TRP B 334 4.69 43.23 50.02
C TRP B 334 5.43 42.94 51.32
N HIS B 335 5.03 41.86 51.99
CA HIS B 335 5.61 41.49 53.27
C HIS B 335 6.37 40.17 53.19
N GLY B 336 6.36 39.55 52.02
CA GLY B 336 7.06 38.31 51.80
C GLY B 336 8.56 38.52 51.65
N PRO B 337 9.27 37.48 51.19
CA PRO B 337 10.73 37.56 51.00
C PRO B 337 11.09 38.48 49.84
N THR B 338 12.28 39.06 49.89
CA THR B 338 12.74 39.97 48.86
C THR B 338 13.60 39.22 47.83
N ALA B 339 13.87 39.89 46.71
CA ALA B 339 14.73 39.32 45.67
C ALA B 339 16.12 39.07 46.21
N PRO B 340 16.70 37.91 45.86
CA PRO B 340 18.03 37.49 46.31
C PRO B 340 19.13 38.51 46.01
N PRO B 341 20.08 38.68 46.94
CA PRO B 341 21.20 39.62 46.78
C PRO B 341 22.32 39.05 45.91
N VAL B 342 23.10 39.92 45.30
CA VAL B 342 24.29 39.49 44.56
C VAL B 342 25.44 39.31 45.54
N ARG B 343 25.88 38.07 45.71
CA ARG B 343 26.95 37.75 46.65
C ARG B 343 28.26 38.41 46.24
N MET B 344 28.79 39.24 47.12
CA MET B 344 30.02 39.96 46.82
C MET B 344 31.25 39.24 47.39
N LEU B 345 32.40 39.57 46.82
CA LEU B 345 33.66 39.04 47.31
C LEU B 345 33.95 39.65 48.67
N PRO B 346 34.04 38.81 49.71
CA PRO B 346 34.17 39.23 51.12
C PRO B 346 35.30 40.22 51.36
N ASN B 347 35.06 41.18 52.25
CA ASN B 347 36.12 42.09 52.69
C ASN B 347 37.07 41.38 53.64
N VAL B 348 36.50 40.55 54.51
CA VAL B 348 37.28 39.71 55.40
C VAL B 348 36.76 38.28 55.37
N LEU B 349 37.53 37.38 54.77
CA LEU B 349 37.15 35.98 54.67
C LEU B 349 37.82 35.16 55.77
N PRO B 350 37.02 34.65 56.71
CA PRO B 350 37.55 33.81 57.78
C PRO B 350 38.26 32.57 57.25
N ALA B 351 39.42 32.26 57.79
CA ALA B 351 40.18 31.10 57.34
C ALA B 351 39.41 29.80 57.64
N ALA B 352 38.57 29.84 58.66
CA ALA B 352 37.80 28.68 59.06
C ALA B 352 36.71 28.35 58.04
N GLN B 353 36.32 29.36 57.26
CA GLN B 353 35.28 29.20 56.26
C GLN B 353 35.78 28.34 55.10
N LEU B 354 37.09 28.35 54.88
CA LEU B 354 37.72 27.54 53.84
C LEU B 354 37.57 26.05 54.14
N PRO B 355 37.62 25.21 53.09
CA PRO B 355 37.54 23.75 53.25
C PRO B 355 38.66 23.22 54.15
N SER B 356 38.36 22.21 54.95
CA SER B 356 39.31 21.67 55.91
C SER B 356 40.33 20.73 55.27
N ALA B 357 41.15 20.11 56.09
CA ALA B 357 42.19 19.20 55.61
C ALA B 357 41.60 17.88 55.14
N ALA B 358 40.61 17.40 55.87
CA ALA B 358 39.93 16.14 55.53
C ALA B 358 39.09 16.28 54.27
N GLU B 359 38.75 17.51 53.92
CA GLU B 359 37.95 17.77 52.73
C GLU B 359 38.81 17.86 51.48
N SER B 360 39.96 18.52 51.60
CA SER B 360 40.77 18.88 50.44
C SER B 360 41.89 17.90 50.13
N GLY B 361 42.64 17.50 51.17
CA GLY B 361 43.79 16.64 50.97
C GLY B 361 45.08 17.44 50.97
N THR B 362 46.04 17.03 50.15
CA THR B 362 47.32 17.74 50.08
C THR B 362 47.14 19.13 49.47
N ARG B 363 46.06 19.32 48.72
CA ARG B 363 45.74 20.62 48.16
C ARG B 363 45.50 21.62 49.29
N ILE B 364 45.86 22.88 49.05
CA ILE B 364 45.74 23.90 50.09
C ILE B 364 44.93 25.11 49.61
N PRO B 365 43.76 25.32 50.22
CA PRO B 365 42.92 26.48 49.91
C PRO B 365 43.49 27.77 50.49
N ILE B 366 43.61 28.80 49.67
CA ILE B 366 44.13 30.08 50.13
C ILE B 366 43.02 31.13 50.17
N GLY B 367 41.93 30.86 49.46
CA GLY B 367 40.81 31.79 49.40
C GLY B 367 39.83 31.43 48.29
N ILE B 368 38.97 32.38 47.95
CA ILE B 368 37.96 32.15 46.91
C ILE B 368 38.11 33.16 45.77
N ASP B 369 37.61 32.78 44.59
CA ASP B 369 37.74 33.62 43.40
C ASP B 369 36.46 34.42 43.15
N GLU B 370 36.56 35.42 42.27
CA GLU B 370 35.43 36.28 41.95
C GLU B 370 34.43 35.58 41.04
N ASP B 371 34.95 34.70 40.19
CA ASP B 371 34.15 34.07 39.15
C ASP B 371 33.03 33.18 39.69
N SER B 372 33.35 32.39 40.71
CA SER B 372 32.38 31.41 41.22
C SER B 372 32.34 31.32 42.73
N LEU B 373 33.10 32.19 43.41
CA LEU B 373 33.21 32.19 44.87
C LEU B 373 33.67 30.84 45.42
N SER B 374 34.32 30.05 44.56
CA SER B 374 34.77 28.72 44.93
C SER B 374 36.23 28.76 45.37
N PRO B 375 36.62 27.87 46.29
CA PRO B 375 37.98 27.80 46.83
C PRO B 375 39.07 27.75 45.76
N VAL B 376 40.20 28.39 46.03
CA VAL B 376 41.35 28.36 45.14
C VAL B 376 42.50 27.61 45.79
N TYR B 377 42.94 26.52 45.16
CA TYR B 377 43.91 25.62 45.78
C TYR B 377 45.35 25.78 45.27
N LEU B 378 46.30 25.59 46.17
CA LEU B 378 47.71 25.46 45.80
C LEU B 378 48.14 24.01 45.96
N ASP B 379 48.39 23.34 44.85
CA ASP B 379 48.80 21.93 44.88
C ASP B 379 50.29 21.81 44.55
N PHE B 380 51.07 21.39 45.55
CA PHE B 380 52.51 21.37 45.42
C PHE B 380 53.04 20.10 44.75
N ASN B 381 52.15 19.15 44.50
CA ASN B 381 52.53 17.97 43.73
C ASN B 381 52.38 18.25 42.24
N THR B 382 51.86 19.43 41.93
CA THR B 382 51.72 19.88 40.56
C THR B 382 52.81 20.89 40.22
N ASP B 383 52.81 22.00 40.94
CA ASP B 383 53.86 23.01 40.82
C ASP B 383 54.59 23.17 42.15
N PRO B 384 55.92 23.31 42.11
CA PRO B 384 56.74 23.25 43.32
C PRO B 384 56.84 24.58 44.07
N HIS B 385 56.73 25.71 43.37
CA HIS B 385 56.98 27.00 43.99
C HIS B 385 55.76 27.91 44.04
N PHE B 386 55.88 29.00 44.80
CA PHE B 386 54.83 30.00 44.91
C PHE B 386 55.43 31.37 45.20
N LEU B 387 54.91 32.40 44.52
CA LEU B 387 55.49 33.73 44.60
C LEU B 387 54.43 34.79 44.93
N VAL B 388 54.75 35.71 45.83
CA VAL B 388 53.80 36.75 46.23
C VAL B 388 54.36 38.16 46.14
N PHE B 389 53.72 39.00 45.33
CA PHE B 389 54.03 40.43 45.30
C PHE B 389 52.88 41.20 45.96
N GLY B 390 53.23 42.18 46.80
CA GLY B 390 52.23 42.98 47.47
C GLY B 390 52.82 44.15 48.23
N ASP B 391 52.06 45.23 48.36
CA ASP B 391 52.57 46.41 49.06
C ASP B 391 52.50 46.25 50.58
N THR B 392 52.76 47.33 51.30
CA THR B 392 52.77 47.30 52.75
C THR B 392 51.37 47.11 53.32
N GLU B 393 51.26 46.20 54.29
CA GLU B 393 50.00 45.91 54.97
C GLU B 393 48.88 45.55 54.01
N CYS B 394 49.13 44.58 53.13
CA CYS B 394 48.12 44.10 52.21
C CYS B 394 47.70 42.67 52.54
N GLY B 395 48.56 41.97 53.27
CA GLY B 395 48.26 40.61 53.70
C GLY B 395 49.25 39.56 53.21
N LYS B 396 50.49 39.96 52.99
CA LYS B 396 51.53 39.02 52.56
C LYS B 396 51.92 38.06 53.68
N SER B 397 52.29 38.61 54.83
CA SER B 397 52.70 37.80 55.96
C SER B 397 51.54 36.93 56.46
N ASN B 398 50.33 37.44 56.34
CA ASN B 398 49.15 36.68 56.72
C ASN B 398 48.93 35.49 55.79
N LEU B 399 49.14 35.72 54.50
CA LEU B 399 49.00 34.66 53.51
C LEU B 399 50.01 33.53 53.76
N LEU B 400 51.22 33.91 54.16
CA LEU B 400 52.24 32.92 54.45
C LEU B 400 51.90 32.12 55.70
N ARG B 401 51.31 32.79 56.69
CA ARG B 401 50.84 32.11 57.88
C ARG B 401 49.71 31.14 57.52
N LEU B 402 48.88 31.54 56.55
CA LEU B 402 47.77 30.72 56.10
C LEU B 402 48.29 29.45 55.41
N ILE B 403 49.20 29.64 54.46
CA ILE B 403 49.77 28.53 53.71
C ILE B 403 50.56 27.59 54.63
N THR B 404 51.40 28.17 55.48
CA THR B 404 52.22 27.39 56.39
C THR B 404 51.37 26.56 57.34
N ALA B 405 50.42 27.20 58.02
CA ALA B 405 49.55 26.50 58.96
C ALA B 405 48.66 25.49 58.23
N GLY B 406 48.47 25.72 56.94
CA GLY B 406 47.76 24.79 56.10
C GLY B 406 48.59 23.55 55.79
N ILE B 407 49.89 23.75 55.63
CA ILE B 407 50.82 22.64 55.40
C ILE B 407 50.94 21.77 56.64
N ILE B 408 50.98 22.41 57.81
CA ILE B 408 51.05 21.70 59.08
C ILE B 408 49.87 20.75 59.26
N GLU B 409 48.70 21.20 58.82
CA GLU B 409 47.45 20.45 59.00
C GLU B 409 47.35 19.28 58.03
N ARG B 410 48.13 19.33 56.96
CA ARG B 410 48.01 18.35 55.88
C ARG B 410 49.22 17.41 55.77
N TYR B 411 50.28 17.70 56.51
CA TYR B 411 51.49 16.87 56.47
C TYR B 411 51.99 16.50 57.85
N THR B 412 52.58 15.32 57.96
CA THR B 412 53.30 14.92 59.17
C THR B 412 54.73 15.42 59.03
N PRO B 413 55.41 15.65 60.17
CA PRO B 413 56.80 16.13 60.12
C PRO B 413 57.72 15.18 59.35
N GLN B 414 57.38 13.90 59.34
CA GLN B 414 58.16 12.91 58.60
C GLN B 414 57.85 12.99 57.10
N GLN B 415 56.76 13.67 56.76
CA GLN B 415 56.38 13.85 55.37
C GLN B 415 56.91 15.16 54.80
N ALA B 416 56.95 16.19 55.64
CA ALA B 416 57.42 17.50 55.20
C ALA B 416 57.95 18.33 56.38
N ARG B 417 59.08 19.00 56.14
CA ARG B 417 59.70 19.86 57.13
C ARG B 417 59.66 21.32 56.69
N LEU B 418 59.68 22.24 57.65
CA LEU B 418 59.58 23.67 57.37
C LEU B 418 60.85 24.43 57.78
N ILE B 419 61.24 25.40 56.95
CA ILE B 419 62.31 26.32 57.30
C ILE B 419 61.91 27.75 56.95
N PHE B 420 62.00 28.64 57.93
CA PHE B 420 61.56 30.03 57.74
C PHE B 420 62.73 31.01 57.63
N ILE B 421 62.57 32.01 56.78
CA ILE B 421 63.49 33.14 56.72
C ILE B 421 62.68 34.42 56.94
N ASP B 422 62.55 34.81 58.20
CA ASP B 422 61.70 35.94 58.57
C ASP B 422 62.46 36.97 59.38
N TYR B 423 63.02 37.96 58.69
CA TYR B 423 63.80 39.01 59.35
C TYR B 423 62.92 39.85 60.27
N SER B 424 61.67 40.07 59.87
CA SER B 424 60.76 40.92 60.61
C SER B 424 60.09 40.18 61.76
N ARG B 425 60.28 38.86 61.79
CA ARG B 425 59.67 37.98 62.80
C ARG B 425 58.14 38.16 62.82
N SER B 426 57.51 37.88 61.69
CA SER B 426 56.06 38.00 61.56
C SER B 426 55.40 36.62 61.58
N LEU B 427 56.18 35.59 61.30
CA LEU B 427 55.68 34.22 61.21
C LEU B 427 55.89 33.46 62.51
N LEU B 428 55.83 34.16 63.63
CA LEU B 428 56.06 33.56 64.94
C LEU B 428 54.98 32.54 65.29
N ASP B 429 53.77 32.78 64.79
CA ASP B 429 52.61 31.99 65.18
C ASP B 429 52.56 30.63 64.51
N VAL B 430 53.35 30.45 63.45
CA VAL B 430 53.32 29.22 62.68
C VAL B 430 54.66 28.48 62.67
N ALA B 431 55.49 28.74 63.68
CA ALA B 431 56.82 28.13 63.73
C ALA B 431 57.02 27.31 65.01
N THR B 432 55.95 27.12 65.77
CA THR B 432 56.03 26.38 67.02
C THR B 432 55.70 24.91 66.84
N THR B 433 55.92 24.41 65.62
CA THR B 433 55.59 23.03 65.29
C THR B 433 56.83 22.14 65.25
N GLU B 434 56.61 20.84 65.05
CA GLU B 434 57.70 19.87 64.95
C GLU B 434 58.29 19.85 63.55
N HIS B 435 57.59 20.48 62.60
CA HIS B 435 58.06 20.59 61.23
C HIS B 435 59.22 21.58 61.16
N GLN B 436 59.37 22.37 62.22
CA GLN B 436 60.43 23.35 62.35
C GLN B 436 61.83 22.74 62.24
N ILE B 437 62.63 23.28 61.34
CA ILE B 437 64.03 22.86 61.19
C ILE B 437 64.95 24.05 61.43
N GLY B 438 64.62 25.18 60.82
CA GLY B 438 65.42 26.39 60.98
C GLY B 438 64.60 27.67 60.93
N TYR B 439 64.80 28.52 61.93
CA TYR B 439 64.16 29.83 61.95
C TYR B 439 65.21 30.93 61.98
N ALA B 440 65.41 31.58 60.84
CA ALA B 440 66.45 32.60 60.70
C ALA B 440 65.94 34.00 61.00
N ALA B 441 66.67 34.73 61.83
CA ALA B 441 66.33 36.12 62.12
C ALA B 441 67.41 37.06 61.59
N SER B 442 68.57 36.50 61.26
CA SER B 442 69.71 37.28 60.80
C SER B 442 70.12 36.86 59.38
N SER B 443 71.00 37.65 58.77
CA SER B 443 71.60 37.25 57.50
C SER B 443 72.64 36.17 57.77
N THR B 444 73.11 36.14 59.01
CA THR B 444 74.10 35.16 59.44
C THR B 444 73.49 33.78 59.64
N ALA B 445 72.45 33.73 60.46
CA ALA B 445 71.78 32.47 60.77
C ALA B 445 71.06 31.88 59.56
N ALA B 446 70.77 32.75 58.58
CA ALA B 446 70.08 32.32 57.37
C ALA B 446 70.97 31.45 56.50
N SER B 447 72.11 32.00 56.07
CA SER B 447 73.03 31.29 55.20
C SER B 447 73.61 30.04 55.86
N SER B 448 73.61 30.03 57.19
CA SER B 448 74.04 28.87 57.95
C SER B 448 73.09 27.69 57.71
N LEU B 449 71.83 28.00 57.47
CA LEU B 449 70.81 26.99 57.19
C LEU B 449 70.78 26.62 55.70
N VAL B 450 71.10 27.60 54.86
CA VAL B 450 70.98 27.41 53.41
C VAL B 450 72.00 26.43 52.86
N ARG B 451 73.22 26.47 53.39
CA ARG B 451 74.24 25.52 52.96
C ARG B 451 74.11 24.21 53.72
N ASP B 452 73.20 24.18 54.69
CA ASP B 452 72.79 22.93 55.32
C ASP B 452 71.72 22.28 54.46
N ILE B 453 71.12 23.09 53.58
CA ILE B 453 70.10 22.64 52.66
C ILE B 453 70.72 22.16 51.35
N LYS B 454 71.68 22.95 50.85
CA LYS B 454 72.36 22.62 49.60
C LYS B 454 73.17 21.34 49.75
N GLY B 455 73.54 21.01 50.99
CA GLY B 455 74.23 19.78 51.27
C GLY B 455 73.25 18.64 51.53
N ALA B 456 72.00 18.87 51.16
CA ALA B 456 70.94 17.89 51.35
C ALA B 456 70.15 17.70 50.06
N MET B 457 69.83 18.80 49.40
CA MET B 457 69.04 18.77 48.18
C MET B 457 69.87 18.32 46.98
N GLU B 458 71.15 18.66 46.98
CA GLU B 458 72.03 18.29 45.89
C GLU B 458 72.31 16.79 45.88
N ALA B 459 72.02 16.14 46.99
CA ALA B 459 72.19 14.70 47.10
C ALA B 459 71.03 13.96 46.41
N ARG B 460 69.97 14.70 46.09
CA ARG B 460 68.78 14.10 45.52
C ARG B 460 68.70 14.29 44.01
N LEU B 461 69.71 14.93 43.43
CA LEU B 461 69.74 15.15 41.98
C LEU B 461 69.74 13.81 41.24
N PRO B 462 68.97 13.73 40.15
CA PRO B 462 68.78 12.46 39.42
C PRO B 462 70.02 12.00 38.67
N PRO B 463 70.43 10.74 38.89
CA PRO B 463 71.49 10.10 38.09
C PRO B 463 71.18 10.17 36.60
N PRO B 464 72.22 10.34 35.76
CA PRO B 464 72.13 10.61 34.32
C PRO B 464 71.09 9.80 33.56
N ASP B 465 71.09 8.48 33.72
CA ASP B 465 70.18 7.65 32.92
C ASP B 465 69.31 6.73 33.78
N LEU B 466 68.11 7.20 34.09
CA LEU B 466 67.10 6.39 34.78
C LEU B 466 65.89 6.20 33.87
N THR B 467 65.22 5.07 34.01
CA THR B 467 63.99 4.82 33.27
C THR B 467 62.93 5.84 33.70
N PRO B 468 62.06 6.25 32.76
CA PRO B 468 60.97 7.18 33.05
C PRO B 468 60.13 6.76 34.25
N GLU B 469 60.09 5.46 34.54
CA GLU B 469 59.38 4.95 35.71
C GLU B 469 60.04 5.41 37.00
N GLN B 470 61.37 5.43 37.01
CA GLN B 470 62.12 5.83 38.19
C GLN B 470 62.01 7.33 38.46
N LEU B 471 61.88 8.10 37.39
CA LEU B 471 61.75 9.55 37.51
C LEU B 471 60.40 9.93 38.11
N ARG B 472 59.34 9.39 37.55
CA ARG B 472 57.98 9.68 38.01
C ARG B 472 57.77 9.18 39.45
N SER B 473 58.42 8.07 39.79
CA SER B 473 58.25 7.47 41.11
C SER B 473 59.18 8.11 42.14
N ARG B 474 60.24 8.75 41.65
CA ARG B 474 61.25 9.35 42.53
C ARG B 474 61.81 8.31 43.49
N SER B 475 62.30 7.22 42.94
CA SER B 475 62.70 6.06 43.72
C SER B 475 64.09 6.17 44.33
N TRP B 476 64.90 7.08 43.79
CA TRP B 476 66.31 7.13 44.16
C TRP B 476 66.59 7.88 45.46
N TRP B 477 65.53 8.26 46.17
CA TRP B 477 65.70 8.87 47.49
C TRP B 477 64.43 8.78 48.33
N THR B 478 64.61 8.73 49.64
CA THR B 478 63.49 8.76 50.58
C THR B 478 63.71 9.88 51.59
N GLY B 479 62.63 10.29 52.26
CA GLY B 479 62.72 11.35 53.24
C GLY B 479 61.59 12.36 53.07
N ALA B 480 61.50 13.30 54.01
CA ALA B 480 60.44 14.30 54.02
C ALA B 480 60.61 15.32 52.90
N GLU B 481 59.61 16.17 52.72
CA GLU B 481 59.67 17.27 51.77
C GLU B 481 60.20 18.53 52.48
N LEU B 482 60.80 19.43 51.72
CA LEU B 482 61.34 20.65 52.31
C LEU B 482 60.61 21.89 51.83
N PHE B 483 59.95 22.57 52.76
CA PHE B 483 59.29 23.83 52.46
C PHE B 483 60.10 25.01 52.98
N LEU B 484 60.49 25.89 52.07
CA LEU B 484 61.27 27.06 52.44
C LEU B 484 60.42 28.31 52.33
N VAL B 485 59.88 28.76 53.47
CA VAL B 485 59.04 29.94 53.51
C VAL B 485 59.87 31.20 53.71
N VAL B 486 59.78 32.14 52.76
CA VAL B 486 60.56 33.38 52.82
C VAL B 486 59.66 34.61 52.78
N ASP B 487 59.54 35.29 53.92
CA ASP B 487 58.76 36.52 54.02
C ASP B 487 59.68 37.73 53.91
N ASP B 488 59.20 38.78 53.24
CA ASP B 488 59.98 40.00 53.02
C ASP B 488 61.30 39.69 52.33
N TYR B 489 61.22 39.17 51.11
CA TYR B 489 62.39 38.77 50.34
C TYR B 489 63.25 39.97 49.94
N GLU B 490 62.63 41.15 49.90
CA GLU B 490 63.34 42.36 49.52
C GLU B 490 64.38 42.74 50.59
N MET B 491 64.13 42.31 51.82
CA MET B 491 65.06 42.56 52.91
C MET B 491 66.19 41.53 52.91
N VAL B 492 66.02 40.47 52.13
CA VAL B 492 67.01 39.40 52.06
C VAL B 492 67.80 39.47 50.75
N ALA B 493 67.19 40.06 49.72
CA ALA B 493 67.79 40.12 48.39
C ALA B 493 68.87 41.19 48.29
N THR B 494 69.71 41.29 49.32
CA THR B 494 70.82 42.24 49.33
C THR B 494 72.01 41.66 48.58
N SER B 495 73.16 42.31 48.72
CA SER B 495 74.41 41.72 48.27
C SER B 495 74.67 40.48 49.10
N ASP B 496 75.48 39.56 48.56
CA ASP B 496 75.70 38.24 49.15
C ASP B 496 74.41 37.64 49.72
N ASN B 497 73.33 37.75 48.95
CA ASN B 497 72.03 37.18 49.30
C ASN B 497 72.16 35.70 49.65
N PRO B 498 71.88 35.35 50.92
CA PRO B 498 72.07 33.99 51.43
C PRO B 498 71.22 32.92 50.74
N LEU B 499 70.49 33.30 49.69
CA LEU B 499 69.55 32.38 49.07
C LEU B 499 69.91 32.04 47.62
N ARG B 500 70.93 32.70 47.08
CA ARG B 500 71.33 32.47 45.69
C ARG B 500 72.06 31.14 45.39
N PRO B 501 72.64 30.47 46.41
CA PRO B 501 73.20 29.15 46.05
C PRO B 501 72.17 28.16 45.52
N LEU B 502 70.90 28.36 45.84
CA LEU B 502 69.85 27.41 45.46
C LEU B 502 69.22 27.74 44.11
N ALA B 503 69.51 28.95 43.61
CA ALA B 503 68.89 29.41 42.36
C ALA B 503 69.32 28.59 41.15
N GLU B 504 70.35 27.77 41.33
CA GLU B 504 70.87 26.94 40.25
C GLU B 504 70.13 25.61 40.19
N LEU B 505 69.60 25.16 41.32
CA LEU B 505 69.04 23.82 41.42
C LEU B 505 67.51 23.80 41.54
N LEU B 506 66.89 24.96 41.76
CA LEU B 506 65.44 25.00 41.91
C LEU B 506 64.64 24.83 40.61
N PRO B 507 65.27 24.95 39.42
CA PRO B 507 64.48 24.44 38.28
C PRO B 507 64.36 22.92 38.30
N GLN B 508 65.13 22.26 39.16
CA GLN B 508 65.05 20.82 39.33
C GLN B 508 64.25 20.46 40.58
N ALA B 509 63.40 21.39 41.01
CA ALA B 509 62.68 21.25 42.27
C ALA B 509 61.67 20.09 42.26
N ARG B 510 61.21 19.72 41.07
CA ARG B 510 60.24 18.63 40.95
C ARG B 510 60.87 17.29 41.32
N ASP B 511 62.04 17.02 40.77
CA ASP B 511 62.73 15.74 40.97
C ASP B 511 63.27 15.59 42.39
N ILE B 512 63.26 16.68 43.14
CA ILE B 512 63.70 16.66 44.53
C ILE B 512 62.57 17.09 45.46
N GLY B 513 62.86 17.18 46.75
CA GLY B 513 61.84 17.53 47.72
C GLY B 513 61.82 19.02 48.06
N LEU B 514 62.18 19.85 47.09
CA LEU B 514 62.31 21.28 47.33
C LEU B 514 61.07 22.05 46.92
N HIS B 515 60.61 22.92 47.81
CA HIS B 515 59.49 23.82 47.51
C HIS B 515 59.79 25.21 48.10
N LEU B 516 59.71 26.23 47.25
CA LEU B 516 60.06 27.58 47.65
C LEU B 516 58.85 28.51 47.68
N ILE B 517 58.57 29.07 48.85
CA ILE B 517 57.45 29.98 49.03
C ILE B 517 57.94 31.39 49.35
N ILE B 518 57.83 32.30 48.38
CA ILE B 518 58.40 33.64 48.52
C ILE B 518 57.35 34.74 48.48
N ALA B 519 57.41 35.64 49.45
CA ALA B 519 56.60 36.84 49.45
C ALA B 519 57.51 38.07 49.46
N ARG B 520 57.28 38.98 48.52
CA ARG B 520 58.12 40.18 48.41
C ARG B 520 57.27 41.44 48.28
N SER B 521 57.79 42.55 48.79
CA SER B 521 57.09 43.83 48.71
C SER B 521 56.97 44.30 47.27
N MET B 522 56.01 45.19 47.01
CA MET B 522 55.79 45.73 45.67
C MET B 522 56.83 46.78 45.33
N GLY B 523 57.43 47.37 46.36
CA GLY B 523 58.43 48.40 46.17
C GLY B 523 59.67 47.90 45.44
N GLY B 524 59.69 48.12 44.13
CA GLY B 524 60.83 47.74 43.31
C GLY B 524 60.78 46.31 42.85
N ALA B 525 59.67 45.94 42.22
CA ALA B 525 59.49 44.58 41.73
C ALA B 525 59.84 44.48 40.25
N GLY B 526 59.78 45.61 39.55
CA GLY B 526 60.05 45.66 38.13
C GLY B 526 61.43 45.12 37.77
N ARG B 527 62.43 45.51 38.55
CA ARG B 527 63.79 45.04 38.31
C ARG B 527 64.05 43.76 39.10
N ALA B 528 63.14 43.45 40.01
CA ALA B 528 63.26 42.24 40.83
C ALA B 528 62.94 40.99 40.02
N LEU B 529 62.40 41.20 38.82
CA LEU B 529 62.11 40.09 37.93
C LEU B 529 63.38 39.51 37.33
N TYR B 530 64.44 40.32 37.32
CA TYR B 530 65.71 39.90 36.76
C TYR B 530 66.63 39.33 37.85
N GLU B 531 66.11 39.31 39.07
CA GLU B 531 66.78 38.65 40.19
C GLU B 531 66.86 37.15 39.91
N PRO B 532 68.03 36.53 40.18
CA PRO B 532 68.30 35.12 39.91
C PRO B 532 67.16 34.17 40.26
N ILE B 533 66.75 34.16 41.52
CA ILE B 533 65.70 33.26 41.99
C ILE B 533 64.34 33.55 41.33
N ILE B 534 63.94 34.82 41.35
CA ILE B 534 62.67 35.22 40.77
C ILE B 534 62.63 34.98 39.26
N GLN B 535 63.72 35.31 38.57
CA GLN B 535 63.82 35.04 37.13
C GLN B 535 63.65 33.55 36.87
N ARG B 536 64.18 32.74 37.78
CA ARG B 536 64.11 31.29 37.65
C ARG B 536 62.72 30.76 38.02
N ILE B 537 62.12 31.33 39.08
CA ILE B 537 60.80 30.92 39.51
C ILE B 537 59.72 31.33 38.52
N LYS B 538 59.78 32.57 38.05
CA LYS B 538 58.83 33.07 37.07
C LYS B 538 58.96 32.31 35.75
N GLU B 539 60.17 31.82 35.47
CA GLU B 539 60.43 31.06 34.25
C GLU B 539 59.82 29.66 34.33
N MET B 540 59.70 29.14 35.54
CA MET B 540 59.13 27.81 35.76
C MET B 540 57.60 27.82 35.70
N ALA B 541 57.04 28.97 35.35
CA ALA B 541 55.58 29.15 35.31
C ALA B 541 54.95 28.78 36.63
N SER B 542 55.61 29.16 37.73
CA SER B 542 55.11 28.89 39.06
C SER B 542 53.87 29.71 39.37
N PRO B 543 52.97 29.17 40.20
CA PRO B 543 51.77 29.89 40.65
C PRO B 543 52.14 31.09 41.51
N GLY B 544 51.34 32.14 41.43
CA GLY B 544 51.59 33.33 42.24
C GLY B 544 50.45 34.32 42.14
N LEU B 545 50.45 35.32 43.00
CA LEU B 545 49.47 36.40 42.90
C LEU B 545 50.10 37.77 43.15
N VAL B 546 49.48 38.80 42.57
CA VAL B 546 49.92 40.17 42.72
C VAL B 546 48.88 40.98 43.48
N MET B 547 49.32 41.68 44.53
CA MET B 547 48.40 42.38 45.41
C MET B 547 48.71 43.87 45.50
N SER B 548 47.73 44.70 45.15
CA SER B 548 47.78 46.14 45.44
C SER B 548 49.08 46.84 45.02
N GLY B 549 49.53 46.61 43.79
CA GLY B 549 50.74 47.25 43.30
C GLY B 549 50.41 48.54 42.56
N ASN B 550 51.43 49.21 42.05
CA ASN B 550 51.20 50.43 41.28
C ASN B 550 51.46 50.18 39.78
N LYS B 551 50.82 50.96 38.92
CA LYS B 551 50.96 50.79 37.49
C LYS B 551 52.38 51.06 37.01
N ASP B 552 53.14 51.77 37.83
CA ASP B 552 54.51 52.17 37.48
C ASP B 552 55.49 51.00 37.49
N GLU B 553 55.05 49.87 38.03
CA GLU B 553 55.91 48.71 38.19
C GLU B 553 55.85 47.77 36.99
N GLY B 554 54.87 48.00 36.11
CA GLY B 554 54.69 47.18 34.93
C GLY B 554 54.17 45.79 35.27
N ILE B 555 53.89 44.98 34.25
CA ILE B 555 53.39 43.63 34.46
C ILE B 555 54.41 42.79 35.23
N LEU B 556 53.92 41.94 36.13
CA LEU B 556 54.79 41.12 36.94
C LEU B 556 54.57 39.63 36.66
N LEU B 557 53.30 39.23 36.61
CA LEU B 557 52.97 37.83 36.37
C LEU B 557 51.96 37.68 35.24
N GLY B 558 52.47 37.60 34.01
CA GLY B 558 51.64 37.36 32.85
C GLY B 558 50.74 38.52 32.47
N ASN B 559 49.43 38.31 32.61
CA ASN B 559 48.43 39.26 32.16
C ASN B 559 48.43 40.57 32.94
N VAL B 560 47.97 40.50 34.18
CA VAL B 560 47.67 41.68 34.98
C VAL B 560 48.87 42.57 35.30
N LYS B 561 48.73 43.86 34.98
CA LYS B 561 49.63 44.87 35.50
C LYS B 561 48.95 45.47 36.73
N PRO B 562 49.72 45.67 37.81
CA PRO B 562 49.18 45.93 39.15
C PRO B 562 48.49 47.28 39.32
N HIS B 563 47.33 47.26 39.97
CA HIS B 563 46.69 48.49 40.46
C HIS B 563 46.30 48.31 41.92
N LYS B 564 45.54 49.25 42.46
CA LYS B 564 45.29 49.28 43.91
C LYS B 564 44.15 48.34 44.30
N LEU B 565 44.40 47.51 45.32
CA LEU B 565 43.44 46.52 45.77
C LEU B 565 43.28 46.52 47.30
N PRO B 566 42.11 46.08 47.79
CA PRO B 566 41.87 45.96 49.24
C PRO B 566 42.80 44.98 49.93
N GLN B 567 42.78 44.98 51.26
CA GLN B 567 43.63 44.09 52.04
C GLN B 567 43.22 42.64 51.88
N GLY B 568 44.11 41.83 51.32
CA GLY B 568 43.87 40.40 51.18
C GLY B 568 43.51 39.97 49.78
N ARG B 569 43.28 40.94 48.90
CA ARG B 569 42.87 40.64 47.54
C ARG B 569 44.03 40.72 46.56
N GLY B 570 44.00 39.88 45.54
CA GLY B 570 45.04 39.86 44.53
C GLY B 570 44.65 39.08 43.28
N TYR B 571 45.52 39.10 42.27
CA TYR B 571 45.27 38.39 41.02
C TYR B 571 46.06 37.08 40.92
N PHE B 572 45.35 35.97 41.03
CA PHE B 572 45.96 34.64 41.01
C PHE B 572 46.25 34.17 39.58
N VAL B 573 47.50 33.78 39.32
CA VAL B 573 47.88 33.32 37.98
C VAL B 573 48.47 31.91 37.98
N GLU B 574 48.19 31.17 36.91
CA GLU B 574 48.77 29.84 36.71
C GLU B 574 49.11 29.65 35.24
N ARG B 575 49.83 28.57 34.94
CA ARG B 575 50.16 28.24 33.55
C ARG B 575 48.92 27.73 32.82
N ARG B 576 47.91 27.36 33.59
CA ARG B 576 46.71 26.74 33.03
C ARG B 576 45.46 27.61 33.18
N SER B 577 45.14 27.98 34.42
CA SER B 577 43.87 28.64 34.73
C SER B 577 43.81 30.09 34.24
N GLY B 578 44.93 30.62 33.75
CA GLY B 578 44.98 32.00 33.31
C GLY B 578 45.16 32.96 34.46
N THR B 579 44.39 34.05 34.47
CA THR B 579 44.48 35.05 35.52
C THR B 579 43.13 35.28 36.19
N ARG B 580 43.05 34.93 37.48
CA ARG B 580 41.82 35.08 38.25
C ARG B 580 41.96 36.04 39.41
N LEU B 581 40.93 36.85 39.63
CA LEU B 581 40.86 37.72 40.78
C LEU B 581 40.29 36.96 41.98
N ILE B 582 41.10 36.80 43.02
CA ILE B 582 40.68 36.06 44.20
C ILE B 582 40.76 36.88 45.47
N GLN B 583 40.27 36.30 46.56
CA GLN B 583 40.32 36.94 47.87
C GLN B 583 40.84 35.95 48.91
N THR B 584 42.04 36.20 49.42
CA THR B 584 42.65 35.31 50.39
C THR B 584 41.96 35.40 51.76
N ALA B 585 42.09 34.33 52.55
CA ALA B 585 41.46 34.27 53.85
C ALA B 585 42.34 34.87 54.94
N TYR B 586 41.73 35.26 56.05
CA TYR B 586 42.45 35.86 57.17
C TYR B 586 42.56 34.91 58.35
N ARG B 587 43.79 34.59 58.74
CA ARG B 587 44.03 33.73 59.89
C ARG B 587 44.12 34.57 61.16
N GLU B 588 43.22 34.29 62.11
CA GLU B 588 43.14 35.06 63.35
C GLU B 588 44.42 34.94 64.19
N SER B 589 45.19 36.02 64.24
CA SER B 589 46.44 36.09 64.99
C SER B 589 47.39 34.95 64.63
N TRP C 36 4.32 -5.58 38.09
CA TRP C 36 4.57 -4.87 36.85
C TRP C 36 6.07 -4.72 36.60
N LEU C 37 6.85 -4.80 37.67
CA LEU C 37 8.28 -4.55 37.59
C LEU C 37 9.14 -5.81 37.42
N PRO C 38 9.01 -6.80 38.32
CA PRO C 38 9.90 -7.95 38.16
C PRO C 38 9.56 -8.76 36.91
N PRO C 39 10.54 -9.51 36.36
CA PRO C 39 10.32 -10.28 35.14
C PRO C 39 9.30 -11.41 35.31
N LEU C 40 8.91 -12.02 34.20
CA LEU C 40 7.92 -13.08 34.21
C LEU C 40 8.55 -14.44 34.54
N ASP C 41 8.05 -15.09 35.60
CA ASP C 41 8.50 -16.44 35.94
C ASP C 41 7.34 -17.32 36.41
N VAL C 42 6.42 -16.74 37.17
CA VAL C 42 5.26 -17.51 37.65
C VAL C 42 4.03 -17.17 36.81
N PRO C 43 3.40 -18.19 36.22
CA PRO C 43 2.26 -18.00 35.33
C PRO C 43 1.00 -17.63 36.10
N PRO C 44 0.10 -16.86 35.47
CA PRO C 44 -1.18 -16.52 36.08
C PRO C 44 -2.20 -17.65 35.91
N THR C 45 -3.25 -17.64 36.72
CA THR C 45 -4.35 -18.56 36.53
C THR C 45 -5.51 -17.79 35.92
N LEU C 46 -6.43 -18.49 35.29
CA LEU C 46 -7.53 -17.82 34.59
C LEU C 46 -8.46 -17.09 35.54
N ASP C 47 -8.44 -17.48 36.81
CA ASP C 47 -9.26 -16.79 37.80
C ASP C 47 -8.67 -15.43 38.11
N GLU C 48 -7.35 -15.29 37.94
CA GLU C 48 -6.66 -14.03 38.18
C GLU C 48 -6.94 -13.04 37.05
N LEU C 49 -6.90 -13.54 35.81
CA LEU C 49 -7.04 -12.70 34.64
C LEU C 49 -8.48 -12.29 34.38
N LEU C 50 -9.41 -13.07 34.92
CA LEU C 50 -10.83 -12.81 34.73
C LEU C 50 -11.44 -12.10 35.93
N PRO C 51 -12.55 -11.39 35.71
CA PRO C 51 -13.36 -10.85 36.81
C PRO C 51 -13.83 -11.95 37.74
N PRO C 52 -14.25 -11.60 38.98
CA PRO C 52 -14.75 -12.60 39.92
C PRO C 52 -15.82 -13.50 39.31
N LEU C 53 -15.57 -14.80 39.30
CA LEU C 53 -16.47 -15.76 38.68
C LEU C 53 -17.52 -16.27 39.67
N SER C 54 -18.67 -16.66 39.14
CA SER C 54 -19.79 -17.10 39.97
C SER C 54 -20.74 -17.99 39.18
N PRO C 55 -21.43 -18.92 39.87
CA PRO C 55 -22.44 -19.75 39.23
C PRO C 55 -23.66 -18.93 38.82
N SER C 56 -24.23 -19.24 37.66
CA SER C 56 -25.37 -18.46 37.17
C SER C 56 -26.26 -19.27 36.24
N ALA C 57 -27.46 -19.58 36.72
CA ALA C 57 -28.46 -20.22 35.86
C ALA C 57 -29.15 -19.15 35.02
N ALA C 58 -29.14 -19.32 33.70
CA ALA C 58 -28.52 -20.49 33.07
C ALA C 58 -27.40 -20.09 32.12
N HIS C 59 -26.33 -19.52 32.66
CA HIS C 59 -25.14 -19.20 31.88
C HIS C 59 -23.92 -19.95 32.41
N GLY C 60 -24.15 -20.77 33.43
CA GLY C 60 -23.10 -21.59 33.99
C GLY C 60 -22.12 -20.82 34.85
N TYR C 61 -21.00 -21.45 35.18
CA TYR C 61 -19.97 -20.81 35.98
C TYR C 61 -19.20 -19.81 35.11
N THR C 62 -19.65 -18.56 35.13
CA THR C 62 -19.09 -17.55 34.25
C THR C 62 -19.04 -16.17 34.93
N ALA C 63 -18.68 -15.16 34.14
CA ALA C 63 -18.74 -13.79 34.60
C ALA C 63 -20.16 -13.26 34.44
N ASP C 64 -20.98 -13.48 35.46
CA ASP C 64 -22.41 -13.18 35.40
C ASP C 64 -22.69 -11.71 35.12
N GLY C 65 -23.17 -11.43 33.92
CA GLY C 65 -23.59 -10.08 33.55
C GLY C 65 -22.48 -9.17 33.06
N TRP C 66 -21.35 -9.77 32.69
CA TRP C 66 -20.23 -8.98 32.16
C TRP C 66 -20.53 -8.57 30.72
N GLU C 67 -20.04 -7.40 30.32
CA GLU C 67 -20.31 -6.89 28.98
C GLU C 67 -19.41 -7.53 27.93
N TRP C 68 -18.47 -8.35 28.37
CA TRP C 68 -17.57 -9.04 27.44
C TRP C 68 -17.81 -10.54 27.41
N ARG C 69 -18.91 -10.98 28.04
CA ARG C 69 -19.28 -12.38 28.00
C ARG C 69 -20.02 -12.70 26.71
N GLY C 70 -19.63 -13.77 26.04
CA GLY C 70 -20.26 -14.17 24.79
C GLY C 70 -19.82 -13.31 23.62
N ARG C 71 -18.74 -12.56 23.82
CA ARG C 71 -18.23 -11.67 22.78
C ARG C 71 -17.08 -12.33 22.01
N LEU C 72 -16.94 -13.64 22.18
CA LEU C 72 -15.88 -14.42 21.53
C LEU C 72 -14.48 -13.89 21.84
N HIS C 73 -14.34 -13.24 23.01
CA HIS C 73 -13.03 -12.79 23.46
C HIS C 73 -12.49 -13.75 24.52
N ALA C 74 -11.18 -13.98 24.49
CA ALA C 74 -10.55 -14.92 25.41
C ALA C 74 -9.20 -14.41 25.89
N VAL C 75 -8.99 -14.46 27.21
CA VAL C 75 -7.72 -14.05 27.79
C VAL C 75 -6.83 -15.29 27.98
N VAL C 76 -5.57 -15.20 27.59
CA VAL C 76 -4.68 -16.36 27.60
C VAL C 76 -3.40 -16.15 28.42
N GLY C 77 -3.13 -14.92 28.82
CA GLY C 77 -1.95 -14.65 29.63
C GLY C 77 -1.66 -13.18 29.89
N LEU C 78 -0.47 -12.89 30.39
CA LEU C 78 -0.05 -11.53 30.71
C LEU C 78 1.11 -11.06 29.83
N VAL C 79 0.93 -9.93 29.15
CA VAL C 79 2.00 -9.34 28.37
C VAL C 79 2.86 -8.43 29.23
N ASP C 80 4.10 -8.21 28.82
CA ASP C 80 5.02 -7.36 29.58
C ASP C 80 5.23 -6.03 28.85
N ARG C 81 4.88 -4.95 29.53
CA ARG C 81 5.10 -3.60 29.00
C ARG C 81 6.02 -2.83 29.93
N PRO C 82 7.33 -3.14 29.89
CA PRO C 82 8.29 -2.58 30.84
C PRO C 82 8.49 -1.08 30.67
N PHE C 83 8.45 -0.61 29.42
CA PHE C 83 8.61 0.81 29.12
C PHE C 83 7.49 1.64 29.74
N ASP C 84 6.27 1.13 29.64
CA ASP C 84 5.10 1.85 30.16
C ASP C 84 4.82 1.51 31.62
N GLN C 85 5.74 0.75 32.23
CA GLN C 85 5.61 0.34 33.62
C GLN C 85 4.29 -0.36 33.90
N ARG C 86 3.82 -1.15 32.94
CA ARG C 86 2.52 -1.80 33.06
C ARG C 86 2.59 -3.31 32.84
N ARG C 87 1.59 -4.01 33.36
CA ARG C 87 1.46 -5.45 33.16
C ARG C 87 0.04 -5.76 32.70
N ASP C 88 -0.17 -5.78 31.40
CA ASP C 88 -1.51 -5.94 30.83
C ASP C 88 -1.78 -7.39 30.43
N PRO C 89 -3.06 -7.80 30.45
CA PRO C 89 -3.46 -9.15 30.02
C PRO C 89 -3.55 -9.29 28.51
N TYR C 90 -3.41 -10.51 28.02
CA TYR C 90 -3.45 -10.80 26.58
C TYR C 90 -4.83 -11.30 26.17
N TRP C 91 -5.55 -10.49 25.39
CA TRP C 91 -6.88 -10.88 24.91
C TRP C 91 -6.88 -11.18 23.42
N LEU C 92 -7.87 -11.95 22.98
CA LEU C 92 -7.99 -12.33 21.58
C LEU C 92 -9.38 -12.02 21.02
N ASP C 93 -9.43 -11.40 19.86
CA ASP C 93 -10.70 -11.07 19.21
C ASP C 93 -11.01 -12.06 18.10
N LEU C 94 -11.77 -13.10 18.44
CA LEU C 94 -12.07 -14.17 17.51
C LEU C 94 -13.48 -14.05 16.91
N SER C 95 -14.00 -12.82 16.90
CA SER C 95 -15.33 -12.58 16.35
C SER C 95 -15.27 -12.19 14.88
N GLY C 96 -14.09 -11.75 14.44
CA GLY C 96 -13.91 -11.29 13.07
C GLY C 96 -13.07 -12.22 12.22
N GLY C 97 -12.31 -11.64 11.30
CA GLY C 97 -11.48 -12.41 10.39
C GLY C 97 -10.26 -13.00 11.04
N ALA C 98 -9.98 -12.58 12.27
CA ALA C 98 -8.86 -13.11 13.03
C ALA C 98 -9.31 -14.29 13.90
N GLY C 99 -10.37 -14.95 13.47
CA GLY C 99 -10.95 -16.06 14.22
C GLY C 99 -10.06 -17.30 14.28
N HIS C 100 -9.40 -17.60 13.18
CA HIS C 100 -8.52 -18.77 13.12
C HIS C 100 -7.28 -18.56 13.99
N VAL C 101 -6.87 -19.62 14.68
CA VAL C 101 -5.78 -19.53 15.64
C VAL C 101 -4.63 -20.49 15.30
N GLY C 102 -3.40 -19.98 15.38
CA GLY C 102 -2.22 -20.78 15.12
C GLY C 102 -1.24 -20.78 16.28
N VAL C 103 -0.57 -21.90 16.49
CA VAL C 103 0.38 -22.05 17.60
C VAL C 103 1.65 -22.78 17.17
N ALA C 104 2.80 -22.22 17.53
CA ALA C 104 4.09 -22.85 17.22
C ALA C 104 5.04 -22.79 18.41
N GLY C 105 5.90 -23.79 18.52
CA GLY C 105 6.87 -23.86 19.60
C GLY C 105 7.62 -25.18 19.61
N GLY C 106 8.80 -25.20 20.23
CA GLY C 106 9.61 -26.40 20.27
C GLY C 106 9.08 -27.44 21.24
N PRO C 107 9.85 -28.51 21.45
CA PRO C 107 9.50 -29.56 22.42
C PRO C 107 9.48 -29.02 23.85
N GLN C 108 8.45 -29.37 24.62
CA GLN C 108 8.32 -28.92 26.00
C GLN C 108 8.33 -27.39 26.13
N THR C 109 7.56 -26.73 25.27
CA THR C 109 7.52 -25.27 25.25
C THR C 109 6.19 -24.75 25.81
N GLY C 110 5.14 -25.54 25.66
CA GLY C 110 3.84 -25.19 26.21
C GLY C 110 2.75 -25.12 25.17
N LYS C 111 2.93 -25.83 24.07
CA LYS C 111 1.94 -25.83 23.00
C LYS C 111 0.62 -26.45 23.46
N SER C 112 0.72 -27.56 24.18
CA SER C 112 -0.45 -28.30 24.62
C SER C 112 -1.22 -27.59 25.73
N THR C 113 -0.50 -26.93 26.63
CA THR C 113 -1.13 -26.21 27.74
C THR C 113 -1.83 -24.94 27.27
N MET C 114 -1.25 -24.26 26.29
CA MET C 114 -1.85 -23.07 25.71
C MET C 114 -3.19 -23.42 25.05
N LEU C 115 -3.23 -24.57 24.37
CA LEU C 115 -4.46 -25.04 23.77
C LEU C 115 -5.51 -25.32 24.84
N ARG C 116 -5.08 -25.86 25.96
CA ARG C 116 -5.97 -26.14 27.08
C ARG C 116 -6.55 -24.86 27.67
N THR C 117 -5.75 -23.81 27.74
CA THR C 117 -6.20 -22.53 28.29
C THR C 117 -7.18 -21.84 27.35
N LEU C 118 -6.88 -21.84 26.06
CA LEU C 118 -7.72 -21.19 25.05
C LEU C 118 -9.14 -21.76 25.06
N ILE C 119 -9.24 -23.07 25.28
CA ILE C 119 -10.53 -23.72 25.40
C ILE C 119 -11.19 -23.37 26.74
N THR C 120 -10.42 -23.49 27.82
CA THR C 120 -10.94 -23.23 29.16
C THR C 120 -11.36 -21.77 29.32
N SER C 121 -10.55 -20.85 28.78
CA SER C 121 -10.86 -19.43 28.83
C SER C 121 -12.15 -19.13 28.09
N LEU C 122 -12.33 -19.77 26.94
CA LEU C 122 -13.55 -19.63 26.16
C LEU C 122 -14.73 -20.28 26.87
N ALA C 123 -14.47 -21.42 27.51
CA ALA C 123 -15.52 -22.17 28.20
C ALA C 123 -16.02 -21.44 29.45
N LEU C 124 -15.21 -20.52 29.96
CA LEU C 124 -15.56 -19.75 31.15
C LEU C 124 -16.34 -18.49 30.81
N LEU C 125 -16.26 -18.07 29.55
CA LEU C 125 -16.95 -16.85 29.12
C LEU C 125 -18.04 -17.17 28.08
N HIS C 126 -18.30 -18.45 27.87
CA HIS C 126 -19.32 -18.87 26.91
C HIS C 126 -20.05 -20.12 27.37
N THR C 127 -21.30 -20.25 26.94
CA THR C 127 -22.10 -21.43 27.23
C THR C 127 -21.99 -22.43 26.08
N PRO C 128 -22.14 -23.73 26.37
CA PRO C 128 -22.03 -24.78 25.35
C PRO C 128 -22.98 -24.59 24.16
N GLN C 129 -24.02 -23.79 24.32
CA GLN C 129 -24.93 -23.48 23.23
C GLN C 129 -24.29 -22.47 22.27
N GLU C 130 -23.30 -21.75 22.78
CA GLU C 130 -22.64 -20.69 22.01
C GLU C 130 -21.37 -21.18 21.33
N VAL C 131 -20.63 -22.05 21.99
CA VAL C 131 -19.40 -22.61 21.42
C VAL C 131 -19.29 -24.11 21.64
N GLN C 132 -18.65 -24.79 20.69
CA GLN C 132 -18.42 -26.22 20.81
C GLN C 132 -16.97 -26.56 20.45
N PHE C 133 -16.48 -27.68 20.98
CA PHE C 133 -15.10 -28.08 20.74
C PHE C 133 -14.98 -29.52 20.28
N TYR C 134 -14.10 -29.76 19.32
CA TYR C 134 -13.81 -31.11 18.83
C TYR C 134 -12.30 -31.23 18.63
N CYS C 135 -11.68 -32.14 19.38
CA CYS C 135 -10.23 -32.16 19.47
C CYS C 135 -9.58 -33.39 18.82
N LEU C 136 -8.44 -33.14 18.19
CA LEU C 136 -7.59 -34.19 17.62
C LEU C 136 -6.22 -34.12 18.26
N ASP C 137 -6.02 -34.87 19.34
CA ASP C 137 -4.79 -34.79 20.11
C ASP C 137 -3.68 -35.64 19.50
N PHE C 138 -2.55 -34.99 19.20
CA PHE C 138 -1.38 -35.70 18.68
C PHE C 138 -0.12 -35.31 19.43
N GLY C 139 -0.23 -34.29 20.29
CA GLY C 139 0.93 -33.78 20.98
C GLY C 139 0.88 -33.89 22.49
N GLY C 140 0.65 -35.10 23.00
CA GLY C 140 0.67 -35.32 24.43
C GLY C 140 -0.47 -36.17 24.96
N GLY C 141 -1.59 -36.19 24.24
CA GLY C 141 -2.76 -36.92 24.68
C GLY C 141 -3.31 -36.34 25.97
N THR C 142 -3.14 -35.03 26.12
CA THR C 142 -3.47 -34.35 27.37
C THR C 142 -4.77 -33.55 27.26
N LEU C 143 -5.31 -33.45 26.05
CA LEU C 143 -6.57 -32.74 25.84
C LEU C 143 -7.76 -33.60 26.23
N ALA C 144 -7.49 -34.87 26.53
CA ALA C 144 -8.53 -35.80 26.95
C ALA C 144 -9.00 -35.47 28.37
N GLY C 145 -8.21 -34.66 29.07
CA GLY C 145 -8.57 -34.21 30.41
C GLY C 145 -9.61 -33.11 30.38
N LEU C 146 -9.96 -32.65 29.18
CA LEU C 146 -10.98 -31.63 29.00
C LEU C 146 -12.22 -32.20 28.34
N ALA C 147 -12.25 -33.52 28.18
CA ALA C 147 -13.36 -34.19 27.52
C ALA C 147 -14.64 -34.09 28.34
N GLU C 148 -14.50 -34.06 29.65
CA GLU C 148 -15.65 -34.03 30.56
C GLU C 148 -16.33 -32.66 30.57
N LEU C 149 -15.75 -31.69 29.87
CA LEU C 149 -16.36 -30.38 29.74
C LEU C 149 -17.63 -30.46 28.89
N PRO C 150 -18.64 -29.66 29.24
CA PRO C 150 -19.89 -29.62 28.46
C PRO C 150 -19.68 -28.97 27.10
N HIS C 151 -18.59 -28.23 26.95
CA HIS C 151 -18.29 -27.55 25.70
C HIS C 151 -17.61 -28.48 24.70
N VAL C 152 -16.95 -29.51 25.21
CA VAL C 152 -16.21 -30.44 24.37
C VAL C 152 -17.07 -31.62 23.95
N GLY C 153 -17.24 -31.79 22.64
CA GLY C 153 -18.03 -32.87 22.10
C GLY C 153 -17.24 -34.16 21.90
N SER C 154 -15.99 -34.02 21.48
CA SER C 154 -15.16 -35.19 21.20
C SER C 154 -13.66 -34.91 21.34
N VAL C 155 -12.93 -35.87 21.87
CA VAL C 155 -11.48 -35.81 21.92
C VAL C 155 -10.88 -37.10 21.39
N ALA C 156 -10.36 -37.05 20.17
CA ALA C 156 -9.75 -38.22 19.56
C ALA C 156 -8.23 -38.23 19.80
N THR C 157 -7.70 -39.39 20.16
CA THR C 157 -6.26 -39.51 20.38
C THR C 157 -5.57 -40.05 19.13
N ARG C 158 -4.33 -40.48 19.28
CA ARG C 158 -3.53 -40.94 18.15
C ARG C 158 -4.08 -42.23 17.54
N LEU C 159 -4.64 -43.10 18.37
CA LEU C 159 -5.12 -44.39 17.91
C LEU C 159 -6.65 -44.44 17.78
N ASP C 160 -7.29 -43.28 17.92
CA ASP C 160 -8.72 -43.17 17.68
C ASP C 160 -8.99 -42.80 16.22
N ALA C 161 -8.31 -43.49 15.32
CA ALA C 161 -8.32 -43.17 13.89
C ALA C 161 -9.72 -43.13 13.28
N ASP C 162 -10.60 -43.99 13.78
CA ASP C 162 -11.97 -44.03 13.28
C ASP C 162 -12.70 -42.75 13.67
N ARG C 163 -12.46 -42.28 14.89
CA ARG C 163 -13.06 -41.03 15.37
C ARG C 163 -12.44 -39.82 14.69
N ILE C 164 -11.17 -39.92 14.35
CA ILE C 164 -10.43 -38.82 13.72
C ILE C 164 -11.02 -38.42 12.38
N ARG C 165 -11.15 -39.37 11.45
CA ARG C 165 -11.69 -39.09 10.13
C ARG C 165 -13.16 -38.67 10.21
N ARG C 166 -13.88 -39.28 11.14
CA ARG C 166 -15.31 -39.01 11.29
C ARG C 166 -15.55 -37.62 11.89
N THR C 167 -14.62 -37.16 12.71
CA THR C 167 -14.74 -35.86 13.36
C THR C 167 -14.74 -34.72 12.34
N VAL C 168 -13.71 -34.70 11.50
CA VAL C 168 -13.58 -33.68 10.46
C VAL C 168 -14.73 -33.77 9.46
N ALA C 169 -15.15 -35.00 9.17
CA ALA C 169 -16.18 -35.26 8.17
C ALA C 169 -17.52 -34.60 8.52
N GLU C 170 -17.84 -34.54 9.81
CA GLU C 170 -19.11 -33.97 10.24
C GLU C 170 -19.03 -32.44 10.29
N VAL C 171 -17.86 -31.91 10.65
CA VAL C 171 -17.65 -30.47 10.67
C VAL C 171 -17.72 -29.93 9.25
N SER C 172 -17.08 -30.65 8.32
CA SER C 172 -17.13 -30.30 6.91
C SER C 172 -18.56 -30.40 6.38
N ALA C 173 -19.31 -31.37 6.90
CA ALA C 173 -20.70 -31.56 6.51
C ALA C 173 -21.55 -30.39 7.00
N LEU C 174 -21.14 -29.80 8.13
CA LEU C 174 -21.85 -28.67 8.71
C LEU C 174 -21.56 -27.38 7.94
N LEU C 175 -20.36 -27.30 7.37
CA LEU C 175 -19.93 -26.12 6.64
C LEU C 175 -20.83 -25.81 5.45
N GLU C 176 -20.84 -26.71 4.47
CA GLU C 176 -21.67 -26.57 3.28
C GLU C 176 -23.15 -26.48 3.67
N GLN C 177 -23.50 -27.22 4.71
CA GLN C 177 -24.86 -27.19 5.26
C GLN C 177 -25.28 -25.78 5.63
N ARG C 178 -24.37 -25.03 6.26
CA ARG C 178 -24.65 -23.66 6.64
C ARG C 178 -24.53 -22.70 5.47
N GLU C 179 -23.62 -22.99 4.55
CA GLU C 179 -23.51 -22.22 3.31
C GLU C 179 -24.82 -22.32 2.55
N GLN C 180 -25.43 -23.50 2.61
CA GLN C 180 -26.74 -23.73 2.03
C GLN C 180 -27.81 -23.07 2.89
N GLU C 181 -27.60 -23.10 4.21
CA GLU C 181 -28.59 -22.61 5.17
C GLU C 181 -28.60 -21.09 5.28
N PHE C 182 -27.42 -20.49 5.42
CA PHE C 182 -27.30 -19.05 5.59
C PHE C 182 -27.74 -18.29 4.34
N THR C 183 -27.40 -18.83 3.18
CA THR C 183 -27.77 -18.19 1.92
C THR C 183 -29.28 -18.19 1.73
N GLU C 184 -29.92 -19.32 2.02
CA GLU C 184 -31.35 -19.47 1.77
C GLU C 184 -32.22 -18.86 2.88
N ARG C 185 -31.60 -18.55 4.02
CA ARG C 185 -32.29 -17.86 5.10
C ARG C 185 -31.88 -16.40 5.11
N GLY C 186 -32.58 -15.59 5.91
CA GLY C 186 -32.27 -14.17 6.01
C GLY C 186 -30.97 -13.90 6.74
N ILE C 187 -29.90 -14.55 6.30
CA ILE C 187 -28.61 -14.46 6.96
C ILE C 187 -27.53 -13.95 6.01
N ASP C 188 -26.90 -12.85 6.37
CA ASP C 188 -25.82 -12.27 5.58
C ASP C 188 -24.46 -12.61 6.16
N SER C 189 -24.37 -12.60 7.49
CA SER C 189 -23.12 -12.90 8.19
C SER C 189 -23.37 -13.69 9.46
N MET C 190 -22.29 -14.20 10.04
CA MET C 190 -22.35 -15.00 11.27
C MET C 190 -22.80 -14.15 12.45
N ALA C 191 -22.39 -12.88 12.48
CA ALA C 191 -22.74 -11.97 13.56
C ALA C 191 -24.25 -11.75 13.64
N THR C 192 -24.90 -11.75 12.48
CA THR C 192 -26.35 -11.65 12.41
C THR C 192 -26.98 -12.94 12.94
N TYR C 193 -26.36 -14.07 12.58
CA TYR C 193 -26.84 -15.39 13.00
C TYR C 193 -26.72 -15.58 14.50
N ARG C 194 -25.62 -15.09 15.08
CA ARG C 194 -25.41 -15.17 16.52
C ARG C 194 -26.42 -14.32 17.27
N ARG C 195 -26.85 -13.23 16.64
CA ARG C 195 -27.82 -12.32 17.24
C ARG C 195 -29.19 -12.97 17.36
N LEU C 196 -29.57 -13.72 16.32
CA LEU C 196 -30.88 -14.37 16.30
C LEU C 196 -30.98 -15.48 17.33
N ARG C 197 -29.88 -16.18 17.56
CA ARG C 197 -29.83 -17.22 18.57
C ARG C 197 -29.70 -16.63 19.96
N ALA C 198 -29.31 -15.36 20.02
CA ALA C 198 -29.22 -14.64 21.29
C ALA C 198 -30.63 -14.29 21.78
N THR C 199 -31.59 -14.31 20.86
CA THR C 199 -32.99 -14.15 21.21
C THR C 199 -33.42 -15.35 22.04
N GLY C 200 -32.80 -16.50 21.78
CA GLY C 200 -33.05 -17.70 22.54
C GLY C 200 -34.17 -18.55 21.96
N GLU C 201 -35.01 -17.95 21.14
CA GLU C 201 -36.17 -18.65 20.60
C GLU C 201 -36.10 -18.79 19.07
N TYR C 202 -34.89 -18.68 18.53
CA TYR C 202 -34.65 -18.97 17.13
C TYR C 202 -33.93 -20.30 17.00
N ALA C 203 -34.50 -21.21 16.22
CA ALA C 203 -33.94 -22.54 16.06
C ALA C 203 -32.76 -22.52 15.08
N GLY C 204 -31.57 -22.71 15.63
CA GLY C 204 -30.37 -22.82 14.80
C GLY C 204 -30.19 -24.22 14.29
N ASP C 205 -28.99 -24.53 13.79
CA ASP C 205 -28.69 -25.86 13.31
C ASP C 205 -28.13 -26.74 14.42
N GLY C 206 -28.45 -26.39 15.67
CA GLY C 206 -28.01 -27.15 16.82
C GLY C 206 -26.61 -26.79 17.29
N PHE C 207 -25.94 -25.95 16.51
CA PHE C 207 -24.58 -25.54 16.82
C PHE C 207 -24.46 -24.03 17.00
N GLY C 208 -23.31 -23.59 17.50
CA GLY C 208 -23.01 -22.18 17.60
C GLY C 208 -21.71 -21.89 16.88
N ASP C 209 -20.67 -21.52 17.62
CA ASP C 209 -19.35 -21.36 17.05
C ASP C 209 -18.54 -22.64 17.24
N VAL C 210 -18.22 -23.30 16.13
CA VAL C 210 -17.53 -24.58 16.16
C VAL C 210 -16.02 -24.42 16.03
N PHE C 211 -15.28 -25.11 16.90
CA PHE C 211 -13.83 -25.04 16.88
C PHE C 211 -13.19 -26.41 16.66
N LEU C 212 -12.52 -26.58 15.53
CA LEU C 212 -11.78 -27.81 15.25
C LEU C 212 -10.32 -27.64 15.70
N VAL C 213 -9.88 -28.51 16.59
CA VAL C 213 -8.57 -28.36 17.22
C VAL C 213 -7.64 -29.56 16.99
N VAL C 214 -6.43 -29.27 16.52
CA VAL C 214 -5.38 -30.28 16.43
C VAL C 214 -4.14 -29.82 17.19
N ASP C 215 -3.37 -30.78 17.71
CA ASP C 215 -2.21 -30.46 18.53
C ASP C 215 -0.92 -30.48 17.71
N ASN C 216 -0.78 -31.48 16.84
CA ASN C 216 0.39 -31.60 15.99
C ASN C 216 0.00 -31.68 14.53
N TRP C 217 -0.03 -30.53 13.86
CA TRP C 217 -0.46 -30.45 12.46
C TRP C 217 0.48 -31.24 11.55
N LEU C 218 1.73 -31.40 11.98
CA LEU C 218 2.69 -32.21 11.26
C LEU C 218 2.23 -33.66 11.21
N THR C 219 1.84 -34.19 12.37
CA THR C 219 1.39 -35.56 12.49
C THR C 219 0.11 -35.79 11.67
N LEU C 220 -0.75 -34.78 11.62
CA LEU C 220 -1.98 -34.87 10.82
C LEU C 220 -1.64 -34.92 9.34
N ARG C 221 -0.62 -34.17 8.94
CA ARG C 221 -0.22 -34.14 7.54
C ARG C 221 0.64 -35.36 7.20
N GLN C 222 1.16 -36.01 8.23
CA GLN C 222 1.96 -37.22 8.05
C GLN C 222 1.10 -38.47 7.89
N ASP C 223 0.21 -38.70 8.86
CA ASP C 223 -0.58 -39.92 8.91
C ASP C 223 -1.94 -39.81 8.24
N TYR C 224 -2.45 -38.58 8.16
CA TYR C 224 -3.77 -38.35 7.56
C TYR C 224 -3.72 -37.22 6.55
N GLU C 225 -2.89 -37.37 5.52
CA GLU C 225 -2.68 -36.33 4.53
C GLU C 225 -3.94 -36.02 3.71
N ALA C 226 -4.92 -36.91 3.78
CA ALA C 226 -6.20 -36.68 3.11
C ALA C 226 -7.04 -35.68 3.89
N LEU C 227 -6.73 -35.54 5.18
CA LEU C 227 -7.46 -34.61 6.04
C LEU C 227 -6.92 -33.19 5.90
N GLU C 228 -5.68 -33.08 5.46
CA GLU C 228 -5.07 -31.78 5.18
C GLU C 228 -5.87 -31.01 4.14
N ASP C 229 -6.39 -31.74 3.16
CA ASP C 229 -7.17 -31.16 2.08
C ASP C 229 -8.50 -30.60 2.58
N SER C 230 -9.19 -31.40 3.41
CA SER C 230 -10.52 -31.05 3.88
C SER C 230 -10.51 -29.91 4.89
N ILE C 231 -9.62 -30.00 5.88
CA ILE C 231 -9.55 -29.01 6.94
C ILE C 231 -9.14 -27.64 6.40
N THR C 232 -8.26 -27.63 5.42
CA THR C 232 -7.78 -26.39 4.81
C THR C 232 -8.93 -25.59 4.21
N GLN C 233 -9.85 -26.28 3.54
CA GLN C 233 -11.01 -25.63 2.95
C GLN C 233 -11.93 -25.07 4.02
N LEU C 234 -11.95 -25.71 5.19
CA LEU C 234 -12.74 -25.23 6.32
C LEU C 234 -12.22 -23.89 6.82
N ALA C 235 -10.90 -23.70 6.73
CA ALA C 235 -10.27 -22.47 7.20
C ALA C 235 -10.52 -21.31 6.23
N ALA C 236 -10.62 -21.64 4.95
CA ALA C 236 -10.77 -20.62 3.90
C ALA C 236 -12.13 -19.94 3.93
N ARG C 237 -13.19 -20.74 3.84
CA ARG C 237 -14.55 -20.21 3.68
C ARG C 237 -15.42 -20.39 4.91
N GLY C 238 -14.93 -21.13 5.90
CA GLY C 238 -15.73 -21.46 7.06
C GLY C 238 -15.83 -20.40 8.13
N LEU C 239 -14.88 -19.47 8.14
CA LEU C 239 -14.83 -18.44 9.17
C LEU C 239 -16.03 -17.48 9.10
N GLY C 240 -16.60 -17.35 7.91
CA GLY C 240 -17.76 -16.49 7.71
C GLY C 240 -19.05 -17.21 8.07
N TYR C 241 -18.96 -18.51 8.32
CA TYR C 241 -20.13 -19.31 8.67
C TYR C 241 -20.03 -19.88 10.07
N GLY C 242 -19.10 -19.35 10.87
CA GLY C 242 -19.00 -19.70 12.27
C GLY C 242 -18.06 -20.84 12.61
N ILE C 243 -17.41 -21.39 11.59
CA ILE C 243 -16.49 -22.51 11.82
C ILE C 243 -15.04 -22.00 11.92
N HIS C 244 -14.40 -22.28 13.06
CA HIS C 244 -13.03 -21.84 13.30
C HIS C 244 -12.07 -23.02 13.31
N VAL C 245 -10.79 -22.74 13.13
CA VAL C 245 -9.76 -23.77 13.24
C VAL C 245 -8.65 -23.36 14.21
N VAL C 246 -8.29 -24.27 15.10
CA VAL C 246 -7.23 -24.03 16.05
C VAL C 246 -6.15 -25.09 15.87
N LEU C 247 -5.10 -24.75 15.13
CA LEU C 247 -4.09 -25.72 14.72
C LEU C 247 -2.74 -25.41 15.35
N SER C 248 -1.97 -26.47 15.66
CA SER C 248 -0.66 -26.30 16.28
C SER C 248 0.38 -27.27 15.73
N SER C 249 1.63 -26.81 15.69
CA SER C 249 2.76 -27.65 15.30
C SER C 249 4.05 -27.03 15.83
N ASN C 250 5.17 -27.68 15.61
CA ASN C 250 6.44 -27.20 16.18
C ASN C 250 7.02 -25.99 15.47
N LYS C 251 6.92 -25.96 14.14
CA LYS C 251 7.44 -24.84 13.37
C LYS C 251 6.47 -24.45 12.26
N TRP C 252 6.50 -23.17 11.88
CA TRP C 252 5.58 -22.63 10.90
C TRP C 252 5.79 -23.21 9.50
N SER C 253 6.99 -23.73 9.25
CA SER C 253 7.29 -24.34 7.97
C SER C 253 6.53 -25.65 7.78
N GLU C 254 6.13 -26.25 8.90
CA GLU C 254 5.31 -27.46 8.87
C GLU C 254 3.88 -27.10 8.49
N PHE C 255 3.56 -25.81 8.55
CA PHE C 255 2.32 -25.30 7.96
C PHE C 255 2.59 -24.88 6.53
N ARG C 256 1.76 -25.33 5.59
CA ARG C 256 1.86 -24.87 4.22
C ARG C 256 1.44 -23.40 4.16
N THR C 257 2.10 -22.64 3.29
CA THR C 257 1.82 -21.21 3.17
C THR C 257 0.41 -20.97 2.62
N SER C 258 -0.16 -22.02 2.04
CA SER C 258 -1.53 -21.99 1.53
C SER C 258 -2.54 -21.79 2.66
N ILE C 259 -2.24 -22.34 3.83
CA ILE C 259 -3.12 -22.24 4.98
C ILE C 259 -2.54 -21.31 6.05
N ARG C 260 -1.22 -21.13 6.02
CA ARG C 260 -0.52 -20.31 7.00
C ARG C 260 -1.04 -18.87 7.02
N ASP C 261 -1.44 -18.36 5.86
CA ASP C 261 -1.93 -17.00 5.75
C ASP C 261 -3.38 -16.87 6.22
N LEU C 262 -4.01 -18.00 6.53
CA LEU C 262 -5.39 -18.01 7.00
C LEU C 262 -5.45 -17.93 8.52
N LEU C 263 -4.35 -18.29 9.16
CA LEU C 263 -4.25 -18.26 10.63
C LEU C 263 -4.17 -16.82 11.12
N GLY C 264 -5.34 -16.18 11.24
CA GLY C 264 -5.41 -14.76 11.57
C GLY C 264 -4.81 -14.38 12.92
N THR C 265 -4.90 -15.30 13.89
CA THR C 265 -4.38 -15.04 15.23
C THR C 265 -3.27 -16.03 15.56
N LYS C 266 -2.03 -15.63 15.32
CA LYS C 266 -0.89 -16.51 15.57
C LYS C 266 -0.29 -16.31 16.95
N LEU C 267 -0.15 -17.41 17.68
CA LEU C 267 0.44 -17.39 19.02
C LEU C 267 1.80 -18.09 19.01
N GLU C 268 2.85 -17.29 18.92
CA GLU C 268 4.20 -17.83 18.79
C GLU C 268 4.91 -17.96 20.14
N LEU C 269 5.38 -19.17 20.43
CA LEU C 269 6.15 -19.43 21.65
C LEU C 269 7.63 -19.53 21.33
N ARG C 270 8.40 -20.05 22.28
CA ARG C 270 9.82 -20.30 22.06
C ARG C 270 10.01 -21.40 21.02
N LEU C 271 10.71 -21.07 19.94
CA LEU C 271 10.91 -22.04 18.86
C LEU C 271 12.33 -22.00 18.33
N GLY C 272 12.85 -23.17 17.96
CA GLY C 272 14.15 -23.28 17.34
C GLY C 272 14.14 -22.56 16.01
N ASP C 273 15.31 -22.07 15.59
CA ASP C 273 15.42 -21.25 14.39
C ASP C 273 14.47 -20.05 14.47
N PRO C 274 14.83 -19.05 15.29
CA PRO C 274 13.96 -17.92 15.62
C PRO C 274 13.54 -17.05 14.44
N TYR C 275 14.41 -16.86 13.45
CA TYR C 275 14.06 -16.03 12.31
C TYR C 275 13.06 -16.72 11.40
N GLU C 276 12.75 -17.97 11.71
CA GLU C 276 11.55 -18.62 11.18
C GLU C 276 10.37 -18.18 12.04
N SER C 277 9.92 -16.95 11.83
CA SER C 277 8.90 -16.35 12.68
C SER C 277 7.89 -15.53 11.90
N GLU C 278 6.73 -15.30 12.51
CA GLU C 278 5.65 -14.54 11.88
C GLU C 278 5.46 -13.19 12.55
N VAL C 279 6.15 -12.97 13.68
CA VAL C 279 6.10 -11.67 14.35
C VAL C 279 7.40 -10.89 14.09
N ASP C 280 8.53 -11.40 14.55
CA ASP C 280 9.84 -10.84 14.23
C ASP C 280 10.95 -11.81 14.64
N ARG C 281 12.16 -11.53 14.18
CA ARG C 281 13.30 -12.39 14.45
C ARG C 281 14.15 -11.84 15.59
N LYS C 282 14.06 -10.52 15.79
CA LYS C 282 14.88 -9.84 16.77
C LYS C 282 14.57 -10.25 18.21
N LYS C 283 13.29 -10.25 18.56
CA LYS C 283 12.88 -10.56 19.92
C LYS C 283 12.64 -12.05 20.14
N ALA C 284 12.43 -12.79 19.06
CA ALA C 284 12.11 -14.21 19.16
C ALA C 284 13.25 -15.02 19.77
N ALA C 285 14.47 -14.50 19.66
CA ALA C 285 15.64 -15.18 20.22
C ALA C 285 15.78 -14.89 21.71
N ASN C 286 15.14 -13.82 22.16
CA ASN C 286 15.19 -13.44 23.57
C ASN C 286 14.20 -14.22 24.42
N VAL C 287 13.33 -14.98 23.76
CA VAL C 287 12.38 -15.83 24.45
C VAL C 287 13.13 -16.96 25.15
N PRO C 288 13.01 -17.04 26.48
CA PRO C 288 13.77 -17.93 27.36
C PRO C 288 13.85 -19.39 26.90
N GLU C 289 15.01 -19.99 27.10
CA GLU C 289 15.23 -21.39 26.75
C GLU C 289 14.81 -22.29 27.91
N ASN C 290 14.08 -23.36 27.60
CA ASN C 290 13.59 -24.30 28.61
C ASN C 290 12.77 -23.63 29.70
N ARG C 291 12.11 -22.54 29.36
CA ARG C 291 11.15 -21.90 30.27
C ARG C 291 9.80 -21.83 29.57
N PRO C 292 8.97 -22.87 29.77
CA PRO C 292 7.72 -23.07 29.04
C PRO C 292 6.65 -22.02 29.35
N GLY C 293 5.81 -21.73 28.38
CA GLY C 293 4.74 -20.75 28.56
C GLY C 293 5.08 -19.40 27.95
N ARG C 294 6.38 -19.13 27.83
CA ARG C 294 6.85 -17.86 27.30
C ARG C 294 6.68 -17.78 25.78
N GLY C 295 6.27 -16.61 25.30
CA GLY C 295 6.03 -16.41 23.88
C GLY C 295 6.06 -14.95 23.47
N LEU C 296 5.58 -14.68 22.26
CA LEU C 296 5.59 -13.33 21.71
C LEU C 296 4.22 -12.96 21.13
N THR C 297 3.79 -11.74 21.39
CA THR C 297 2.49 -11.28 20.89
C THR C 297 2.59 -10.79 19.45
N ARG C 298 1.45 -10.47 18.85
CA ARG C 298 1.41 -9.99 17.48
C ARG C 298 2.04 -8.62 17.35
N ASP C 299 1.89 -7.79 18.38
CA ASP C 299 2.45 -6.46 18.38
C ASP C 299 3.93 -6.47 18.75
N GLY C 300 4.40 -7.60 19.26
CA GLY C 300 5.81 -7.78 19.55
C GLY C 300 6.21 -7.51 20.99
N TYR C 301 5.66 -8.28 21.91
CA TYR C 301 5.99 -8.16 23.33
C TYR C 301 6.10 -9.53 23.98
N HIS C 302 6.92 -9.64 25.01
CA HIS C 302 7.07 -10.89 25.74
C HIS C 302 5.88 -11.12 26.67
N PHE C 303 5.34 -12.33 26.66
CA PHE C 303 4.23 -12.67 27.53
C PHE C 303 4.37 -14.08 28.11
N LEU C 304 3.61 -14.35 29.17
CA LEU C 304 3.62 -15.66 29.81
C LEU C 304 2.23 -16.28 29.79
N THR C 305 2.14 -17.51 29.30
CA THR C 305 0.86 -18.20 29.16
C THR C 305 0.27 -18.56 30.52
N ALA C 306 -1.03 -18.34 30.67
CA ALA C 306 -1.73 -18.66 31.91
C ALA C 306 -1.91 -20.16 32.07
N LEU C 307 -2.36 -20.58 33.26
CA LEU C 307 -2.67 -21.99 33.49
C LEU C 307 -4.17 -22.23 33.29
N PRO C 308 -4.53 -23.39 32.71
CA PRO C 308 -5.93 -23.69 32.43
C PRO C 308 -6.70 -24.09 33.68
N ARG C 309 -6.68 -23.24 34.70
CA ARG C 309 -7.32 -23.55 35.97
C ARG C 309 -7.93 -22.33 36.64
N ILE C 310 -8.85 -22.56 37.57
CA ILE C 310 -9.42 -21.50 38.38
C ILE C 310 -9.13 -21.74 39.86
N ASP C 311 -8.28 -22.73 40.11
CA ASP C 311 -7.94 -23.14 41.47
C ASP C 311 -7.27 -22.01 42.25
N GLY C 312 -6.29 -21.38 41.63
CA GLY C 312 -5.53 -20.33 42.27
C GLY C 312 -4.10 -20.76 42.58
N ASP C 313 -3.85 -22.05 42.42
CA ASP C 313 -2.51 -22.60 42.64
C ASP C 313 -1.64 -22.36 41.42
N THR C 314 -0.68 -21.45 41.55
CA THR C 314 0.16 -21.05 40.43
C THR C 314 1.17 -22.13 40.04
N SER C 315 1.33 -23.13 40.90
CA SER C 315 2.26 -24.23 40.64
C SER C 315 1.79 -25.11 39.49
N ALA C 316 2.74 -25.62 38.72
CA ALA C 316 2.41 -26.51 37.60
C ALA C 316 2.63 -27.96 37.99
N GLU C 317 3.14 -28.18 39.20
CA GLU C 317 3.36 -29.53 39.72
C GLU C 317 2.05 -30.09 40.24
N THR C 318 1.05 -29.23 40.34
CA THR C 318 -0.29 -29.63 40.74
C THR C 318 -1.30 -29.24 39.66
N LEU C 319 -0.85 -29.26 38.41
CA LEU C 319 -1.66 -28.82 37.29
C LEU C 319 -2.80 -29.79 36.98
N THR C 320 -2.47 -31.06 36.80
CA THR C 320 -3.46 -32.08 36.45
C THR C 320 -4.58 -32.16 37.50
N GLU C 321 -4.20 -32.01 38.75
CA GLU C 321 -5.17 -32.03 39.86
C GLU C 321 -6.02 -30.76 39.83
N GLY C 322 -5.49 -29.71 39.24
CA GLY C 322 -6.16 -28.43 39.20
C GLY C 322 -7.13 -28.29 38.04
N ILE C 323 -6.85 -29.01 36.96
CA ILE C 323 -7.72 -28.99 35.78
C ILE C 323 -8.98 -29.80 36.03
N ALA C 324 -8.83 -30.90 36.77
CA ALA C 324 -9.96 -31.78 37.08
C ALA C 324 -11.01 -31.03 37.90
N THR C 325 -10.56 -30.30 38.90
CA THR C 325 -11.46 -29.54 39.76
C THR C 325 -12.04 -28.34 39.02
N THR C 326 -11.36 -27.93 37.95
CA THR C 326 -11.83 -26.82 37.12
C THR C 326 -12.91 -27.30 36.16
N VAL C 327 -12.68 -28.44 35.55
CA VAL C 327 -13.66 -29.05 34.65
C VAL C 327 -14.92 -29.44 35.43
N LYS C 328 -14.71 -29.99 36.63
CA LYS C 328 -15.80 -30.40 37.50
C LYS C 328 -16.75 -29.24 37.78
N THR C 329 -16.19 -28.07 38.05
CA THR C 329 -16.97 -26.89 38.37
C THR C 329 -17.79 -26.41 37.19
N ILE C 330 -17.16 -26.31 36.02
CA ILE C 330 -17.84 -25.86 34.81
C ILE C 330 -18.96 -26.81 34.42
N ARG C 331 -18.76 -28.10 34.68
CA ARG C 331 -19.76 -29.10 34.35
C ARG C 331 -20.91 -29.08 35.36
N GLU C 332 -20.57 -28.99 36.65
CA GLU C 332 -21.57 -28.99 37.71
C GLU C 332 -22.47 -27.77 37.67
N ALA C 333 -21.95 -26.68 37.13
CA ALA C 333 -22.70 -25.42 37.09
C ALA C 333 -23.52 -25.29 35.82
N TRP C 334 -23.41 -26.27 34.94
CA TRP C 334 -24.17 -26.27 33.69
C TRP C 334 -25.14 -27.45 33.65
N HIS C 335 -26.42 -27.14 33.46
CA HIS C 335 -27.46 -28.17 33.48
C HIS C 335 -28.22 -28.25 32.16
N GLY C 336 -27.94 -27.32 31.26
CA GLY C 336 -28.58 -27.30 29.95
C GLY C 336 -28.01 -28.33 29.00
N PRO C 337 -28.29 -28.17 27.69
CA PRO C 337 -27.79 -29.10 26.67
C PRO C 337 -26.28 -29.02 26.49
N THR C 338 -25.65 -30.10 26.06
CA THR C 338 -24.21 -30.14 25.90
C THR C 338 -23.82 -30.12 24.43
N ALA C 339 -22.53 -30.36 24.16
CA ALA C 339 -22.02 -30.35 22.80
C ALA C 339 -22.38 -31.64 22.07
N PRO C 340 -22.90 -31.51 20.85
CA PRO C 340 -23.26 -32.66 20.00
C PRO C 340 -22.06 -33.54 19.71
N PRO C 341 -22.16 -34.84 20.02
CA PRO C 341 -21.06 -35.79 19.82
C PRO C 341 -20.79 -36.09 18.35
N VAL C 342 -19.60 -36.60 18.05
CA VAL C 342 -19.26 -36.98 16.68
C VAL C 342 -19.91 -38.32 16.34
N ARG C 343 -20.81 -38.30 15.35
CA ARG C 343 -21.57 -39.49 14.98
C ARG C 343 -20.69 -40.57 14.36
N MET C 344 -20.24 -41.52 15.18
CA MET C 344 -19.50 -42.67 14.69
C MET C 344 -20.42 -43.58 13.88
N LEU C 345 -19.85 -44.34 12.96
CA LEU C 345 -20.64 -45.26 12.16
C LEU C 345 -20.95 -46.52 12.98
N PRO C 346 -22.22 -46.97 12.94
CA PRO C 346 -22.72 -48.07 13.77
C PRO C 346 -21.97 -49.37 13.58
N ASN C 347 -21.72 -50.08 14.68
CA ASN C 347 -21.13 -51.41 14.62
C ASN C 347 -22.14 -52.41 14.07
N VAL C 348 -23.39 -52.25 14.50
CA VAL C 348 -24.49 -53.06 13.99
C VAL C 348 -25.54 -52.17 13.36
N LEU C 349 -25.67 -52.24 12.04
CA LEU C 349 -26.61 -51.40 11.31
C LEU C 349 -27.86 -52.18 10.93
N PRO C 350 -28.99 -51.85 11.58
CA PRO C 350 -30.28 -52.48 11.24
C PRO C 350 -30.67 -52.20 9.78
N ALA C 351 -30.95 -53.25 9.03
CA ALA C 351 -31.28 -53.12 7.61
C ALA C 351 -32.60 -52.41 7.40
N ALA C 352 -33.39 -52.29 8.47
CA ALA C 352 -34.66 -51.59 8.42
C ALA C 352 -34.45 -50.08 8.25
N GLN C 353 -33.32 -49.60 8.75
CA GLN C 353 -32.99 -48.17 8.65
C GLN C 353 -32.72 -47.77 7.21
N LEU C 354 -32.24 -48.72 6.41
CA LEU C 354 -32.01 -48.48 4.99
C LEU C 354 -33.31 -48.14 4.27
N PRO C 355 -33.22 -47.33 3.19
CA PRO C 355 -34.39 -46.95 2.41
C PRO C 355 -35.18 -48.15 1.92
N SER C 356 -36.50 -48.11 2.08
CA SER C 356 -37.36 -49.22 1.65
C SER C 356 -37.47 -49.29 0.13
N ALA C 357 -38.36 -50.15 -0.35
CA ALA C 357 -38.53 -50.35 -1.79
C ALA C 357 -39.07 -49.09 -2.48
N ALA C 358 -39.96 -48.38 -1.81
CA ALA C 358 -40.59 -47.21 -2.39
C ALA C 358 -39.67 -45.99 -2.41
N GLU C 359 -38.54 -46.08 -1.72
CA GLU C 359 -37.67 -44.93 -1.56
C GLU C 359 -36.54 -44.87 -2.59
N SER C 360 -36.08 -46.04 -3.04
CA SER C 360 -34.88 -46.11 -3.86
C SER C 360 -35.11 -46.71 -5.24
N GLY C 361 -36.21 -47.45 -5.40
CA GLY C 361 -36.52 -48.09 -6.66
C GLY C 361 -35.55 -49.21 -7.00
N THR C 362 -35.05 -49.23 -8.23
CA THR C 362 -34.12 -50.26 -8.66
C THR C 362 -32.84 -50.29 -7.84
N ARG C 363 -32.24 -49.12 -7.62
CA ARG C 363 -31.03 -49.02 -6.82
C ARG C 363 -31.31 -49.50 -5.40
N ILE C 364 -30.51 -50.46 -4.92
CA ILE C 364 -30.72 -51.02 -3.59
C ILE C 364 -29.57 -50.71 -2.64
N PRO C 365 -29.90 -50.25 -1.42
CA PRO C 365 -28.89 -49.88 -0.42
C PRO C 365 -28.22 -51.09 0.22
N ILE C 366 -26.93 -50.98 0.51
CA ILE C 366 -26.21 -52.05 1.18
C ILE C 366 -25.53 -51.52 2.45
N GLY C 367 -25.80 -50.26 2.78
CA GLY C 367 -25.25 -49.66 3.99
C GLY C 367 -24.97 -48.18 3.85
N ILE C 368 -24.09 -47.68 4.72
CA ILE C 368 -23.73 -46.26 4.71
C ILE C 368 -22.21 -46.08 4.78
N ASP C 369 -21.72 -44.98 4.21
CA ASP C 369 -20.29 -44.72 4.15
C ASP C 369 -19.81 -43.84 5.32
N GLU C 370 -18.50 -43.83 5.54
CA GLU C 370 -17.92 -43.09 6.65
C GLU C 370 -17.97 -41.57 6.43
N ASP C 371 -17.85 -41.16 5.17
CA ASP C 371 -17.74 -39.75 4.82
C ASP C 371 -18.97 -38.94 5.22
N SER C 372 -20.07 -39.14 4.51
CA SER C 372 -21.27 -38.33 4.73
C SER C 372 -22.40 -39.10 5.39
N LEU C 373 -22.13 -40.37 5.71
CA LEU C 373 -23.12 -41.29 6.27
C LEU C 373 -24.35 -41.38 5.36
N SER C 374 -24.12 -41.35 4.05
CA SER C 374 -25.19 -41.44 3.07
C SER C 374 -25.41 -42.89 2.66
N PRO C 375 -26.66 -43.26 2.33
CA PRO C 375 -26.97 -44.62 1.90
C PRO C 375 -26.18 -45.02 0.65
N VAL C 376 -25.48 -46.16 0.73
CA VAL C 376 -24.70 -46.66 -0.39
C VAL C 376 -25.51 -47.64 -1.23
N TYR C 377 -25.90 -47.22 -2.43
CA TYR C 377 -26.80 -48.02 -3.25
C TYR C 377 -26.06 -48.90 -4.27
N LEU C 378 -26.74 -49.95 -4.71
CA LEU C 378 -26.25 -50.80 -5.79
C LEU C 378 -27.25 -50.79 -6.96
N ASP C 379 -26.72 -50.61 -8.16
CA ASP C 379 -27.56 -50.62 -9.35
C ASP C 379 -27.01 -51.63 -10.36
N PHE C 380 -27.75 -52.70 -10.60
CA PHE C 380 -27.28 -53.75 -11.50
C PHE C 380 -27.50 -53.40 -12.96
N ASN C 381 -28.30 -52.36 -13.21
CA ASN C 381 -28.49 -51.85 -14.57
C ASN C 381 -27.29 -51.02 -15.00
N THR C 382 -26.76 -50.24 -14.08
CA THR C 382 -25.53 -49.46 -14.29
C THR C 382 -24.32 -50.37 -14.48
N ASP C 383 -24.15 -51.34 -13.57
CA ASP C 383 -23.09 -52.33 -13.64
C ASP C 383 -23.60 -53.74 -13.29
N PRO C 384 -23.47 -54.69 -14.24
CA PRO C 384 -24.10 -56.01 -14.17
C PRO C 384 -23.65 -56.90 -13.01
N HIS C 385 -22.39 -56.80 -12.59
CA HIS C 385 -21.86 -57.74 -11.60
C HIS C 385 -21.57 -57.13 -10.24
N PHE C 386 -21.13 -57.98 -9.32
CA PHE C 386 -20.76 -57.57 -7.97
C PHE C 386 -19.81 -58.61 -7.38
N LEU C 387 -18.96 -58.18 -6.45
CA LEU C 387 -17.94 -59.07 -5.90
C LEU C 387 -17.61 -58.72 -4.46
N VAL C 388 -17.29 -59.74 -3.66
CA VAL C 388 -17.00 -59.53 -2.23
C VAL C 388 -15.80 -60.35 -1.76
N PHE C 389 -14.85 -59.68 -1.12
CA PHE C 389 -13.70 -60.35 -0.51
C PHE C 389 -13.69 -60.13 1.01
N GLY C 390 -13.49 -61.21 1.75
CA GLY C 390 -13.45 -61.14 3.20
C GLY C 390 -12.98 -62.44 3.83
N ASP C 391 -12.66 -62.38 5.12
CA ASP C 391 -12.20 -63.58 5.84
C ASP C 391 -13.29 -64.12 6.75
N THR C 392 -12.91 -65.07 7.61
CA THR C 392 -13.85 -65.84 8.43
C THR C 392 -14.82 -64.97 9.23
N GLU C 393 -16.12 -65.21 9.00
CA GLU C 393 -17.20 -64.57 9.74
C GLU C 393 -17.15 -63.04 9.72
N CYS C 394 -16.76 -62.48 8.58
CA CYS C 394 -16.71 -61.04 8.44
C CYS C 394 -18.07 -60.48 8.02
N GLY C 395 -18.88 -61.33 7.39
CA GLY C 395 -20.22 -60.96 7.01
C GLY C 395 -20.52 -61.04 5.53
N LYS C 396 -19.93 -62.02 4.86
CA LYS C 396 -20.16 -62.22 3.43
C LYS C 396 -21.58 -62.76 3.20
N SER C 397 -21.89 -63.84 3.90
CA SER C 397 -23.16 -64.52 3.75
C SER C 397 -24.34 -63.61 4.08
N ASN C 398 -24.15 -62.76 5.09
CA ASN C 398 -25.16 -61.79 5.47
C ASN C 398 -25.39 -60.77 4.37
N LEU C 399 -24.30 -60.31 3.74
CA LEU C 399 -24.39 -59.33 2.68
C LEU C 399 -25.12 -59.89 1.47
N LEU C 400 -24.80 -61.12 1.10
CA LEU C 400 -25.43 -61.79 -0.02
C LEU C 400 -26.94 -61.95 0.20
N ARG C 401 -27.31 -62.29 1.43
CA ARG C 401 -28.72 -62.41 1.79
C ARG C 401 -29.42 -61.06 1.69
N LEU C 402 -28.68 -60.00 2.01
CA LEU C 402 -29.23 -58.65 1.98
C LEU C 402 -29.42 -58.16 0.54
N ILE C 403 -28.43 -58.43 -0.30
CA ILE C 403 -28.53 -58.09 -1.72
C ILE C 403 -29.70 -58.82 -2.36
N THR C 404 -29.78 -60.12 -2.09
CA THR C 404 -30.84 -60.96 -2.62
C THR C 404 -32.21 -60.49 -2.17
N ALA C 405 -32.35 -60.26 -0.86
CA ALA C 405 -33.61 -59.78 -0.30
C ALA C 405 -33.98 -58.43 -0.89
N GLY C 406 -32.97 -57.65 -1.26
CA GLY C 406 -33.18 -56.38 -1.93
C GLY C 406 -33.73 -56.60 -3.33
N ILE C 407 -33.12 -57.54 -4.06
CA ILE C 407 -33.56 -57.87 -5.40
C ILE C 407 -35.01 -58.37 -5.40
N ILE C 408 -35.33 -59.21 -4.41
CA ILE C 408 -36.66 -59.79 -4.30
C ILE C 408 -37.75 -58.75 -4.06
N GLU C 409 -37.52 -57.87 -3.08
CA GLU C 409 -38.52 -56.87 -2.70
C GLU C 409 -38.72 -55.83 -3.81
N ARG C 410 -37.71 -55.67 -4.65
CA ARG C 410 -37.74 -54.65 -5.70
C ARG C 410 -38.22 -55.22 -7.04
N TYR C 411 -37.77 -56.42 -7.39
CA TYR C 411 -38.12 -57.03 -8.67
C TYR C 411 -39.27 -58.04 -8.53
N THR C 412 -39.60 -58.68 -9.65
CA THR C 412 -40.62 -59.72 -9.68
C THR C 412 -40.06 -60.96 -10.37
N PRO C 413 -40.66 -62.14 -10.12
CA PRO C 413 -40.14 -63.37 -10.73
C PRO C 413 -40.19 -63.39 -12.26
N GLN C 414 -40.90 -62.43 -12.86
CA GLN C 414 -40.97 -62.34 -14.32
C GLN C 414 -39.96 -61.32 -14.84
N GLN C 415 -39.53 -60.40 -13.97
CA GLN C 415 -38.53 -59.41 -14.33
C GLN C 415 -37.12 -59.95 -14.11
N ALA C 416 -36.97 -60.80 -13.10
CA ALA C 416 -35.68 -61.39 -12.77
C ALA C 416 -35.82 -62.76 -12.13
N ARG C 417 -34.80 -63.59 -12.30
CA ARG C 417 -34.79 -64.93 -11.72
C ARG C 417 -33.49 -65.17 -10.95
N LEU C 418 -33.53 -66.12 -10.02
CA LEU C 418 -32.39 -66.38 -9.15
C LEU C 418 -31.88 -67.81 -9.25
N ILE C 419 -30.56 -67.96 -9.25
CA ILE C 419 -29.92 -69.27 -9.18
C ILE C 419 -28.74 -69.24 -8.22
N PHE C 420 -28.82 -70.05 -7.18
CA PHE C 420 -27.81 -70.03 -6.12
C PHE C 420 -26.82 -71.19 -6.24
N ILE C 421 -25.54 -70.87 -6.06
CA ILE C 421 -24.52 -71.90 -5.97
C ILE C 421 -24.00 -71.93 -4.52
N ASP C 422 -24.82 -72.50 -3.63
CA ASP C 422 -24.52 -72.49 -2.20
C ASP C 422 -24.06 -73.87 -1.73
N TYR C 423 -22.75 -74.08 -1.71
CA TYR C 423 -22.18 -75.35 -1.26
C TYR C 423 -22.38 -75.57 0.24
N SER C 424 -22.36 -74.46 1.00
CA SER C 424 -22.43 -74.53 2.45
C SER C 424 -23.86 -74.34 2.98
N ARG C 425 -24.78 -74.00 2.08
CA ARG C 425 -26.19 -73.84 2.41
C ARG C 425 -26.41 -72.82 3.53
N SER C 426 -26.13 -71.56 3.22
CA SER C 426 -26.30 -70.48 4.19
C SER C 426 -27.27 -69.42 3.66
N LEU C 427 -27.68 -69.57 2.41
CA LEU C 427 -28.64 -68.65 1.80
C LEU C 427 -30.01 -69.28 1.74
N LEU C 428 -30.35 -70.07 2.76
CA LEU C 428 -31.61 -70.81 2.80
C LEU C 428 -32.81 -69.90 3.02
N ASP C 429 -32.56 -68.70 3.54
CA ASP C 429 -33.64 -67.78 3.88
C ASP C 429 -34.12 -66.99 2.66
N VAL C 430 -33.33 -67.02 1.59
CA VAL C 430 -33.63 -66.23 0.40
C VAL C 430 -33.86 -67.08 -0.84
N ALA C 431 -33.79 -68.41 -0.67
CA ALA C 431 -33.93 -69.32 -1.79
C ALA C 431 -35.33 -69.93 -1.88
N THR C 432 -36.17 -69.63 -0.89
CA THR C 432 -37.52 -70.19 -0.85
C THR C 432 -38.50 -69.37 -1.66
N THR C 433 -38.01 -68.28 -2.25
CA THR C 433 -38.85 -67.41 -3.07
C THR C 433 -39.11 -68.04 -4.43
N GLU C 434 -40.13 -67.57 -5.12
CA GLU C 434 -40.48 -68.11 -6.43
C GLU C 434 -39.52 -67.58 -7.51
N HIS C 435 -38.72 -66.58 -7.14
CA HIS C 435 -37.69 -66.07 -8.03
C HIS C 435 -36.60 -67.11 -8.22
N GLN C 436 -36.52 -68.06 -7.28
CA GLN C 436 -35.52 -69.11 -7.31
C GLN C 436 -35.80 -70.09 -8.45
N ILE C 437 -34.73 -70.61 -9.04
CA ILE C 437 -34.84 -71.56 -10.14
C ILE C 437 -33.95 -72.77 -9.90
N GLY C 438 -32.68 -72.52 -9.61
CA GLY C 438 -31.73 -73.58 -9.34
C GLY C 438 -31.05 -73.42 -8.01
N TYR C 439 -30.53 -74.53 -7.47
CA TYR C 439 -29.85 -74.52 -6.19
C TYR C 439 -28.82 -75.63 -6.11
N ALA C 440 -27.55 -75.27 -6.24
CA ALA C 440 -26.48 -76.26 -6.27
C ALA C 440 -25.78 -76.36 -4.92
N ALA C 441 -25.84 -77.55 -4.32
CA ALA C 441 -25.15 -77.81 -3.07
C ALA C 441 -23.96 -78.75 -3.30
N SER C 442 -23.66 -78.99 -4.58
CA SER C 442 -22.57 -79.87 -4.96
C SER C 442 -22.05 -79.53 -6.35
N SER C 443 -20.83 -79.98 -6.65
CA SER C 443 -20.23 -79.74 -7.96
C SER C 443 -20.99 -80.48 -9.05
N THR C 444 -21.70 -81.53 -8.64
CA THR C 444 -22.53 -82.31 -9.56
C THR C 444 -23.72 -81.50 -10.04
N ALA C 445 -24.49 -80.98 -9.09
CA ALA C 445 -25.69 -80.22 -9.42
C ALA C 445 -25.34 -78.85 -10.02
N ALA C 446 -24.13 -78.38 -9.73
CA ALA C 446 -23.66 -77.10 -10.28
C ALA C 446 -23.40 -77.23 -11.78
N SER C 447 -22.80 -78.34 -12.16
CA SER C 447 -22.53 -78.63 -13.57
C SER C 447 -23.83 -78.77 -14.34
N SER C 448 -24.85 -79.28 -13.66
CA SER C 448 -26.17 -79.44 -14.25
C SER C 448 -26.88 -78.10 -14.39
N LEU C 449 -26.40 -77.11 -13.64
CA LEU C 449 -26.98 -75.77 -13.69
C LEU C 449 -26.20 -74.89 -14.65
N VAL C 450 -24.89 -75.11 -14.76
CA VAL C 450 -24.07 -74.29 -15.63
C VAL C 450 -24.32 -74.62 -17.11
N ARG C 451 -24.82 -75.83 -17.37
CA ARG C 451 -25.00 -76.29 -18.74
C ARG C 451 -26.23 -75.66 -19.39
N ASP C 452 -27.31 -75.53 -18.63
CA ASP C 452 -28.54 -74.96 -19.16
C ASP C 452 -28.51 -73.44 -19.08
N ILE C 453 -27.68 -72.90 -18.20
CA ILE C 453 -27.46 -71.46 -18.11
C ILE C 453 -26.69 -70.98 -19.32
N LYS C 454 -25.60 -71.68 -19.63
CA LYS C 454 -24.71 -71.34 -20.74
C LYS C 454 -25.48 -71.28 -22.06
N GLY C 455 -26.36 -72.24 -22.26
CA GLY C 455 -27.17 -72.30 -23.47
C GLY C 455 -28.27 -71.28 -23.50
N ALA C 456 -28.82 -70.97 -22.34
CA ALA C 456 -29.93 -70.03 -22.24
C ALA C 456 -29.50 -68.61 -22.53
N MET C 457 -28.25 -68.28 -22.18
CA MET C 457 -27.73 -66.93 -22.38
C MET C 457 -27.14 -66.76 -23.77
N GLU C 458 -26.67 -67.86 -24.36
CA GLU C 458 -26.15 -67.83 -25.72
C GLU C 458 -27.29 -67.64 -26.72
N ALA C 459 -28.50 -68.00 -26.30
CA ALA C 459 -29.70 -67.75 -27.11
C ALA C 459 -30.13 -66.31 -26.97
N ARG C 460 -29.44 -65.57 -26.11
CA ARG C 460 -29.69 -64.16 -25.92
C ARG C 460 -28.53 -63.31 -26.45
N LEU C 461 -27.46 -63.99 -26.86
CA LEU C 461 -26.29 -63.32 -27.40
C LEU C 461 -26.63 -62.52 -28.64
N PRO C 462 -26.33 -61.21 -28.62
CA PRO C 462 -26.66 -60.26 -29.69
C PRO C 462 -25.98 -60.59 -31.01
N PRO C 463 -26.74 -60.56 -32.12
CA PRO C 463 -26.18 -60.70 -33.47
C PRO C 463 -25.62 -59.38 -33.99
N PRO C 464 -24.60 -59.44 -34.86
CA PRO C 464 -23.97 -58.24 -35.42
C PRO C 464 -24.88 -57.48 -36.37
N ASP C 465 -26.02 -58.06 -36.72
CA ASP C 465 -26.93 -57.48 -37.71
C ASP C 465 -28.10 -56.73 -37.07
N LEU C 466 -27.78 -55.78 -36.18
CA LEU C 466 -28.82 -54.99 -35.52
C LEU C 466 -28.41 -53.54 -35.28
N THR C 467 -29.40 -52.65 -35.33
CA THR C 467 -29.20 -51.22 -35.12
C THR C 467 -28.90 -50.91 -33.65
N PRO C 468 -27.94 -50.02 -33.39
CA PRO C 468 -27.60 -49.55 -32.03
C PRO C 468 -28.78 -49.04 -31.22
N GLU C 469 -29.92 -48.79 -31.87
CA GLU C 469 -31.12 -48.34 -31.18
C GLU C 469 -31.64 -49.40 -30.22
N GLN C 470 -31.67 -50.64 -30.69
CA GLN C 470 -32.18 -51.75 -29.87
C GLN C 470 -31.06 -52.44 -29.08
N LEU C 471 -29.82 -52.02 -29.33
CA LEU C 471 -28.69 -52.51 -28.55
C LEU C 471 -28.88 -52.16 -27.08
N ARG C 472 -29.51 -51.00 -26.85
CA ARG C 472 -29.82 -50.54 -25.50
C ARG C 472 -31.20 -51.03 -25.06
N SER C 473 -32.12 -51.15 -26.01
CA SER C 473 -33.48 -51.55 -25.71
C SER C 473 -33.58 -53.05 -25.40
N ARG C 474 -32.72 -53.83 -26.06
CA ARG C 474 -32.69 -55.29 -25.87
C ARG C 474 -34.05 -55.91 -26.14
N SER C 475 -34.52 -55.80 -27.38
CA SER C 475 -35.87 -56.21 -27.73
C SER C 475 -35.92 -57.43 -28.64
N TRP C 476 -34.77 -58.05 -28.91
CA TRP C 476 -34.74 -59.25 -29.74
C TRP C 476 -35.00 -60.49 -28.88
N TRP C 477 -35.17 -60.28 -27.59
CA TRP C 477 -35.59 -61.35 -26.69
C TRP C 477 -36.35 -60.77 -25.50
N THR C 478 -37.35 -61.50 -25.02
CA THR C 478 -38.07 -61.11 -23.82
C THR C 478 -37.80 -62.12 -22.70
N GLY C 479 -38.37 -61.86 -21.52
CA GLY C 479 -38.18 -62.74 -20.39
C GLY C 479 -37.66 -62.00 -19.16
N ALA C 480 -36.77 -62.65 -18.43
CA ALA C 480 -36.23 -62.08 -17.20
C ALA C 480 -34.71 -62.00 -17.22
N GLU C 481 -34.13 -61.44 -16.16
CA GLU C 481 -32.68 -61.37 -16.04
C GLU C 481 -32.20 -62.35 -14.96
N LEU C 482 -31.07 -63.00 -15.23
CA LEU C 482 -30.57 -64.03 -14.33
C LEU C 482 -29.52 -63.51 -13.35
N PHE C 483 -29.76 -63.74 -12.06
CA PHE C 483 -28.80 -63.41 -11.03
C PHE C 483 -28.18 -64.69 -10.47
N LEU C 484 -26.91 -64.93 -10.80
CA LEU C 484 -26.21 -66.11 -10.33
C LEU C 484 -25.43 -65.79 -9.05
N VAL C 485 -25.91 -66.29 -7.91
CA VAL C 485 -25.29 -66.00 -6.62
C VAL C 485 -24.43 -67.15 -6.13
N VAL C 486 -23.17 -66.86 -5.79
CA VAL C 486 -22.25 -67.89 -5.32
C VAL C 486 -21.60 -67.47 -4.00
N ASP C 487 -21.77 -68.29 -2.97
CA ASP C 487 -21.15 -68.04 -1.67
C ASP C 487 -20.06 -69.07 -1.42
N ASP C 488 -19.07 -68.69 -0.60
CA ASP C 488 -17.92 -69.55 -0.31
C ASP C 488 -17.29 -70.05 -1.60
N TYR C 489 -17.00 -69.11 -2.50
CA TYR C 489 -16.55 -69.40 -3.85
C TYR C 489 -15.17 -70.08 -3.90
N GLU C 490 -14.41 -69.95 -2.82
CA GLU C 490 -13.06 -70.49 -2.78
C GLU C 490 -13.03 -72.02 -2.91
N MET C 491 -14.16 -72.66 -2.58
CA MET C 491 -14.26 -74.11 -2.69
C MET C 491 -15.14 -74.49 -3.87
N VAL C 492 -15.46 -73.52 -4.70
CA VAL C 492 -16.18 -73.76 -5.95
C VAL C 492 -15.22 -73.67 -7.11
N ALA C 493 -14.24 -72.76 -6.98
CA ALA C 493 -13.26 -72.53 -8.03
C ALA C 493 -12.06 -73.46 -7.92
N THR C 494 -12.32 -74.71 -7.53
CA THR C 494 -11.27 -75.72 -7.46
C THR C 494 -10.86 -76.14 -8.86
N SER C 495 -10.12 -77.25 -8.95
CA SER C 495 -9.79 -77.82 -10.26
C SER C 495 -11.08 -78.12 -11.02
N ASP C 496 -11.02 -77.98 -12.34
CA ASP C 496 -12.19 -78.03 -13.23
C ASP C 496 -13.41 -77.33 -12.61
N ASN C 497 -13.34 -76.00 -12.55
CA ASN C 497 -14.44 -75.18 -12.04
C ASN C 497 -15.73 -75.46 -12.80
N PRO C 498 -16.79 -75.81 -12.07
CA PRO C 498 -18.10 -76.03 -12.69
C PRO C 498 -18.71 -74.75 -13.27
N LEU C 499 -18.11 -73.60 -12.98
CA LEU C 499 -18.59 -72.34 -13.52
C LEU C 499 -17.61 -71.77 -14.55
N ARG C 500 -16.62 -72.57 -14.92
CA ARG C 500 -15.65 -72.16 -15.93
C ARG C 500 -16.29 -71.88 -17.29
N PRO C 501 -17.25 -72.71 -17.74
CA PRO C 501 -17.90 -72.33 -19.00
C PRO C 501 -18.90 -71.19 -18.83
N LEU C 502 -18.46 -70.07 -18.25
CA LEU C 502 -19.31 -68.89 -18.10
C LEU C 502 -18.49 -67.63 -18.30
N ALA C 503 -17.18 -67.76 -18.12
CA ALA C 503 -16.26 -66.63 -18.25
C ALA C 503 -16.29 -66.03 -19.65
N GLU C 504 -16.64 -66.85 -20.63
CA GLU C 504 -16.64 -66.43 -22.01
C GLU C 504 -17.78 -65.49 -22.35
N LEU C 505 -18.94 -65.70 -21.72
CA LEU C 505 -20.15 -64.99 -22.10
C LEU C 505 -20.60 -63.93 -21.08
N LEU C 506 -19.84 -63.77 -20.00
CA LEU C 506 -20.18 -62.77 -18.99
C LEU C 506 -19.79 -61.31 -19.28
N PRO C 507 -18.83 -61.05 -20.20
CA PRO C 507 -18.58 -59.62 -20.44
C PRO C 507 -19.79 -58.85 -20.97
N GLN C 508 -20.51 -59.42 -21.93
CA GLN C 508 -21.69 -58.75 -22.47
C GLN C 508 -22.92 -59.11 -21.66
N ALA C 509 -22.85 -58.86 -20.36
CA ALA C 509 -23.98 -59.13 -19.46
C ALA C 509 -24.91 -57.92 -19.40
N ARG C 510 -24.59 -56.90 -20.19
CA ARG C 510 -25.36 -55.66 -20.22
C ARG C 510 -26.45 -55.72 -21.28
N ASP C 511 -26.22 -56.51 -22.32
CA ASP C 511 -27.20 -56.72 -23.37
C ASP C 511 -28.10 -57.91 -23.02
N ILE C 512 -27.49 -58.97 -22.52
CA ILE C 512 -28.24 -60.11 -21.98
C ILE C 512 -28.58 -59.83 -20.53
N GLY C 513 -29.20 -60.79 -19.86
CA GLY C 513 -29.64 -60.57 -18.48
C GLY C 513 -28.81 -61.28 -17.42
N LEU C 514 -27.56 -61.57 -17.74
CA LEU C 514 -26.69 -62.30 -16.82
C LEU C 514 -26.14 -61.39 -15.73
N HIS C 515 -26.04 -61.93 -14.52
CA HIS C 515 -25.47 -61.21 -13.38
C HIS C 515 -24.76 -62.17 -12.44
N LEU C 516 -23.56 -61.81 -12.00
CA LEU C 516 -22.80 -62.64 -11.08
C LEU C 516 -22.51 -61.91 -9.77
N ILE C 517 -23.10 -62.41 -8.68
CA ILE C 517 -22.85 -61.86 -7.36
C ILE C 517 -22.05 -62.87 -6.53
N ILE C 518 -20.73 -62.72 -6.52
CA ILE C 518 -19.85 -63.71 -5.93
C ILE C 518 -19.12 -63.19 -4.70
N ALA C 519 -19.00 -64.04 -3.68
CA ALA C 519 -18.24 -63.73 -2.48
C ALA C 519 -17.17 -64.80 -2.24
N ARG C 520 -15.98 -64.37 -1.84
CA ARG C 520 -14.86 -65.30 -1.71
C ARG C 520 -14.09 -65.10 -0.40
N SER C 521 -13.32 -66.11 -0.02
CA SER C 521 -12.47 -66.04 1.17
C SER C 521 -11.13 -65.38 0.84
N MET C 522 -10.40 -64.97 1.87
CA MET C 522 -9.10 -64.33 1.71
C MET C 522 -7.99 -65.36 1.46
N GLY C 523 -8.32 -66.64 1.65
CA GLY C 523 -7.36 -67.71 1.46
C GLY C 523 -6.95 -67.89 0.01
N GLY C 524 -5.76 -67.42 -0.34
CA GLY C 524 -5.26 -67.53 -1.70
C GLY C 524 -6.03 -66.68 -2.67
N ALA C 525 -6.54 -65.55 -2.18
CA ALA C 525 -7.33 -64.64 -3.00
C ALA C 525 -6.49 -63.96 -4.08
N GLY C 526 -5.19 -63.84 -3.82
CA GLY C 526 -4.29 -63.21 -4.76
C GLY C 526 -3.85 -64.16 -5.85
N ARG C 527 -3.93 -65.46 -5.58
CA ARG C 527 -3.54 -66.48 -6.55
C ARG C 527 -4.70 -66.79 -7.49
N ALA C 528 -5.89 -66.95 -6.92
CA ALA C 528 -7.10 -67.17 -7.70
C ALA C 528 -7.67 -65.84 -8.16
N LEU C 529 -6.90 -64.76 -7.96
CA LEU C 529 -7.30 -63.41 -8.33
C LEU C 529 -7.70 -63.33 -9.79
N TYR C 530 -6.81 -63.75 -10.67
CA TYR C 530 -7.12 -63.77 -12.09
C TYR C 530 -7.28 -65.19 -12.62
N GLU C 531 -7.91 -66.03 -11.81
CA GLU C 531 -8.49 -67.26 -12.31
C GLU C 531 -9.56 -66.84 -13.31
N PRO C 532 -9.71 -67.59 -14.41
CA PRO C 532 -10.51 -67.15 -15.57
C PRO C 532 -11.93 -66.66 -15.25
N ILE C 533 -12.43 -66.93 -14.04
CA ILE C 533 -13.79 -66.53 -13.70
C ILE C 533 -13.81 -65.21 -12.91
N ILE C 534 -12.92 -65.10 -11.92
CA ILE C 534 -12.80 -63.87 -11.13
C ILE C 534 -12.17 -62.77 -11.96
N GLN C 535 -11.25 -63.16 -12.84
CA GLN C 535 -10.46 -62.22 -13.64
C GLN C 535 -11.32 -61.25 -14.44
N ARG C 536 -12.25 -61.79 -15.22
CA ARG C 536 -13.05 -60.99 -16.14
C ARG C 536 -14.14 -60.20 -15.43
N ILE C 537 -14.38 -60.50 -14.16
CA ILE C 537 -15.43 -59.82 -13.41
C ILE C 537 -15.01 -58.40 -13.04
N LYS C 538 -13.82 -58.25 -12.48
CA LYS C 538 -13.31 -56.92 -12.18
C LYS C 538 -12.28 -56.47 -13.22
N GLU C 539 -12.19 -57.22 -14.32
CA GLU C 539 -11.60 -56.68 -15.53
C GLU C 539 -12.66 -55.75 -16.09
N MET C 540 -13.89 -55.99 -15.66
CA MET C 540 -15.03 -55.15 -16.02
C MET C 540 -15.21 -54.00 -15.02
N ALA C 541 -14.47 -54.06 -13.92
CA ALA C 541 -14.53 -53.04 -12.88
C ALA C 541 -15.94 -52.85 -12.33
N SER C 542 -16.63 -53.96 -12.09
CA SER C 542 -17.93 -53.93 -11.43
C SER C 542 -17.75 -53.60 -9.95
N PRO C 543 -18.79 -53.07 -9.30
CA PRO C 543 -18.69 -52.72 -7.87
C PRO C 543 -18.24 -53.89 -6.99
N GLY C 544 -17.60 -53.57 -5.87
CA GLY C 544 -17.14 -54.58 -4.94
C GLY C 544 -16.66 -53.99 -3.64
N LEU C 545 -16.29 -54.86 -2.69
CA LEU C 545 -15.76 -54.41 -1.41
C LEU C 545 -14.85 -55.44 -0.75
N VAL C 546 -13.93 -54.97 0.08
CA VAL C 546 -13.00 -55.85 0.80
C VAL C 546 -13.21 -55.74 2.31
N MET C 547 -13.16 -56.87 3.00
CA MET C 547 -13.54 -56.92 4.41
C MET C 547 -12.54 -57.66 5.30
N SER C 548 -11.99 -56.95 6.28
CA SER C 548 -11.25 -57.55 7.40
C SER C 548 -10.18 -58.57 7.03
N GLY C 549 -9.59 -58.44 5.86
CA GLY C 549 -8.58 -59.39 5.40
C GLY C 549 -7.22 -59.18 6.04
N ASN C 550 -6.18 -59.48 5.27
CA ASN C 550 -4.80 -59.28 5.72
C ASN C 550 -3.87 -59.15 4.50
N LYS C 551 -3.00 -58.15 4.54
CA LYS C 551 -2.08 -57.90 3.43
C LYS C 551 -0.99 -58.96 3.39
N ASP C 552 -1.38 -60.18 3.07
CA ASP C 552 -0.45 -61.24 2.70
C ASP C 552 -0.92 -61.83 1.38
N GLU C 553 -1.96 -61.21 0.82
CA GLU C 553 -2.61 -61.68 -0.39
C GLU C 553 -2.61 -60.63 -1.49
N GLY C 554 -2.01 -59.48 -1.20
CA GLY C 554 -1.92 -58.40 -2.17
C GLY C 554 -3.16 -57.55 -2.22
N ILE C 555 -3.05 -56.39 -2.85
CA ILE C 555 -4.21 -55.51 -3.04
C ILE C 555 -5.12 -56.14 -4.09
N LEU C 556 -6.42 -56.04 -3.88
CA LEU C 556 -7.38 -56.76 -4.71
C LEU C 556 -8.23 -55.83 -5.56
N LEU C 557 -9.08 -55.04 -4.89
CA LEU C 557 -10.04 -54.21 -5.59
C LEU C 557 -9.74 -52.72 -5.40
N GLY C 558 -9.74 -51.97 -6.49
CA GLY C 558 -9.52 -50.54 -6.46
C GLY C 558 -8.12 -50.16 -6.01
N ASN C 559 -8.04 -49.36 -4.95
CA ASN C 559 -6.76 -48.89 -4.43
C ASN C 559 -6.69 -48.97 -2.91
N VAL C 560 -6.72 -50.19 -2.39
CA VAL C 560 -6.69 -50.41 -0.95
C VAL C 560 -6.21 -51.84 -0.61
N LYS C 561 -5.39 -51.94 0.42
CA LYS C 561 -4.88 -53.23 0.89
C LYS C 561 -5.67 -53.72 2.10
N PRO C 562 -5.79 -55.05 2.26
CA PRO C 562 -6.56 -55.63 3.36
C PRO C 562 -5.92 -55.43 4.75
N HIS C 563 -6.76 -55.25 5.76
CA HIS C 563 -6.32 -55.19 7.14
C HIS C 563 -7.47 -55.55 8.08
N LYS C 564 -7.15 -55.88 9.33
CA LYS C 564 -8.14 -56.37 10.28
C LYS C 564 -9.25 -55.35 10.56
N LEU C 565 -10.47 -55.70 10.13
CA LEU C 565 -11.63 -54.85 10.33
C LEU C 565 -12.69 -55.57 11.16
N PRO C 566 -13.62 -54.81 11.78
CA PRO C 566 -14.74 -55.44 12.48
C PRO C 566 -15.75 -56.05 11.52
N GLN C 567 -16.73 -56.78 12.05
CA GLN C 567 -17.74 -57.42 11.23
C GLN C 567 -18.64 -56.41 10.53
N GLY C 568 -18.82 -56.59 9.22
CA GLY C 568 -19.72 -55.74 8.45
C GLY C 568 -19.03 -54.60 7.73
N ARG C 569 -17.97 -54.07 8.33
CA ARG C 569 -17.26 -52.92 7.76
C ARG C 569 -16.36 -53.34 6.60
N GLY C 570 -16.43 -52.60 5.50
CA GLY C 570 -15.64 -52.89 4.32
C GLY C 570 -15.47 -51.70 3.40
N TYR C 571 -14.44 -51.75 2.56
CA TYR C 571 -14.14 -50.65 1.63
C TYR C 571 -14.85 -50.83 0.29
N PHE C 572 -15.94 -50.10 0.11
CA PHE C 572 -16.72 -50.16 -1.13
C PHE C 572 -15.99 -49.47 -2.27
N VAL C 573 -15.33 -50.26 -3.10
CA VAL C 573 -14.58 -49.72 -4.23
C VAL C 573 -15.49 -49.50 -5.44
N GLU C 574 -15.20 -48.47 -6.22
CA GLU C 574 -15.99 -48.14 -7.39
C GLU C 574 -15.28 -47.12 -8.28
N ARG C 575 -15.96 -46.70 -9.34
CA ARG C 575 -15.40 -45.71 -10.26
C ARG C 575 -16.24 -44.44 -10.27
N ARG C 576 -17.53 -44.57 -9.92
CA ARG C 576 -18.43 -43.44 -9.84
C ARG C 576 -18.00 -42.44 -8.78
N SER C 577 -17.58 -42.96 -7.63
CA SER C 577 -17.21 -42.12 -6.50
C SER C 577 -15.82 -42.47 -5.96
N GLY C 578 -15.19 -43.47 -6.56
CA GLY C 578 -13.88 -43.92 -6.12
C GLY C 578 -13.96 -44.83 -4.90
N THR C 579 -12.80 -45.21 -4.38
CA THR C 579 -12.73 -46.08 -3.22
C THR C 579 -13.26 -45.40 -1.96
N ARG C 580 -14.26 -46.00 -1.33
CA ARG C 580 -14.83 -45.47 -0.09
C ARG C 580 -14.68 -46.44 1.07
N LEU C 581 -15.32 -46.12 2.19
CA LEU C 581 -15.34 -46.99 3.35
C LEU C 581 -16.75 -47.01 3.94
N ILE C 582 -17.40 -48.16 3.88
CA ILE C 582 -18.80 -48.26 4.29
C ILE C 582 -19.06 -49.29 5.37
N GLN C 583 -20.27 -49.26 5.93
CA GLN C 583 -20.72 -50.26 6.89
C GLN C 583 -21.96 -50.97 6.35
N THR C 584 -21.86 -52.28 6.16
CA THR C 584 -22.98 -53.04 5.62
C THR C 584 -24.04 -53.32 6.67
N ALA C 585 -25.31 -53.28 6.25
CA ALA C 585 -26.43 -53.45 7.16
C ALA C 585 -26.56 -54.89 7.65
N TYR C 586 -27.52 -55.12 8.54
CA TYR C 586 -27.71 -56.42 9.14
C TYR C 586 -29.17 -56.85 9.07
N ARG C 587 -29.43 -57.96 8.38
CA ARG C 587 -30.79 -58.49 8.26
C ARG C 587 -30.98 -59.67 9.20
N GLU C 588 -31.98 -59.56 10.09
CA GLU C 588 -32.25 -60.59 11.08
C GLU C 588 -32.59 -61.92 10.42
N SER C 589 -31.96 -62.99 10.88
CA SER C 589 -32.14 -64.34 10.34
C SER C 589 -31.88 -64.38 8.84
N ARG D 16 39.96 28.48 -57.08
CA ARG D 16 38.69 29.20 -57.18
C ARG D 16 37.51 28.25 -57.09
N VAL D 17 36.82 28.29 -55.95
CA VAL D 17 35.66 27.43 -55.71
C VAL D 17 34.55 27.65 -56.75
N GLN D 18 34.49 28.87 -57.27
CA GLN D 18 33.42 29.25 -58.19
C GLN D 18 33.52 28.52 -59.52
N ALA D 19 34.74 28.17 -59.92
CA ALA D 19 34.98 27.53 -61.20
C ALA D 19 35.13 26.02 -61.07
N LEU D 20 35.55 25.58 -59.88
CA LEU D 20 35.88 24.17 -59.65
C LEU D 20 34.67 23.25 -59.77
N LEU D 21 33.55 23.61 -59.14
CA LEU D 21 32.42 22.70 -59.04
C LEU D 21 31.44 22.82 -60.21
N ASN D 22 31.63 23.86 -61.03
CA ASN D 22 30.86 24.01 -62.27
C ASN D 22 31.52 24.97 -63.24
N ARG E 16 66.04 10.54 55.01
CA ARG E 16 65.43 11.64 55.74
C ARG E 16 66.05 12.99 55.39
N VAL E 17 65.42 14.06 55.85
CA VAL E 17 65.98 15.39 55.75
C VAL E 17 66.47 15.82 57.13
N GLN E 18 65.73 15.38 58.15
CA GLN E 18 66.10 15.63 59.54
C GLN E 18 67.42 14.96 59.87
N ALA E 19 67.70 13.84 59.21
CA ALA E 19 68.95 13.12 59.39
C ALA E 19 70.10 13.79 58.64
N LEU E 20 69.82 14.95 58.05
CA LEU E 20 70.83 15.70 57.33
C LEU E 20 71.01 17.10 57.94
N LEU E 21 70.39 17.31 59.10
CA LEU E 21 70.52 18.57 59.82
C LEU E 21 71.78 18.57 60.69
N ASN F 15 -39.59 -66.63 -19.69
CA ASN F 15 -40.37 -67.59 -20.46
C ASN F 15 -39.63 -68.90 -20.69
N ARG F 16 -38.61 -68.85 -21.54
CA ARG F 16 -37.79 -70.01 -21.82
C ARG F 16 -36.90 -70.35 -20.62
N VAL F 17 -36.53 -69.31 -19.87
CA VAL F 17 -35.62 -69.46 -18.74
C VAL F 17 -36.19 -70.37 -17.64
N GLN F 18 -37.44 -70.13 -17.24
CA GLN F 18 -38.07 -70.94 -16.19
C GLN F 18 -38.29 -72.36 -16.66
N ALA F 19 -38.56 -72.51 -17.95
CA ALA F 19 -38.82 -73.83 -18.54
C ALA F 19 -37.53 -74.60 -18.80
N LEU F 20 -36.48 -73.89 -19.15
CA LEU F 20 -35.19 -74.51 -19.48
C LEU F 20 -34.58 -75.22 -18.29
N LEU F 21 -34.91 -74.74 -17.09
CA LEU F 21 -34.43 -75.37 -15.87
C LEU F 21 -35.58 -75.95 -15.05
N ILE G 35 11.90 -29.50 -62.73
CA ILE G 35 11.75 -29.84 -61.32
C ILE G 35 10.30 -30.19 -60.96
N TRP G 36 9.42 -29.19 -60.96
CA TRP G 36 8.00 -29.43 -60.85
C TRP G 36 7.45 -29.66 -62.23
N LEU G 37 6.41 -30.48 -62.32
CA LEU G 37 5.73 -30.71 -63.59
C LEU G 37 4.90 -29.51 -63.99
N PRO G 38 4.64 -29.35 -65.29
CA PRO G 38 3.81 -28.23 -65.75
C PRO G 38 2.37 -28.40 -65.31
N PRO G 39 1.68 -27.29 -65.02
CA PRO G 39 0.30 -27.29 -64.57
C PRO G 39 -0.58 -28.24 -65.39
N LEU G 40 -1.31 -29.10 -64.70
CA LEU G 40 -2.30 -29.94 -65.35
C LEU G 40 -3.45 -29.05 -65.82
N ASP G 41 -4.27 -29.48 -66.78
CA ASP G 41 -5.47 -28.71 -67.14
C ASP G 41 -6.80 -29.36 -66.67
N VAL G 42 -6.86 -30.68 -66.54
CA VAL G 42 -8.06 -31.28 -65.92
C VAL G 42 -7.71 -32.22 -64.77
N PRO G 43 -8.38 -32.02 -63.63
CA PRO G 43 -8.19 -32.83 -62.42
C PRO G 43 -8.59 -34.28 -62.64
N PRO G 44 -8.09 -35.19 -61.79
CA PRO G 44 -8.42 -36.60 -61.93
C PRO G 44 -9.76 -36.94 -61.28
N THR G 45 -10.24 -38.16 -61.51
CA THR G 45 -11.43 -38.65 -60.83
C THR G 45 -11.07 -39.95 -60.09
N LEU G 46 -11.92 -40.33 -59.15
CA LEU G 46 -11.61 -41.45 -58.25
C LEU G 46 -11.46 -42.79 -58.98
N ASP G 47 -12.23 -42.98 -60.05
CA ASP G 47 -12.13 -44.22 -60.84
C ASP G 47 -10.76 -44.31 -61.52
N GLU G 48 -10.22 -43.15 -61.89
CA GLU G 48 -8.88 -43.09 -62.48
C GLU G 48 -7.82 -43.52 -61.46
N LEU G 49 -8.05 -43.17 -60.19
CA LEU G 49 -7.07 -43.40 -59.14
C LEU G 49 -7.37 -44.65 -58.31
N LEU G 50 -8.14 -45.57 -58.89
CA LEU G 50 -8.53 -46.78 -58.17
C LEU G 50 -8.62 -47.97 -59.13
N PRO G 51 -8.47 -49.19 -58.60
CA PRO G 51 -8.63 -50.43 -59.36
C PRO G 51 -9.98 -50.54 -60.06
N PRO G 52 -10.15 -51.51 -60.96
CA PRO G 52 -11.49 -51.77 -61.51
C PRO G 52 -12.49 -52.00 -60.39
N LEU G 53 -13.56 -51.22 -60.37
CA LEU G 53 -14.55 -51.29 -59.30
C LEU G 53 -15.71 -52.19 -59.68
N SER G 54 -16.13 -53.04 -58.74
CA SER G 54 -17.18 -54.01 -58.99
C SER G 54 -18.20 -54.05 -57.86
N PRO G 55 -19.43 -54.46 -58.18
CA PRO G 55 -20.43 -54.80 -57.16
C PRO G 55 -20.06 -56.12 -56.47
N SER G 56 -19.88 -56.07 -55.15
CA SER G 56 -19.57 -57.28 -54.40
C SER G 56 -20.73 -57.69 -53.51
N ALA G 57 -20.89 -59.00 -53.31
CA ALA G 57 -21.85 -59.52 -52.35
C ALA G 57 -21.11 -60.15 -51.18
N ALA G 58 -20.99 -59.40 -50.08
CA ALA G 58 -21.54 -58.06 -49.98
C ALA G 58 -20.55 -57.10 -49.33
N HIS G 59 -19.82 -56.36 -50.16
CA HIS G 59 -18.92 -55.32 -49.68
C HIS G 59 -19.28 -54.00 -50.34
N GLY G 60 -20.39 -54.01 -51.07
CA GLY G 60 -20.83 -52.85 -51.82
C GLY G 60 -20.06 -52.71 -53.12
N TYR G 61 -20.18 -51.56 -53.75
CA TYR G 61 -19.43 -51.25 -54.96
C TYR G 61 -18.03 -50.81 -54.58
N THR G 62 -17.06 -51.69 -54.78
CA THR G 62 -15.69 -51.46 -54.30
C THR G 62 -14.68 -52.25 -55.11
N ALA G 63 -13.42 -52.22 -54.68
CA ALA G 63 -12.38 -53.05 -55.28
C ALA G 63 -12.46 -54.46 -54.71
N ASP G 64 -13.32 -55.28 -55.30
CA ASP G 64 -13.59 -56.64 -54.82
C ASP G 64 -12.32 -57.46 -54.63
N GLY G 65 -12.08 -57.86 -53.39
CA GLY G 65 -10.98 -58.76 -53.08
C GLY G 65 -9.61 -58.12 -52.90
N TRP G 66 -9.52 -56.83 -53.18
CA TRP G 66 -8.24 -56.10 -53.09
C TRP G 66 -7.65 -56.19 -51.70
N GLU G 67 -6.34 -56.43 -51.62
CA GLU G 67 -5.67 -56.54 -50.32
C GLU G 67 -5.64 -55.21 -49.60
N TRP G 68 -5.95 -54.13 -50.31
CA TRP G 68 -5.91 -52.78 -49.75
C TRP G 68 -7.30 -52.23 -49.44
N ARG G 69 -8.31 -53.08 -49.52
CA ARG G 69 -9.67 -52.65 -49.21
C ARG G 69 -9.94 -52.74 -47.72
N GLY G 70 -10.43 -51.64 -47.14
CA GLY G 70 -10.81 -51.62 -45.75
C GLY G 70 -9.65 -51.54 -44.77
N ARG G 71 -8.53 -50.97 -45.20
CA ARG G 71 -7.38 -50.80 -44.33
C ARG G 71 -7.20 -49.32 -43.98
N LEU G 72 -8.27 -48.56 -44.18
CA LEU G 72 -8.35 -47.15 -43.79
C LEU G 72 -7.30 -46.25 -44.44
N HIS G 73 -6.85 -46.63 -45.63
CA HIS G 73 -6.11 -45.72 -46.49
C HIS G 73 -7.08 -45.18 -47.54
N ALA G 74 -6.89 -43.92 -47.94
CA ALA G 74 -7.78 -43.32 -48.91
C ALA G 74 -7.02 -42.38 -49.86
N VAL G 75 -7.32 -42.50 -51.15
CA VAL G 75 -6.70 -41.64 -52.16
C VAL G 75 -7.54 -40.39 -52.39
N VAL G 76 -6.89 -39.23 -52.43
CA VAL G 76 -7.62 -37.97 -52.53
C VAL G 76 -7.16 -37.08 -53.69
N GLY G 77 -6.37 -37.64 -54.61
CA GLY G 77 -5.93 -36.88 -55.77
C GLY G 77 -4.58 -37.29 -56.32
N LEU G 78 -3.93 -36.36 -57.02
CA LEU G 78 -2.61 -36.60 -57.58
C LEU G 78 -1.58 -35.69 -56.93
N VAL G 79 -0.38 -36.22 -56.70
CA VAL G 79 0.69 -35.43 -56.10
C VAL G 79 1.92 -35.37 -57.02
N ASP G 80 2.53 -34.19 -57.07
CA ASP G 80 3.73 -33.97 -57.86
C ASP G 80 4.92 -33.72 -56.93
N ARG G 81 5.67 -34.78 -56.64
CA ARG G 81 6.86 -34.68 -55.81
C ARG G 81 8.04 -34.23 -56.67
N PRO G 82 9.01 -33.52 -56.07
CA PRO G 82 10.08 -32.88 -56.84
C PRO G 82 10.88 -33.85 -57.71
N PHE G 83 11.09 -33.46 -58.96
CA PHE G 83 11.87 -34.20 -59.96
C PHE G 83 11.23 -35.53 -60.35
N ASP G 84 9.94 -35.67 -60.06
CA ASP G 84 9.12 -36.65 -60.74
C ASP G 84 8.82 -36.08 -62.12
N GLN G 85 8.61 -36.93 -63.11
CA GLN G 85 8.05 -36.41 -64.36
C GLN G 85 6.79 -37.17 -64.76
N ARG G 86 6.19 -37.84 -63.79
CA ARG G 86 4.79 -38.27 -63.88
C ARG G 86 4.22 -38.34 -62.46
N ARG G 87 3.05 -37.74 -62.28
CA ARG G 87 2.45 -37.58 -60.96
C ARG G 87 2.02 -38.89 -60.34
N ASP G 88 2.25 -39.01 -59.03
CA ASP G 88 1.83 -40.20 -58.28
C ASP G 88 0.47 -39.99 -57.65
N PRO G 89 -0.25 -41.09 -57.36
CA PRO G 89 -1.52 -40.95 -56.64
C PRO G 89 -1.32 -40.60 -55.17
N TYR G 90 -1.98 -39.54 -54.71
CA TYR G 90 -1.87 -39.08 -53.34
C TYR G 90 -2.74 -39.94 -52.42
N TRP G 91 -2.10 -40.66 -51.50
CA TRP G 91 -2.82 -41.52 -50.57
C TRP G 91 -2.63 -41.06 -49.12
N LEU G 92 -3.69 -41.16 -48.33
CA LEU G 92 -3.63 -40.81 -46.92
C LEU G 92 -3.89 -42.04 -46.05
N ASP G 93 -3.07 -42.21 -45.02
CA ASP G 93 -3.24 -43.31 -44.07
C ASP G 93 -3.98 -42.82 -42.83
N LEU G 94 -5.19 -43.33 -42.62
CA LEU G 94 -6.02 -42.86 -41.52
C LEU G 94 -6.16 -43.88 -40.40
N SER G 95 -5.24 -44.84 -40.36
CA SER G 95 -5.05 -45.65 -39.17
C SER G 95 -3.88 -45.05 -38.40
N GLY G 96 -4.07 -44.82 -37.10
CA GLY G 96 -3.01 -44.28 -36.27
C GLY G 96 -2.97 -42.77 -36.20
N GLY G 97 -1.80 -42.24 -35.85
CA GLY G 97 -1.61 -40.82 -35.53
C GLY G 97 -2.19 -39.81 -36.50
N ALA G 98 -2.19 -40.13 -37.79
CA ALA G 98 -2.69 -39.21 -38.80
C ALA G 98 -4.21 -39.29 -38.93
N GLY G 99 -4.85 -39.91 -37.94
CA GLY G 99 -6.29 -40.15 -37.97
C GLY G 99 -7.14 -38.91 -38.08
N HIS G 100 -6.65 -37.79 -37.56
CA HIS G 100 -7.37 -36.53 -37.66
C HIS G 100 -6.90 -35.73 -38.87
N VAL G 101 -7.85 -35.16 -39.61
CA VAL G 101 -7.53 -34.43 -40.83
C VAL G 101 -7.89 -32.96 -40.71
N GLY G 102 -7.00 -32.09 -41.18
CA GLY G 102 -7.26 -30.67 -41.23
C GLY G 102 -7.18 -30.16 -42.65
N VAL G 103 -8.13 -29.30 -43.02
CA VAL G 103 -8.12 -28.67 -44.34
C VAL G 103 -8.25 -27.16 -44.19
N ALA G 104 -7.33 -26.43 -44.82
CA ALA G 104 -7.39 -24.97 -44.82
C ALA G 104 -7.45 -24.45 -46.24
N GLY G 105 -7.69 -23.15 -46.38
CA GLY G 105 -7.72 -22.51 -47.69
C GLY G 105 -8.66 -21.33 -47.76
N GLY G 106 -8.38 -20.43 -48.69
CA GLY G 106 -9.17 -19.21 -48.84
C GLY G 106 -10.54 -19.45 -49.44
N PRO G 107 -11.27 -18.36 -49.71
CA PRO G 107 -12.60 -18.47 -50.35
C PRO G 107 -12.52 -19.14 -51.71
N GLN G 108 -13.43 -20.06 -51.99
CA GLN G 108 -13.52 -20.73 -53.29
C GLN G 108 -12.20 -21.39 -53.71
N THR G 109 -11.49 -21.97 -52.75
CA THR G 109 -10.20 -22.57 -53.03
C THR G 109 -10.28 -24.09 -53.17
N GLY G 110 -11.42 -24.65 -52.76
CA GLY G 110 -11.65 -26.08 -52.93
C GLY G 110 -11.76 -26.89 -51.64
N LYS G 111 -11.99 -26.21 -50.52
CA LYS G 111 -12.10 -26.90 -49.23
C LYS G 111 -13.25 -27.89 -49.21
N SER G 112 -14.45 -27.39 -49.50
CA SER G 112 -15.67 -28.21 -49.45
C SER G 112 -15.58 -29.44 -50.36
N THR G 113 -14.92 -29.30 -51.50
CA THR G 113 -14.79 -30.39 -52.44
C THR G 113 -13.82 -31.47 -51.93
N MET G 114 -12.77 -31.03 -51.23
CA MET G 114 -11.80 -31.95 -50.66
C MET G 114 -12.45 -32.84 -49.60
N LEU G 115 -13.28 -32.24 -48.75
CA LEU G 115 -14.04 -32.98 -47.76
C LEU G 115 -14.90 -34.03 -48.45
N ARG G 116 -15.57 -33.62 -49.53
CA ARG G 116 -16.45 -34.51 -50.27
C ARG G 116 -15.69 -35.63 -50.96
N THR G 117 -14.45 -35.37 -51.35
CA THR G 117 -13.62 -36.38 -52.01
C THR G 117 -13.12 -37.41 -51.01
N LEU G 118 -12.71 -36.94 -49.84
CA LEU G 118 -12.20 -37.81 -48.79
C LEU G 118 -13.28 -38.81 -48.34
N ILE G 119 -14.49 -38.30 -48.14
CA ILE G 119 -15.61 -39.14 -47.74
C ILE G 119 -15.95 -40.18 -48.80
N THR G 120 -16.05 -39.74 -50.05
CA THR G 120 -16.39 -40.62 -51.15
C THR G 120 -15.31 -41.70 -51.36
N SER G 121 -14.05 -41.28 -51.30
CA SER G 121 -12.93 -42.21 -51.46
C SER G 121 -12.94 -43.28 -50.39
N LEU G 122 -13.23 -42.87 -49.15
CA LEU G 122 -13.32 -43.81 -48.04
C LEU G 122 -14.52 -44.74 -48.22
N ALA G 123 -15.61 -44.20 -48.76
CA ALA G 123 -16.82 -44.99 -48.98
C ALA G 123 -16.61 -46.03 -50.09
N LEU G 124 -15.74 -45.72 -51.04
CA LEU G 124 -15.45 -46.62 -52.14
C LEU G 124 -14.56 -47.77 -51.70
N LEU G 125 -13.81 -47.55 -50.62
CA LEU G 125 -12.86 -48.56 -50.13
C LEU G 125 -13.33 -49.19 -48.83
N HIS G 126 -14.54 -48.84 -48.40
CA HIS G 126 -15.11 -49.38 -47.17
C HIS G 126 -16.61 -49.61 -47.26
N THR G 127 -17.15 -50.32 -46.27
CA THR G 127 -18.58 -50.55 -46.16
C THR G 127 -19.14 -49.65 -45.05
N PRO G 128 -20.48 -49.44 -45.03
CA PRO G 128 -21.08 -48.58 -44.00
C PRO G 128 -20.95 -49.10 -42.57
N GLN G 129 -20.64 -50.39 -42.39
CA GLN G 129 -20.38 -50.92 -41.06
C GLN G 129 -18.94 -50.65 -40.64
N GLU G 130 -18.10 -50.27 -41.61
CA GLU G 130 -16.68 -50.08 -41.37
C GLU G 130 -16.34 -48.61 -41.07
N VAL G 131 -17.01 -47.69 -41.75
CA VAL G 131 -16.84 -46.26 -41.49
C VAL G 131 -18.18 -45.54 -41.45
N GLN G 132 -18.27 -44.49 -40.64
CA GLN G 132 -19.48 -43.67 -40.56
C GLN G 132 -19.13 -42.19 -40.49
N PHE G 133 -20.02 -41.35 -41.04
CA PHE G 133 -19.75 -39.92 -41.17
C PHE G 133 -20.87 -39.06 -40.61
N TYR G 134 -20.49 -38.05 -39.82
CA TYR G 134 -21.47 -37.12 -39.27
C TYR G 134 -20.99 -35.69 -39.51
N CYS G 135 -21.74 -34.98 -40.34
CA CYS G 135 -21.27 -33.73 -40.92
C CYS G 135 -21.94 -32.48 -40.35
N LEU G 136 -21.14 -31.47 -40.11
CA LEU G 136 -21.63 -30.14 -39.74
C LEU G 136 -21.24 -29.18 -40.85
N ASP G 137 -22.16 -28.92 -41.77
CA ASP G 137 -21.82 -28.16 -42.97
C ASP G 137 -22.05 -26.67 -42.80
N PHE G 138 -20.96 -25.93 -42.66
CA PHE G 138 -21.01 -24.47 -42.57
C PHE G 138 -20.19 -23.84 -43.68
N GLY G 139 -19.99 -24.56 -44.78
CA GLY G 139 -19.24 -24.06 -45.90
C GLY G 139 -19.96 -24.23 -47.23
N GLY G 140 -21.08 -23.56 -47.38
CA GLY G 140 -21.84 -23.61 -48.62
C GLY G 140 -22.89 -24.70 -48.66
N GLY G 141 -23.07 -25.39 -47.54
CA GLY G 141 -24.10 -26.41 -47.40
C GLY G 141 -24.02 -27.54 -48.41
N THR G 142 -22.83 -27.74 -48.99
CA THR G 142 -22.67 -28.63 -50.13
C THR G 142 -22.54 -30.11 -49.76
N LEU G 143 -22.47 -30.40 -48.46
CA LEU G 143 -22.33 -31.79 -48.01
C LEU G 143 -23.66 -32.54 -48.08
N ALA G 144 -24.75 -31.79 -48.24
CA ALA G 144 -26.08 -32.37 -48.33
C ALA G 144 -26.18 -33.41 -49.44
N GLY G 145 -25.38 -33.23 -50.48
CA GLY G 145 -25.39 -34.14 -51.61
C GLY G 145 -24.94 -35.55 -51.28
N LEU G 146 -24.16 -35.69 -50.20
CA LEU G 146 -23.62 -36.98 -49.82
C LEU G 146 -24.42 -37.63 -48.69
N ALA G 147 -25.56 -37.03 -48.34
CA ALA G 147 -26.38 -37.53 -47.24
C ALA G 147 -26.99 -38.90 -47.55
N GLU G 148 -27.37 -39.11 -48.81
CA GLU G 148 -28.01 -40.35 -49.21
C GLU G 148 -27.03 -41.53 -49.25
N LEU G 149 -25.75 -41.24 -49.01
CA LEU G 149 -24.76 -42.28 -48.82
C LEU G 149 -25.07 -43.07 -47.56
N PRO G 150 -25.04 -44.41 -47.65
CA PRO G 150 -25.27 -45.26 -46.48
C PRO G 150 -24.20 -45.08 -45.40
N HIS G 151 -23.05 -44.52 -45.79
CA HIS G 151 -21.97 -44.28 -44.85
C HIS G 151 -22.22 -43.01 -44.03
N VAL G 152 -23.11 -42.16 -44.52
CA VAL G 152 -23.42 -40.90 -43.85
C VAL G 152 -24.74 -40.98 -43.09
N GLY G 153 -24.68 -40.68 -41.79
CA GLY G 153 -25.84 -40.82 -40.92
C GLY G 153 -26.53 -39.51 -40.57
N SER G 154 -25.84 -38.40 -40.81
CA SER G 154 -26.41 -37.08 -40.51
C SER G 154 -25.66 -35.94 -41.19
N VAL G 155 -26.41 -34.97 -41.71
CA VAL G 155 -25.84 -33.73 -42.21
C VAL G 155 -26.64 -32.56 -41.66
N ALA G 156 -25.94 -31.61 -41.05
CA ALA G 156 -26.60 -30.46 -40.44
C ALA G 156 -26.24 -29.18 -41.16
N THR G 157 -27.26 -28.46 -41.63
CA THR G 157 -27.05 -27.15 -42.24
C THR G 157 -26.74 -26.09 -41.16
N ARG G 158 -26.61 -24.85 -41.53
CA ARG G 158 -26.38 -23.85 -40.51
C ARG G 158 -27.55 -23.82 -39.57
N LEU G 159 -28.73 -23.90 -40.15
CA LEU G 159 -29.97 -23.79 -39.42
C LEU G 159 -30.30 -24.83 -38.37
N ASP G 160 -29.99 -26.09 -38.63
CA ASP G 160 -30.58 -27.16 -37.87
C ASP G 160 -29.83 -27.23 -36.57
N ALA G 161 -30.08 -26.28 -35.70
CA ALA G 161 -29.17 -26.14 -34.57
C ALA G 161 -29.36 -27.23 -33.52
N ASP G 162 -30.57 -27.78 -33.46
CA ASP G 162 -30.86 -28.88 -32.56
C ASP G 162 -30.05 -30.11 -32.99
N ARG G 163 -30.04 -30.38 -34.29
CA ARG G 163 -29.30 -31.50 -34.84
C ARG G 163 -27.79 -31.29 -34.71
N ILE G 164 -27.34 -30.05 -34.88
CA ILE G 164 -25.94 -29.69 -34.73
C ILE G 164 -25.43 -30.03 -33.33
N ARG G 165 -26.06 -29.44 -32.33
CA ARG G 165 -25.70 -29.64 -30.93
C ARG G 165 -25.74 -31.10 -30.53
N ARG G 166 -26.70 -31.81 -31.11
CA ARG G 166 -26.97 -33.19 -30.75
C ARG G 166 -26.05 -34.18 -31.46
N THR G 167 -25.59 -33.80 -32.65
CA THR G 167 -24.67 -34.64 -33.42
C THR G 167 -23.36 -34.86 -32.68
N VAL G 168 -22.77 -33.76 -32.20
CA VAL G 168 -21.53 -33.81 -31.43
C VAL G 168 -21.71 -34.65 -30.17
N ALA G 169 -22.80 -34.39 -29.45
CA ALA G 169 -23.08 -35.08 -28.20
C ALA G 169 -23.20 -36.59 -28.38
N GLU G 170 -23.70 -37.01 -29.55
CA GLU G 170 -23.85 -38.43 -29.85
C GLU G 170 -22.50 -39.13 -29.97
N VAL G 171 -21.56 -38.48 -30.64
CA VAL G 171 -20.22 -39.03 -30.80
C VAL G 171 -19.46 -38.94 -29.48
N SER G 172 -19.53 -37.78 -28.85
CA SER G 172 -18.90 -37.55 -27.55
C SER G 172 -19.32 -38.62 -26.54
N ALA G 173 -20.56 -39.07 -26.66
CA ALA G 173 -21.08 -40.11 -25.78
C ALA G 173 -20.58 -41.49 -26.20
N LEU G 174 -20.37 -41.67 -27.51
CA LEU G 174 -19.85 -42.95 -28.01
C LEU G 174 -18.41 -43.14 -27.55
N LEU G 175 -17.66 -42.05 -27.48
CA LEU G 175 -16.28 -42.10 -27.00
C LEU G 175 -16.23 -42.65 -25.59
N GLU G 176 -17.00 -42.05 -24.69
CA GLU G 176 -17.05 -42.48 -23.29
C GLU G 176 -17.60 -43.88 -23.16
N GLN G 177 -18.48 -44.27 -24.08
CA GLN G 177 -19.01 -45.63 -24.08
C GLN G 177 -17.92 -46.64 -24.37
N ARG G 178 -17.01 -46.29 -25.28
CA ARG G 178 -15.95 -47.18 -25.69
C ARG G 178 -14.81 -47.24 -24.68
N GLU G 179 -14.57 -46.12 -24.00
CA GLU G 179 -13.50 -46.05 -23.00
C GLU G 179 -13.71 -47.10 -21.91
N GLN G 180 -14.95 -47.53 -21.73
CA GLN G 180 -15.26 -48.56 -20.75
C GLN G 180 -15.57 -49.91 -21.41
N GLU G 181 -16.09 -49.88 -22.64
CA GLU G 181 -16.37 -51.14 -23.35
C GLU G 181 -15.08 -51.89 -23.61
N PHE G 182 -14.03 -51.14 -23.96
CA PHE G 182 -12.76 -51.72 -24.32
C PHE G 182 -12.04 -52.31 -23.10
N THR G 183 -12.12 -51.62 -21.98
CA THR G 183 -11.45 -52.07 -20.77
C THR G 183 -12.17 -53.29 -20.17
N GLU G 184 -13.50 -53.28 -20.21
CA GLU G 184 -14.30 -54.38 -19.68
C GLU G 184 -14.13 -55.66 -20.50
N ARG G 185 -13.62 -55.51 -21.72
CA ARG G 185 -13.35 -56.65 -22.58
C ARG G 185 -11.85 -56.70 -22.91
N GLY G 186 -11.46 -57.61 -23.79
CA GLY G 186 -10.05 -57.80 -24.10
C GLY G 186 -9.51 -56.84 -25.15
N ILE G 187 -10.16 -55.69 -25.29
CA ILE G 187 -9.79 -54.74 -26.34
C ILE G 187 -8.62 -53.86 -25.93
N ASP G 188 -7.43 -54.19 -26.43
CA ASP G 188 -6.21 -53.47 -26.06
C ASP G 188 -5.94 -52.28 -26.97
N SER G 189 -6.25 -52.43 -28.25
CA SER G 189 -6.07 -51.33 -29.20
C SER G 189 -7.26 -51.26 -30.17
N MET G 190 -7.38 -50.15 -30.88
CA MET G 190 -8.45 -49.98 -31.85
C MET G 190 -8.32 -50.99 -32.98
N ALA G 191 -7.08 -51.33 -33.34
CA ALA G 191 -6.81 -52.28 -34.40
C ALA G 191 -7.33 -53.68 -34.02
N THR G 192 -7.22 -54.02 -32.74
CA THR G 192 -7.75 -55.29 -32.25
C THR G 192 -9.26 -55.33 -32.43
N TYR G 193 -9.89 -54.19 -32.18
CA TYR G 193 -11.34 -54.05 -32.34
C TYR G 193 -11.76 -54.26 -33.79
N ARG G 194 -11.09 -53.59 -34.71
CA ARG G 194 -11.37 -53.74 -36.13
C ARG G 194 -11.17 -55.19 -36.58
N ARG G 195 -10.19 -55.85 -36.00
CA ARG G 195 -9.87 -57.23 -36.34
C ARG G 195 -11.00 -58.16 -35.91
N LEU G 196 -11.65 -57.83 -34.80
CA LEU G 196 -12.75 -58.63 -34.29
C LEU G 196 -13.99 -58.51 -35.16
N ARG G 197 -14.28 -57.29 -35.62
CA ARG G 197 -15.43 -57.07 -36.48
C ARG G 197 -15.15 -57.53 -37.90
N ALA G 198 -13.89 -57.80 -38.20
CA ALA G 198 -13.52 -58.37 -39.49
C ALA G 198 -14.04 -59.80 -39.59
N THR G 199 -14.16 -60.45 -38.43
CA THR G 199 -14.70 -61.81 -38.36
C THR G 199 -16.10 -61.88 -38.93
N GLY G 200 -16.92 -60.89 -38.58
CA GLY G 200 -18.31 -60.86 -39.01
C GLY G 200 -19.19 -61.57 -37.99
N GLU G 201 -18.59 -61.89 -36.84
CA GLU G 201 -19.30 -62.58 -35.77
C GLU G 201 -19.31 -61.77 -34.49
N TYR G 202 -18.95 -60.49 -34.60
CA TYR G 202 -18.79 -59.63 -33.43
C TYR G 202 -19.65 -58.38 -33.54
N ALA G 203 -20.56 -58.20 -32.59
CA ALA G 203 -21.49 -57.08 -32.61
C ALA G 203 -20.81 -55.75 -32.36
N GLY G 204 -20.02 -55.69 -31.30
CA GLY G 204 -19.37 -54.44 -30.91
C GLY G 204 -20.37 -53.42 -30.45
N ASP G 205 -19.98 -52.15 -30.46
CA ASP G 205 -20.84 -51.07 -30.00
C ASP G 205 -21.81 -50.61 -31.07
N GLY G 206 -21.81 -51.29 -32.21
CA GLY G 206 -22.72 -50.96 -33.30
C GLY G 206 -22.12 -50.02 -34.33
N PHE G 207 -20.93 -49.51 -34.04
CA PHE G 207 -20.24 -48.60 -34.94
C PHE G 207 -18.94 -49.20 -35.47
N GLY G 208 -18.25 -48.43 -36.31
CA GLY G 208 -16.92 -48.77 -36.76
C GLY G 208 -16.01 -47.60 -36.45
N ASP G 209 -15.26 -47.14 -37.47
CA ASP G 209 -14.51 -45.90 -37.35
C ASP G 209 -15.43 -44.73 -37.68
N VAL G 210 -15.60 -43.81 -36.73
CA VAL G 210 -16.54 -42.71 -36.89
C VAL G 210 -15.84 -41.39 -37.16
N PHE G 211 -16.30 -40.69 -38.20
CA PHE G 211 -15.68 -39.44 -38.62
C PHE G 211 -16.57 -38.22 -38.40
N LEU G 212 -16.15 -37.33 -37.51
CA LEU G 212 -16.89 -36.09 -37.28
C LEU G 212 -16.37 -34.99 -38.19
N VAL G 213 -17.18 -34.57 -39.15
CA VAL G 213 -16.75 -33.61 -40.17
C VAL G 213 -17.36 -32.21 -39.97
N VAL G 214 -16.49 -31.21 -40.01
CA VAL G 214 -16.90 -29.80 -39.92
C VAL G 214 -16.35 -29.04 -41.12
N ASP G 215 -17.16 -28.16 -41.72
CA ASP G 215 -16.74 -27.46 -42.93
C ASP G 215 -16.19 -26.07 -42.65
N ASN G 216 -16.74 -25.37 -41.66
CA ASN G 216 -16.23 -24.05 -41.31
C ASN G 216 -16.09 -23.89 -39.79
N TRP G 217 -14.96 -24.36 -39.27
CA TRP G 217 -14.67 -24.35 -37.84
C TRP G 217 -14.90 -22.98 -37.20
N LEU G 218 -14.62 -21.92 -37.95
CA LEU G 218 -14.86 -20.56 -37.48
C LEU G 218 -16.34 -20.34 -37.19
N THR G 219 -17.20 -20.75 -38.13
CA THR G 219 -18.64 -20.63 -37.98
C THR G 219 -19.12 -21.40 -36.75
N LEU G 220 -18.44 -22.49 -36.42
CA LEU G 220 -18.80 -23.29 -35.26
C LEU G 220 -18.48 -22.59 -33.95
N ARG G 221 -17.20 -22.31 -33.71
CA ARG G 221 -16.75 -21.73 -32.45
C ARG G 221 -17.38 -20.37 -32.18
N GLN G 222 -17.92 -19.74 -33.22
CA GLN G 222 -18.61 -18.46 -33.09
C GLN G 222 -20.06 -18.64 -32.62
N ASP G 223 -20.78 -19.55 -33.26
CA ASP G 223 -22.20 -19.73 -32.99
C ASP G 223 -22.46 -20.87 -32.00
N TYR G 224 -21.43 -21.67 -31.74
CA TYR G 224 -21.55 -22.75 -30.76
C TYR G 224 -20.27 -22.86 -29.95
N GLU G 225 -20.05 -21.88 -29.08
CA GLU G 225 -18.89 -21.83 -28.19
C GLU G 225 -18.67 -23.14 -27.44
N ALA G 226 -19.76 -23.79 -27.06
CA ALA G 226 -19.70 -25.01 -26.24
C ALA G 226 -19.13 -26.20 -27.01
N LEU G 227 -19.40 -26.27 -28.30
CA LEU G 227 -19.00 -27.43 -29.10
C LEU G 227 -17.53 -27.36 -29.53
N GLU G 228 -16.92 -26.19 -29.38
CA GLU G 228 -15.50 -26.05 -29.68
C GLU G 228 -14.68 -26.91 -28.72
N ASP G 229 -14.87 -26.71 -27.43
CA ASP G 229 -14.15 -27.43 -26.40
C ASP G 229 -14.42 -28.93 -26.43
N SER G 230 -15.70 -29.28 -26.57
CA SER G 230 -16.10 -30.69 -26.51
C SER G 230 -15.55 -31.49 -27.70
N ILE G 231 -15.62 -30.91 -28.89
CA ILE G 231 -15.05 -31.53 -30.08
C ILE G 231 -13.54 -31.67 -29.91
N THR G 232 -12.91 -30.67 -29.30
CA THR G 232 -11.49 -30.71 -29.03
C THR G 232 -11.14 -31.88 -28.13
N GLN G 233 -11.96 -32.11 -27.11
CA GLN G 233 -11.77 -33.23 -26.20
C GLN G 233 -11.90 -34.56 -26.95
N LEU G 234 -12.77 -34.59 -27.96
CA LEU G 234 -12.90 -35.77 -28.81
C LEU G 234 -11.61 -36.03 -29.56
N ALA G 235 -11.05 -34.98 -30.16
CA ALA G 235 -9.82 -35.10 -30.93
C ALA G 235 -8.67 -35.56 -30.04
N ALA G 236 -8.71 -35.14 -28.77
CA ALA G 236 -7.63 -35.41 -27.83
C ALA G 236 -7.40 -36.90 -27.59
N ARG G 237 -8.42 -37.61 -27.11
CA ARG G 237 -8.27 -39.00 -26.73
C ARG G 237 -9.14 -39.96 -27.55
N GLY G 238 -9.76 -39.44 -28.60
CA GLY G 238 -10.70 -40.22 -29.38
C GLY G 238 -10.09 -41.04 -30.50
N LEU G 239 -8.83 -40.76 -30.83
CA LEU G 239 -8.19 -41.42 -31.96
C LEU G 239 -7.91 -42.90 -31.69
N GLY G 240 -7.61 -43.22 -30.43
CA GLY G 240 -7.35 -44.59 -30.05
C GLY G 240 -8.61 -45.41 -29.85
N TYR G 241 -9.76 -44.77 -30.04
CA TYR G 241 -11.05 -45.44 -29.89
C TYR G 241 -11.85 -45.40 -31.17
N GLY G 242 -11.22 -44.97 -32.27
CA GLY G 242 -11.84 -44.99 -33.57
C GLY G 242 -12.72 -43.79 -33.88
N ILE G 243 -12.52 -42.70 -33.15
CA ILE G 243 -13.27 -41.47 -33.42
C ILE G 243 -12.34 -40.44 -34.05
N HIS G 244 -12.65 -40.06 -35.29
CA HIS G 244 -11.82 -39.14 -36.05
C HIS G 244 -12.50 -37.78 -36.21
N VAL G 245 -11.72 -36.71 -36.25
CA VAL G 245 -12.25 -35.40 -36.61
C VAL G 245 -11.69 -34.96 -37.95
N VAL G 246 -12.59 -34.52 -38.83
CA VAL G 246 -12.20 -33.98 -40.12
C VAL G 246 -12.68 -32.53 -40.21
N LEU G 247 -11.81 -31.60 -39.85
CA LEU G 247 -12.21 -30.20 -39.69
C LEU G 247 -11.61 -29.31 -40.77
N SER G 248 -12.45 -28.44 -41.33
CA SER G 248 -12.00 -27.49 -42.34
C SER G 248 -12.31 -26.06 -41.92
N SER G 249 -11.47 -25.13 -42.37
CA SER G 249 -11.65 -23.71 -42.07
C SER G 249 -10.87 -22.87 -43.08
N ASN G 250 -11.16 -21.56 -43.09
CA ASN G 250 -10.48 -20.66 -44.02
C ASN G 250 -9.01 -20.50 -43.68
N LYS G 251 -8.71 -20.30 -42.40
CA LYS G 251 -7.34 -20.03 -41.98
C LYS G 251 -6.90 -20.96 -40.84
N TRP G 252 -5.63 -21.33 -40.84
CA TRP G 252 -5.07 -22.17 -39.79
C TRP G 252 -5.23 -21.52 -38.41
N SER G 253 -5.16 -20.19 -38.40
CA SER G 253 -5.25 -19.43 -37.16
C SER G 253 -6.63 -19.49 -36.53
N GLU G 254 -7.60 -20.00 -37.28
CA GLU G 254 -8.97 -20.12 -36.78
C GLU G 254 -9.12 -21.36 -35.90
N PHE G 255 -8.11 -22.22 -35.93
CA PHE G 255 -8.02 -23.33 -34.99
C PHE G 255 -7.20 -22.93 -33.77
N ARG G 256 -7.76 -23.16 -32.59
CA ARG G 256 -6.98 -23.00 -31.36
C ARG G 256 -5.80 -23.95 -31.39
N THR G 257 -4.70 -23.57 -30.76
CA THR G 257 -3.50 -24.40 -30.74
C THR G 257 -3.79 -25.77 -30.13
N SER G 258 -4.73 -25.79 -29.18
CA SER G 258 -5.11 -27.01 -28.47
C SER G 258 -5.60 -28.11 -29.42
N ILE G 259 -6.22 -27.73 -30.51
CA ILE G 259 -6.79 -28.71 -31.44
C ILE G 259 -6.07 -28.70 -32.78
N ARG G 260 -5.46 -27.58 -33.14
CA ARG G 260 -4.72 -27.46 -34.39
C ARG G 260 -3.56 -28.45 -34.43
N ASP G 261 -2.96 -28.68 -33.27
CA ASP G 261 -1.81 -29.58 -33.16
C ASP G 261 -2.23 -31.05 -33.22
N LEU G 262 -3.51 -31.32 -33.02
CA LEU G 262 -4.01 -32.70 -33.02
C LEU G 262 -4.31 -33.19 -34.44
N LEU G 263 -4.39 -32.25 -35.37
CA LEU G 263 -4.71 -32.59 -36.76
C LEU G 263 -3.49 -33.18 -37.47
N GLY G 264 -3.37 -34.51 -37.41
CA GLY G 264 -2.24 -35.22 -37.97
C GLY G 264 -2.01 -34.98 -39.46
N THR G 265 -2.99 -35.35 -40.27
CA THR G 265 -2.94 -35.12 -41.71
C THR G 265 -3.42 -33.71 -42.03
N LYS G 266 -2.53 -32.86 -42.53
CA LYS G 266 -2.91 -31.50 -42.89
C LYS G 266 -2.79 -31.25 -44.39
N LEU G 267 -3.91 -30.89 -45.00
CA LEU G 267 -3.97 -30.56 -46.41
C LEU G 267 -4.25 -29.07 -46.56
N GLU G 268 -3.27 -28.32 -47.05
CA GLU G 268 -3.37 -26.88 -47.13
C GLU G 268 -3.49 -26.38 -48.57
N LEU G 269 -4.62 -25.76 -48.88
CA LEU G 269 -4.87 -25.23 -50.21
C LEU G 269 -4.33 -23.79 -50.33
N ARG G 270 -4.65 -23.13 -51.44
CA ARG G 270 -4.21 -21.76 -51.67
C ARG G 270 -4.66 -20.86 -50.51
N LEU G 271 -3.69 -20.19 -49.90
CA LEU G 271 -3.96 -19.37 -48.72
C LEU G 271 -3.96 -17.88 -49.01
N GLY G 272 -4.81 -17.16 -48.28
CA GLY G 272 -4.67 -15.73 -48.14
C GLY G 272 -3.82 -15.55 -46.89
N ASP G 273 -2.84 -14.65 -46.96
CA ASP G 273 -1.83 -14.51 -45.91
C ASP G 273 -1.12 -15.85 -45.69
N PRO G 274 -0.09 -16.09 -46.49
CA PRO G 274 0.68 -17.33 -46.50
C PRO G 274 1.80 -17.37 -45.46
N TYR G 275 1.95 -16.32 -44.66
CA TYR G 275 2.96 -16.32 -43.62
C TYR G 275 2.74 -17.40 -42.56
N GLU G 276 1.49 -17.52 -42.13
CA GLU G 276 1.08 -18.45 -41.09
C GLU G 276 1.07 -19.89 -41.53
N SER G 277 1.13 -20.13 -42.84
CA SER G 277 0.95 -21.46 -43.38
C SER G 277 1.99 -22.41 -42.78
N GLU G 278 1.53 -23.59 -42.42
CA GLU G 278 2.35 -24.56 -41.70
C GLU G 278 3.56 -25.06 -42.48
N VAL G 279 3.37 -25.30 -43.77
CA VAL G 279 4.43 -25.93 -44.56
C VAL G 279 5.58 -24.95 -44.85
N ASP G 280 5.42 -24.01 -45.77
CA ASP G 280 6.40 -22.95 -45.95
C ASP G 280 5.73 -21.69 -46.44
N ARG G 281 6.06 -20.54 -45.92
CA ARG G 281 5.39 -19.37 -46.46
C ARG G 281 5.76 -19.11 -47.93
N LYS G 282 7.04 -19.25 -48.28
CA LYS G 282 7.43 -18.91 -49.62
C LYS G 282 6.74 -19.81 -50.61
N LYS G 283 6.67 -21.08 -50.27
CA LYS G 283 6.09 -22.07 -51.13
C LYS G 283 4.63 -21.77 -51.31
N ALA G 284 4.01 -21.28 -50.26
CA ALA G 284 2.58 -21.06 -50.23
C ALA G 284 2.17 -19.83 -51.05
N ALA G 285 3.06 -18.85 -51.13
CA ALA G 285 2.78 -17.63 -51.87
C ALA G 285 2.85 -17.88 -53.37
N ASN G 286 3.51 -18.96 -53.77
CA ASN G 286 3.61 -19.33 -55.18
C ASN G 286 2.62 -20.44 -55.53
N VAL G 287 1.60 -20.59 -54.69
CA VAL G 287 0.50 -21.50 -54.99
C VAL G 287 -0.45 -20.82 -55.96
N PRO G 288 -0.79 -21.52 -57.05
CA PRO G 288 -1.73 -20.99 -58.04
C PRO G 288 -3.04 -20.54 -57.43
N GLU G 289 -3.41 -19.30 -57.71
CA GLU G 289 -4.75 -18.83 -57.41
C GLU G 289 -5.63 -19.23 -58.58
N ASN G 290 -6.95 -19.14 -58.41
CA ASN G 290 -7.89 -19.33 -59.50
C ASN G 290 -7.85 -20.73 -60.13
N ARG G 291 -7.05 -21.61 -59.53
CA ARG G 291 -7.09 -23.04 -59.84
C ARG G 291 -7.33 -23.80 -58.55
N PRO G 292 -8.61 -24.00 -58.20
CA PRO G 292 -9.01 -24.69 -56.97
C PRO G 292 -8.71 -26.18 -57.03
N GLY G 293 -8.34 -26.75 -55.89
CA GLY G 293 -7.93 -28.14 -55.82
C GLY G 293 -6.43 -28.23 -55.65
N ARG G 294 -5.74 -27.16 -56.00
CA ARG G 294 -4.30 -27.07 -55.86
C ARG G 294 -3.89 -26.75 -54.43
N GLY G 295 -2.91 -27.47 -53.91
CA GLY G 295 -2.42 -27.24 -52.56
C GLY G 295 -1.06 -27.84 -52.29
N LEU G 296 -0.60 -27.70 -51.05
CA LEU G 296 0.69 -28.23 -50.61
C LEU G 296 0.52 -29.26 -49.50
N THR G 297 1.42 -30.23 -49.44
CA THR G 297 1.48 -31.14 -48.31
C THR G 297 2.45 -30.58 -47.28
N ARG G 298 2.52 -31.20 -46.11
CA ARG G 298 3.41 -30.72 -45.06
C ARG G 298 4.88 -30.89 -45.45
N ASP G 299 5.12 -31.70 -46.48
CA ASP G 299 6.48 -31.94 -46.96
C ASP G 299 6.83 -30.99 -48.12
N GLY G 300 5.83 -30.25 -48.59
CA GLY G 300 6.05 -29.26 -49.64
C GLY G 300 5.72 -29.75 -51.04
N TYR G 301 5.08 -30.90 -51.14
CA TYR G 301 4.70 -31.46 -52.44
C TYR G 301 3.49 -30.73 -53.02
N HIS G 302 3.46 -30.60 -54.35
CA HIS G 302 2.30 -30.06 -55.03
C HIS G 302 1.24 -31.16 -55.21
N PHE G 303 0.03 -30.93 -54.73
CA PHE G 303 -1.05 -31.88 -54.97
C PHE G 303 -2.27 -31.22 -55.60
N LEU G 304 -3.13 -32.05 -56.18
CA LEU G 304 -4.35 -31.59 -56.83
C LEU G 304 -5.53 -32.46 -56.40
N THR G 305 -6.51 -31.84 -55.75
CA THR G 305 -7.69 -32.54 -55.27
C THR G 305 -8.46 -33.17 -56.42
N ALA G 306 -8.74 -34.47 -56.32
CA ALA G 306 -9.53 -35.17 -57.33
C ALA G 306 -11.01 -34.92 -57.09
N LEU G 307 -11.80 -35.00 -58.16
CA LEU G 307 -13.21 -34.72 -58.08
C LEU G 307 -13.94 -35.94 -57.62
N PRO G 308 -15.01 -35.71 -56.75
CA PRO G 308 -15.61 -36.94 -56.22
C PRO G 308 -16.61 -37.61 -57.15
N ARG G 309 -16.07 -38.26 -58.16
CA ARG G 309 -16.83 -38.84 -59.25
C ARG G 309 -16.24 -40.20 -59.49
N ILE G 310 -16.98 -41.08 -60.12
CA ILE G 310 -16.48 -42.34 -60.67
C ILE G 310 -16.94 -42.60 -62.10
N ASP G 311 -17.56 -41.59 -62.73
CA ASP G 311 -18.05 -41.74 -64.09
C ASP G 311 -16.92 -41.59 -65.11
N GLY G 312 -16.01 -40.66 -64.84
CA GLY G 312 -14.87 -40.42 -65.71
C GLY G 312 -14.78 -38.99 -66.17
N ASP G 313 -15.86 -38.24 -65.97
CA ASP G 313 -15.95 -36.85 -66.42
C ASP G 313 -15.04 -35.95 -65.59
N THR G 314 -13.95 -35.48 -66.22
CA THR G 314 -12.97 -34.66 -65.51
C THR G 314 -13.34 -33.18 -65.48
N SER G 315 -14.55 -32.86 -65.92
CA SER G 315 -15.01 -31.47 -65.92
C SER G 315 -15.64 -31.12 -64.58
N ALA G 316 -15.71 -29.84 -64.27
CA ALA G 316 -16.11 -29.38 -62.93
C ALA G 316 -17.46 -28.70 -62.91
N GLU G 317 -17.95 -28.28 -64.07
CA GLU G 317 -19.25 -27.64 -64.14
C GLU G 317 -20.32 -28.70 -64.32
N THR G 318 -19.88 -29.95 -64.34
CA THR G 318 -20.76 -31.09 -64.39
C THR G 318 -20.74 -31.81 -63.05
N LEU G 319 -20.14 -31.16 -62.06
CA LEU G 319 -19.87 -31.76 -60.77
C LEU G 319 -21.12 -32.06 -59.93
N THR G 320 -22.19 -31.30 -60.02
CA THR G 320 -23.33 -31.74 -59.24
C THR G 320 -23.78 -33.10 -59.77
N GLU G 321 -23.78 -33.24 -61.09
CA GLU G 321 -24.29 -34.45 -61.73
C GLU G 321 -23.50 -35.71 -61.35
N GLY G 322 -22.18 -35.58 -61.29
CA GLY G 322 -21.32 -36.71 -60.99
C GLY G 322 -21.53 -37.32 -59.62
N ILE G 323 -21.72 -36.48 -58.62
CA ILE G 323 -21.89 -36.95 -57.24
C ILE G 323 -23.16 -37.78 -57.06
N ALA G 324 -24.24 -37.35 -57.71
CA ALA G 324 -25.54 -37.99 -57.57
C ALA G 324 -25.49 -39.43 -58.10
N THR G 325 -24.93 -39.59 -59.29
CA THR G 325 -24.79 -40.92 -59.91
C THR G 325 -23.82 -41.78 -59.12
N THR G 326 -22.78 -41.16 -58.58
CA THR G 326 -21.81 -41.88 -57.74
C THR G 326 -22.48 -42.33 -56.44
N VAL G 327 -23.13 -41.40 -55.75
CA VAL G 327 -23.82 -41.70 -54.50
C VAL G 327 -24.90 -42.76 -54.72
N LYS G 328 -25.63 -42.65 -55.82
CA LYS G 328 -26.68 -43.61 -56.17
C LYS G 328 -26.10 -45.03 -56.30
N THR G 329 -24.96 -45.14 -56.98
CA THR G 329 -24.34 -46.43 -57.22
C THR G 329 -23.84 -47.08 -55.92
N ILE G 330 -23.33 -46.25 -55.02
CA ILE G 330 -22.87 -46.74 -53.73
C ILE G 330 -24.04 -47.21 -52.88
N ARG G 331 -25.12 -46.44 -52.89
CA ARG G 331 -26.34 -46.78 -52.17
C ARG G 331 -26.96 -48.08 -52.70
N GLU G 332 -27.00 -48.21 -54.02
CA GLU G 332 -27.64 -49.34 -54.68
C GLU G 332 -26.94 -50.67 -54.41
N ALA G 333 -25.61 -50.67 -54.50
CA ALA G 333 -24.84 -51.90 -54.36
C ALA G 333 -24.87 -52.44 -52.93
N TRP G 334 -25.28 -51.59 -52.00
CA TRP G 334 -25.28 -51.94 -50.58
C TRP G 334 -26.69 -52.25 -50.07
N HIS G 335 -26.91 -53.50 -49.68
CA HIS G 335 -28.20 -53.94 -49.20
C HIS G 335 -28.16 -54.31 -47.72
N GLY G 336 -27.08 -53.91 -47.05
CA GLY G 336 -26.93 -54.17 -45.63
C GLY G 336 -27.30 -52.96 -44.80
N PRO G 337 -26.99 -53.00 -43.51
CA PRO G 337 -27.27 -51.92 -42.55
C PRO G 337 -26.61 -50.59 -42.94
N THR G 338 -27.31 -49.49 -42.70
CA THR G 338 -26.76 -48.17 -43.00
C THR G 338 -26.11 -47.57 -41.77
N ALA G 339 -25.71 -46.30 -41.87
CA ALA G 339 -25.09 -45.61 -40.75
C ALA G 339 -26.12 -45.21 -39.71
N PRO G 340 -25.83 -45.50 -38.43
CA PRO G 340 -26.71 -45.13 -37.31
C PRO G 340 -27.00 -43.64 -37.30
N PRO G 341 -28.25 -43.25 -37.06
CA PRO G 341 -28.61 -41.83 -37.10
C PRO G 341 -28.29 -41.09 -35.81
N VAL G 342 -28.26 -39.77 -35.88
CA VAL G 342 -28.14 -38.95 -34.68
C VAL G 342 -29.49 -38.90 -33.98
N ARG G 343 -29.56 -39.49 -32.79
CA ARG G 343 -30.79 -39.50 -32.02
C ARG G 343 -31.21 -38.09 -31.62
N MET G 344 -32.33 -37.64 -32.15
CA MET G 344 -32.83 -36.31 -31.86
C MET G 344 -33.70 -36.28 -30.62
N LEU G 345 -33.87 -35.09 -30.04
CA LEU G 345 -34.86 -34.90 -28.98
C LEU G 345 -36.25 -34.94 -29.60
N PRO G 346 -37.13 -35.78 -29.05
CA PRO G 346 -38.49 -35.95 -29.57
C PRO G 346 -39.30 -34.65 -29.57
N ASN G 347 -40.18 -34.49 -30.56
CA ASN G 347 -41.12 -33.38 -30.57
C ASN G 347 -42.09 -33.56 -29.41
N VAL G 348 -42.52 -34.80 -29.21
CA VAL G 348 -43.40 -35.15 -28.10
C VAL G 348 -42.89 -36.41 -27.42
N LEU G 349 -42.55 -36.28 -26.14
CA LEU G 349 -42.01 -37.41 -25.37
C LEU G 349 -43.09 -38.05 -24.50
N PRO G 350 -43.54 -39.25 -24.88
CA PRO G 350 -44.53 -40.00 -24.10
C PRO G 350 -44.08 -40.19 -22.65
N ALA G 351 -44.95 -39.85 -21.70
CA ALA G 351 -44.62 -39.98 -20.28
C ALA G 351 -44.53 -41.45 -19.88
N ALA G 352 -45.03 -42.32 -20.73
CA ALA G 352 -44.99 -43.76 -20.46
C ALA G 352 -43.57 -44.32 -20.61
N GLN G 353 -42.68 -43.54 -21.20
CA GLN G 353 -41.30 -43.95 -21.40
C GLN G 353 -40.47 -43.76 -20.13
N LEU G 354 -40.74 -42.69 -19.41
CA LEU G 354 -40.03 -42.38 -18.17
C LEU G 354 -40.11 -43.54 -17.19
N PRO G 355 -39.06 -43.71 -16.36
CA PRO G 355 -38.98 -44.82 -15.40
C PRO G 355 -40.20 -44.91 -14.50
N SER G 356 -40.74 -46.12 -14.35
CA SER G 356 -41.85 -46.34 -13.42
C SER G 356 -41.42 -46.02 -12.00
N ALA G 357 -42.38 -45.89 -11.10
CA ALA G 357 -42.09 -45.60 -9.70
C ALA G 357 -41.32 -46.76 -9.07
N ALA G 358 -41.41 -47.93 -9.69
CA ALA G 358 -40.74 -49.12 -9.18
C ALA G 358 -39.23 -49.08 -9.40
N GLU G 359 -38.79 -48.32 -10.40
CA GLU G 359 -37.37 -48.26 -10.73
C GLU G 359 -36.75 -46.89 -10.41
N SER G 360 -37.54 -45.98 -9.86
CA SER G 360 -37.03 -44.65 -9.56
C SER G 360 -37.08 -44.33 -8.06
N GLY G 361 -38.13 -44.80 -7.40
CA GLY G 361 -38.32 -44.51 -5.98
C GLY G 361 -39.02 -43.18 -5.80
N THR G 362 -38.69 -42.47 -4.72
CA THR G 362 -39.28 -41.16 -4.46
C THR G 362 -38.85 -40.14 -5.51
N ARG G 363 -37.81 -40.47 -6.26
CA ARG G 363 -37.35 -39.63 -7.37
C ARG G 363 -38.38 -39.60 -8.48
N ILE G 364 -38.64 -38.41 -9.02
CA ILE G 364 -39.67 -38.24 -10.03
C ILE G 364 -39.10 -37.78 -11.37
N PRO G 365 -39.05 -38.68 -12.35
CA PRO G 365 -38.58 -38.34 -13.69
C PRO G 365 -39.54 -37.37 -14.38
N ILE G 366 -39.00 -36.34 -15.03
CA ILE G 366 -39.84 -35.36 -15.70
C ILE G 366 -39.44 -35.18 -17.17
N GLY G 367 -38.41 -35.89 -17.59
CA GLY G 367 -37.95 -35.81 -18.97
C GLY G 367 -36.55 -36.31 -19.19
N ILE G 368 -35.98 -36.00 -20.35
CA ILE G 368 -34.62 -36.42 -20.68
C ILE G 368 -33.80 -35.24 -21.18
N ASP G 369 -32.49 -35.25 -20.92
CA ASP G 369 -31.63 -34.13 -21.27
C ASP G 369 -31.02 -34.31 -22.66
N GLU G 370 -30.65 -33.18 -23.27
CA GLU G 370 -30.07 -33.20 -24.61
C GLU G 370 -28.68 -33.82 -24.61
N ASP G 371 -28.01 -33.73 -23.46
CA ASP G 371 -26.63 -34.18 -23.33
C ASP G 371 -26.46 -35.68 -23.61
N SER G 372 -27.30 -36.50 -22.99
CA SER G 372 -27.12 -37.95 -23.08
C SER G 372 -28.43 -38.72 -23.29
N LEU G 373 -29.54 -37.99 -23.45
CA LEU G 373 -30.87 -38.58 -23.59
C LEU G 373 -31.23 -39.45 -22.39
N SER G 374 -30.55 -39.22 -21.26
CA SER G 374 -30.85 -39.92 -20.03
C SER G 374 -31.91 -39.15 -19.25
N PRO G 375 -32.74 -39.88 -18.48
CA PRO G 375 -33.80 -39.28 -17.66
C PRO G 375 -33.30 -38.18 -16.72
N VAL G 376 -34.22 -37.29 -16.35
CA VAL G 376 -33.92 -36.18 -15.46
C VAL G 376 -34.92 -36.16 -14.30
N TYR G 377 -34.43 -36.40 -13.09
CA TYR G 377 -35.31 -36.62 -11.94
C TYR G 377 -35.49 -35.40 -11.04
N LEU G 378 -36.49 -35.49 -10.18
CA LEU G 378 -36.69 -34.53 -9.10
C LEU G 378 -36.76 -35.26 -7.76
N ASP G 379 -36.11 -34.71 -6.74
CA ASP G 379 -36.11 -35.32 -5.42
C ASP G 379 -36.50 -34.28 -4.38
N PHE G 380 -37.65 -34.49 -3.75
CA PHE G 380 -38.18 -33.52 -2.80
C PHE G 380 -37.65 -33.75 -1.39
N ASN G 381 -36.97 -34.87 -1.20
CA ASN G 381 -36.27 -35.12 0.05
C ASN G 381 -34.91 -34.40 0.04
N THR G 382 -34.56 -33.88 -1.13
CA THR G 382 -33.30 -33.16 -1.30
C THR G 382 -33.53 -31.67 -1.44
N ASP G 383 -34.49 -31.30 -2.27
CA ASP G 383 -34.83 -29.89 -2.50
C ASP G 383 -36.35 -29.72 -2.52
N PRO G 384 -36.89 -29.05 -1.49
CA PRO G 384 -38.34 -28.99 -1.22
C PRO G 384 -39.21 -28.32 -2.30
N HIS G 385 -38.71 -27.29 -2.97
CA HIS G 385 -39.56 -26.52 -3.90
C HIS G 385 -39.18 -26.70 -5.37
N PHE G 386 -39.99 -26.10 -6.25
CA PHE G 386 -39.76 -26.16 -7.69
C PHE G 386 -40.49 -25.03 -8.42
N LEU G 387 -39.84 -24.45 -9.42
CA LEU G 387 -40.34 -23.24 -10.07
C LEU G 387 -40.29 -23.34 -11.59
N VAL G 388 -41.36 -22.94 -12.27
CA VAL G 388 -41.40 -22.99 -13.73
C VAL G 388 -41.70 -21.65 -14.36
N PHE G 389 -40.94 -21.30 -15.40
CA PHE G 389 -41.21 -20.11 -16.20
C PHE G 389 -41.45 -20.51 -17.66
N GLY G 390 -42.45 -19.91 -18.28
CA GLY G 390 -42.76 -20.20 -19.68
C GLY G 390 -43.87 -19.34 -20.25
N ASP G 391 -43.78 -19.04 -21.54
CA ASP G 391 -44.78 -18.20 -22.19
C ASP G 391 -46.04 -19.00 -22.54
N THR G 392 -46.90 -18.42 -23.36
CA THR G 392 -48.19 -19.01 -23.67
C THR G 392 -48.06 -20.35 -24.39
N GLU G 393 -48.81 -21.34 -23.89
CA GLU G 393 -48.91 -22.66 -24.52
C GLU G 393 -47.56 -23.32 -24.77
N CYS G 394 -46.72 -23.33 -23.75
CA CYS G 394 -45.40 -23.95 -23.83
C CYS G 394 -45.37 -25.26 -23.03
N GLY G 395 -46.42 -25.49 -22.26
CA GLY G 395 -46.55 -26.75 -21.53
C GLY G 395 -46.34 -26.65 -20.04
N LYS G 396 -46.67 -25.52 -19.44
CA LYS G 396 -46.56 -25.34 -18.00
C LYS G 396 -47.57 -26.22 -17.25
N SER G 397 -48.84 -26.07 -17.60
CA SER G 397 -49.92 -26.79 -16.94
C SER G 397 -49.75 -28.29 -17.07
N ASN G 398 -49.19 -28.73 -18.19
CA ASN G 398 -48.95 -30.16 -18.41
C ASN G 398 -47.86 -30.70 -17.49
N LEU G 399 -46.82 -29.91 -17.27
CA LEU G 399 -45.71 -30.34 -16.43
C LEU G 399 -46.16 -30.55 -14.98
N LEU G 400 -47.01 -29.64 -14.50
CA LEU G 400 -47.54 -29.75 -13.15
C LEU G 400 -48.42 -30.99 -13.01
N ARG G 401 -49.18 -31.30 -14.05
CA ARG G 401 -50.01 -32.50 -14.06
C ARG G 401 -49.15 -33.76 -14.02
N LEU G 402 -47.98 -33.68 -14.65
CA LEU G 402 -47.03 -34.78 -14.65
C LEU G 402 -46.50 -35.05 -13.24
N ILE G 403 -45.89 -34.02 -12.67
CA ILE G 403 -45.28 -34.09 -11.34
C ILE G 403 -46.28 -34.52 -10.27
N THR G 404 -47.48 -33.93 -10.30
CA THR G 404 -48.54 -34.30 -9.38
C THR G 404 -48.88 -35.78 -9.50
N ALA G 405 -49.04 -36.23 -10.74
CA ALA G 405 -49.31 -37.63 -11.02
C ALA G 405 -48.13 -38.49 -10.56
N GLY G 406 -46.93 -37.93 -10.65
CA GLY G 406 -45.74 -38.63 -10.20
C GLY G 406 -45.67 -38.75 -8.69
N ILE G 407 -46.17 -37.74 -7.99
CA ILE G 407 -46.26 -37.78 -6.53
C ILE G 407 -47.31 -38.78 -6.09
N ILE G 408 -48.48 -38.70 -6.72
CA ILE G 408 -49.59 -39.60 -6.47
C ILE G 408 -49.16 -41.06 -6.58
N GLU G 409 -48.35 -41.35 -7.59
CA GLU G 409 -47.88 -42.71 -7.85
C GLU G 409 -46.88 -43.20 -6.81
N ARG G 410 -46.14 -42.26 -6.21
CA ARG G 410 -45.03 -42.63 -5.34
C ARG G 410 -45.32 -42.47 -3.85
N TYR G 411 -46.34 -41.68 -3.51
CA TYR G 411 -46.70 -41.47 -2.12
C TYR G 411 -48.14 -41.90 -1.83
N THR G 412 -48.35 -42.46 -0.64
CA THR G 412 -49.72 -42.73 -0.17
C THR G 412 -50.26 -41.44 0.44
N PRO G 413 -51.59 -41.23 0.35
CA PRO G 413 -52.19 -39.99 0.87
C PRO G 413 -51.93 -39.74 2.36
N GLN G 414 -51.49 -40.77 3.08
CA GLN G 414 -51.10 -40.59 4.47
C GLN G 414 -49.65 -40.14 4.56
N GLN G 415 -48.93 -40.24 3.44
CA GLN G 415 -47.54 -39.80 3.36
C GLN G 415 -47.44 -38.41 2.74
N ALA G 416 -48.36 -38.11 1.84
CA ALA G 416 -48.34 -36.83 1.14
C ALA G 416 -49.75 -36.37 0.77
N ARG G 417 -50.11 -35.19 1.27
CA ARG G 417 -51.37 -34.56 0.93
C ARG G 417 -51.11 -33.47 -0.10
N LEU G 418 -52.10 -33.20 -0.95
CA LEU G 418 -51.97 -32.20 -2.01
C LEU G 418 -52.99 -31.09 -1.87
N ILE G 419 -52.55 -29.86 -2.15
CA ILE G 419 -53.46 -28.72 -2.21
C ILE G 419 -53.19 -27.91 -3.48
N PHE G 420 -54.23 -27.67 -4.25
CA PHE G 420 -54.08 -27.00 -5.54
C PHE G 420 -54.62 -25.57 -5.50
N ILE G 421 -53.83 -24.63 -6.00
CA ILE G 421 -54.33 -23.29 -6.27
C ILE G 421 -54.37 -23.15 -7.79
N ASP G 422 -55.57 -23.26 -8.34
CA ASP G 422 -55.77 -23.41 -9.77
C ASP G 422 -56.93 -22.54 -10.25
N TYR G 423 -56.65 -21.24 -10.42
CA TYR G 423 -57.67 -20.28 -10.85
C TYR G 423 -58.25 -20.63 -12.21
N SER G 424 -57.42 -21.21 -13.07
CA SER G 424 -57.82 -21.48 -14.45
C SER G 424 -58.34 -22.89 -14.63
N ARG G 425 -58.41 -23.64 -13.52
CA ARG G 425 -58.99 -24.98 -13.50
C ARG G 425 -58.32 -25.87 -14.55
N SER G 426 -56.99 -25.90 -14.51
CA SER G 426 -56.20 -26.62 -15.50
C SER G 426 -55.68 -27.95 -14.97
N LEU G 427 -55.90 -28.19 -13.68
CA LEU G 427 -55.32 -29.35 -13.01
C LEU G 427 -56.38 -30.34 -12.57
N LEU G 428 -57.51 -30.37 -13.28
CA LEU G 428 -58.65 -31.17 -12.90
C LEU G 428 -58.38 -32.67 -12.90
N ASP G 429 -57.57 -33.13 -13.85
CA ASP G 429 -57.33 -34.55 -14.03
C ASP G 429 -56.61 -35.19 -12.84
N VAL G 430 -55.86 -34.39 -12.10
CA VAL G 430 -55.01 -34.92 -11.03
C VAL G 430 -55.48 -34.54 -9.62
N ALA G 431 -56.55 -33.76 -9.53
CA ALA G 431 -57.01 -33.28 -8.24
C ALA G 431 -58.23 -34.04 -7.72
N THR G 432 -58.50 -35.20 -8.31
CA THR G 432 -59.65 -36.01 -7.90
C THR G 432 -59.24 -37.12 -6.94
N THR G 433 -57.94 -37.21 -6.67
CA THR G 433 -57.39 -38.28 -5.84
C THR G 433 -57.67 -38.03 -4.35
N GLU G 434 -57.41 -39.06 -3.54
CA GLU G 434 -57.67 -39.00 -2.11
C GLU G 434 -56.66 -38.08 -1.40
N HIS G 435 -55.54 -37.83 -2.05
CA HIS G 435 -54.50 -36.95 -1.51
C HIS G 435 -55.03 -35.53 -1.35
N GLN G 436 -55.74 -35.08 -2.37
CA GLN G 436 -56.22 -33.71 -2.48
C GLN G 436 -57.12 -33.36 -1.32
N ILE G 437 -56.73 -32.34 -0.55
CA ILE G 437 -57.51 -31.89 0.60
C ILE G 437 -57.73 -30.38 0.55
N GLY G 438 -57.60 -29.82 -0.65
CA GLY G 438 -57.82 -28.40 -0.86
C GLY G 438 -57.75 -28.09 -2.34
N TYR G 439 -58.74 -27.36 -2.83
CA TYR G 439 -58.74 -26.91 -4.22
C TYR G 439 -59.32 -25.51 -4.29
N ALA G 440 -58.57 -24.59 -4.91
CA ALA G 440 -58.98 -23.19 -4.93
C ALA G 440 -58.99 -22.62 -6.35
N ALA G 441 -60.19 -22.45 -6.90
CA ALA G 441 -60.35 -21.86 -8.22
C ALA G 441 -60.64 -20.37 -8.12
N SER G 442 -60.69 -19.86 -6.91
CA SER G 442 -61.00 -18.45 -6.68
C SER G 442 -60.04 -17.82 -5.68
N SER G 443 -59.87 -16.50 -5.79
CA SER G 443 -59.01 -15.75 -4.89
C SER G 443 -59.45 -15.92 -3.44
N THR G 444 -60.76 -16.05 -3.24
CA THR G 444 -61.32 -16.24 -1.91
C THR G 444 -60.96 -17.61 -1.34
N ALA G 445 -61.17 -18.65 -2.15
CA ALA G 445 -60.88 -20.01 -1.72
C ALA G 445 -59.39 -20.20 -1.43
N ALA G 446 -58.56 -19.38 -2.07
CA ALA G 446 -57.12 -19.42 -1.84
C ALA G 446 -56.79 -18.92 -0.43
N SER G 447 -57.35 -17.77 -0.07
CA SER G 447 -57.12 -17.17 1.24
C SER G 447 -57.63 -18.06 2.37
N SER G 448 -58.76 -18.72 2.12
CA SER G 448 -59.35 -19.61 3.12
C SER G 448 -58.46 -20.82 3.37
N LEU G 449 -57.75 -21.25 2.34
CA LEU G 449 -56.87 -22.42 2.45
C LEU G 449 -55.54 -22.08 3.10
N VAL G 450 -54.92 -20.99 2.66
CA VAL G 450 -53.59 -20.61 3.15
C VAL G 450 -53.59 -20.32 4.65
N ARG G 451 -54.72 -19.83 5.16
CA ARG G 451 -54.85 -19.55 6.59
C ARG G 451 -54.82 -20.85 7.39
N ASP G 452 -55.56 -21.85 6.91
CA ASP G 452 -55.51 -23.19 7.51
C ASP G 452 -54.12 -23.79 7.32
N ILE G 453 -53.45 -23.38 6.25
CA ILE G 453 -52.10 -23.86 5.95
C ILE G 453 -51.06 -23.20 6.86
N LYS G 454 -51.11 -21.88 6.97
CA LYS G 454 -50.17 -21.15 7.81
C LYS G 454 -50.26 -21.65 9.25
N GLY G 455 -51.47 -21.91 9.72
CA GLY G 455 -51.67 -22.46 11.04
C GLY G 455 -51.13 -23.86 11.17
N ALA G 456 -51.41 -24.70 10.16
CA ALA G 456 -51.00 -26.10 10.19
C ALA G 456 -49.48 -26.28 10.14
N MET G 457 -48.80 -25.37 9.44
CA MET G 457 -47.37 -25.48 9.25
C MET G 457 -46.58 -24.82 10.37
N GLU G 458 -47.07 -23.69 10.87
CA GLU G 458 -46.43 -23.00 11.99
C GLU G 458 -46.33 -23.91 13.21
N ALA G 459 -47.25 -24.87 13.29
CA ALA G 459 -47.26 -25.83 14.39
C ALA G 459 -46.09 -26.81 14.29
N ARG G 460 -45.53 -26.95 13.08
CA ARG G 460 -44.42 -27.88 12.88
C ARG G 460 -43.06 -27.18 13.00
N LEU G 461 -43.07 -25.85 13.05
CA LEU G 461 -41.86 -25.06 13.22
C LEU G 461 -41.08 -25.54 14.45
N PRO G 462 -39.77 -25.80 14.28
CA PRO G 462 -38.95 -26.41 15.33
C PRO G 462 -38.80 -25.55 16.58
N PRO G 463 -38.91 -26.18 17.76
CA PRO G 463 -38.65 -25.53 19.05
C PRO G 463 -37.15 -25.28 19.22
N PRO G 464 -36.79 -24.22 19.98
CA PRO G 464 -35.40 -23.74 20.10
C PRO G 464 -34.42 -24.82 20.55
N ASP G 465 -34.76 -25.55 21.59
CA ASP G 465 -33.88 -26.58 22.13
C ASP G 465 -34.12 -27.93 21.46
N LEU G 466 -33.28 -28.25 20.49
CA LEU G 466 -33.42 -29.48 19.72
C LEU G 466 -32.06 -30.08 19.38
N THR G 467 -31.87 -31.36 19.70
CA THR G 467 -30.67 -32.06 19.28
C THR G 467 -30.63 -32.12 17.75
N PRO G 468 -29.41 -32.12 17.18
CA PRO G 468 -29.26 -32.21 15.72
C PRO G 468 -29.90 -33.47 15.14
N GLU G 469 -29.86 -34.56 15.90
CA GLU G 469 -30.48 -35.80 15.48
C GLU G 469 -32.00 -35.66 15.43
N GLN G 470 -32.54 -34.82 16.31
CA GLN G 470 -33.97 -34.53 16.30
C GLN G 470 -34.35 -33.69 15.08
N LEU G 471 -33.47 -32.74 14.72
CA LEU G 471 -33.68 -31.90 13.55
C LEU G 471 -33.52 -32.71 12.26
N ARG G 472 -32.57 -33.63 12.28
CA ARG G 472 -32.25 -34.45 11.12
C ARG G 472 -33.39 -35.40 10.76
N SER G 473 -34.01 -35.96 11.80
CA SER G 473 -35.02 -36.99 11.62
C SER G 473 -36.45 -36.43 11.62
N ARG G 474 -36.57 -35.14 11.94
CA ARG G 474 -37.87 -34.49 12.09
C ARG G 474 -38.74 -35.28 13.05
N SER G 475 -38.30 -35.37 14.30
CA SER G 475 -38.93 -36.19 15.32
C SER G 475 -40.16 -35.52 15.94
N TRP G 476 -40.04 -34.23 16.22
CA TRP G 476 -41.01 -33.52 17.05
C TRP G 476 -42.40 -33.42 16.44
N TRP G 477 -42.54 -33.76 15.16
CA TRP G 477 -43.86 -33.83 14.55
C TRP G 477 -44.02 -35.08 13.71
N THR G 478 -45.22 -35.66 13.74
CA THR G 478 -45.56 -36.78 12.90
C THR G 478 -46.78 -36.43 12.05
N GLY G 479 -46.80 -36.93 10.82
CA GLY G 479 -47.85 -36.62 9.88
C GLY G 479 -47.35 -36.70 8.46
N ALA G 480 -48.10 -36.13 7.52
CA ALA G 480 -47.77 -36.24 6.12
C ALA G 480 -47.05 -35.00 5.58
N GLU G 481 -46.43 -35.15 4.41
CA GLU G 481 -45.86 -34.02 3.69
C GLU G 481 -46.99 -33.22 3.04
N LEU G 482 -46.76 -31.95 2.80
CA LEU G 482 -47.77 -31.12 2.15
C LEU G 482 -47.25 -30.49 0.86
N PHE G 483 -47.82 -30.91 -0.26
CA PHE G 483 -47.46 -30.35 -1.56
C PHE G 483 -48.50 -29.33 -2.01
N LEU G 484 -48.08 -28.07 -2.10
CA LEU G 484 -48.96 -27.01 -2.58
C LEU G 484 -48.63 -26.68 -4.03
N VAL G 485 -49.48 -27.13 -4.95
CA VAL G 485 -49.27 -26.91 -6.37
C VAL G 485 -50.00 -25.65 -6.84
N VAL G 486 -49.25 -24.75 -7.46
CA VAL G 486 -49.80 -23.48 -7.93
C VAL G 486 -49.55 -23.28 -9.42
N ASP G 487 -50.63 -23.24 -10.20
CA ASP G 487 -50.52 -22.96 -11.63
C ASP G 487 -50.88 -21.50 -11.90
N ASP G 488 -50.26 -20.94 -12.94
CA ASP G 488 -50.51 -19.55 -13.35
C ASP G 488 -50.36 -18.59 -12.19
N TYR G 489 -49.24 -18.69 -11.47
CA TYR G 489 -48.95 -17.84 -10.32
C TYR G 489 -49.01 -16.36 -10.66
N GLU G 490 -48.81 -16.05 -11.93
CA GLU G 490 -48.88 -14.68 -12.46
C GLU G 490 -50.16 -13.95 -12.05
N MET G 491 -51.25 -14.70 -11.89
CA MET G 491 -52.57 -14.11 -11.70
C MET G 491 -53.12 -14.40 -10.32
N VAL G 492 -52.32 -15.07 -9.49
CA VAL G 492 -52.63 -15.19 -8.07
C VAL G 492 -51.76 -14.19 -7.32
N ALA G 493 -50.75 -13.68 -8.00
CA ALA G 493 -49.81 -12.74 -7.42
C ALA G 493 -50.23 -11.29 -7.64
N THR G 494 -51.47 -10.99 -7.27
CA THR G 494 -51.96 -9.61 -7.34
C THR G 494 -51.37 -8.81 -6.20
N SER G 495 -51.84 -7.57 -6.05
CA SER G 495 -51.39 -6.70 -4.97
C SER G 495 -51.51 -7.39 -3.63
N ASP G 496 -52.69 -7.95 -3.37
CA ASP G 496 -52.93 -8.72 -2.16
C ASP G 496 -52.77 -10.22 -2.44
N ASN G 497 -51.57 -10.61 -2.85
CA ASN G 497 -51.23 -12.01 -3.08
C ASN G 497 -51.60 -12.84 -1.85
N PRO G 498 -52.57 -13.74 -1.98
CA PRO G 498 -53.05 -14.55 -0.86
C PRO G 498 -52.04 -15.58 -0.38
N LEU G 499 -50.91 -15.72 -1.06
CA LEU G 499 -49.90 -16.68 -0.66
C LEU G 499 -48.77 -16.05 0.15
N ARG G 500 -48.70 -14.73 0.14
CA ARG G 500 -47.68 -13.99 0.88
C ARG G 500 -47.54 -14.35 2.37
N PRO G 501 -48.65 -14.69 3.06
CA PRO G 501 -48.47 -15.13 4.46
C PRO G 501 -47.56 -16.35 4.65
N LEU G 502 -47.21 -17.05 3.58
CA LEU G 502 -46.36 -18.24 3.67
C LEU G 502 -44.89 -17.93 3.41
N ALA G 503 -44.63 -16.76 2.83
CA ALA G 503 -43.29 -16.39 2.40
C ALA G 503 -42.25 -16.53 3.51
N GLU G 504 -42.64 -16.18 4.74
CA GLU G 504 -41.67 -16.14 5.83
C GLU G 504 -41.33 -17.53 6.38
N LEU G 505 -42.11 -18.54 6.04
CA LEU G 505 -41.77 -19.91 6.46
C LEU G 505 -41.32 -20.78 5.29
N LEU G 506 -41.20 -20.18 4.12
CA LEU G 506 -40.68 -20.91 2.95
C LEU G 506 -39.24 -21.41 3.12
N PRO G 507 -38.34 -20.60 3.74
CA PRO G 507 -37.01 -21.17 3.95
C PRO G 507 -36.93 -22.20 5.08
N GLN G 508 -38.02 -22.37 5.83
CA GLN G 508 -38.05 -23.33 6.92
C GLN G 508 -38.58 -24.69 6.46
N ALA G 509 -38.76 -24.82 5.16
CA ALA G 509 -39.49 -25.93 4.56
C ALA G 509 -38.93 -27.32 4.86
N ARG G 510 -37.61 -27.44 4.93
CA ARG G 510 -36.97 -28.74 5.16
C ARG G 510 -37.34 -29.33 6.51
N ASP G 511 -37.69 -28.45 7.45
CA ASP G 511 -37.98 -28.87 8.82
C ASP G 511 -39.47 -29.17 9.03
N ILE G 512 -40.33 -28.58 8.21
CA ILE G 512 -41.77 -28.70 8.41
C ILE G 512 -42.46 -29.56 7.36
N GLY G 513 -41.72 -29.94 6.32
CA GLY G 513 -42.26 -30.81 5.28
C GLY G 513 -43.17 -30.08 4.32
N LEU G 514 -42.86 -28.83 4.03
CA LEU G 514 -43.62 -28.04 3.08
C LEU G 514 -43.00 -28.14 1.69
N HIS G 515 -43.84 -28.08 0.67
CA HIS G 515 -43.36 -28.13 -0.71
C HIS G 515 -44.18 -27.20 -1.61
N LEU G 516 -43.51 -26.21 -2.20
CA LEU G 516 -44.17 -25.35 -3.18
C LEU G 516 -43.76 -25.72 -4.59
N ILE G 517 -44.76 -25.97 -5.44
CA ILE G 517 -44.52 -26.23 -6.84
C ILE G 517 -45.28 -25.18 -7.65
N ILE G 518 -44.54 -24.28 -8.28
CA ILE G 518 -45.12 -23.09 -8.89
C ILE G 518 -44.78 -22.94 -10.37
N ALA G 519 -45.74 -22.47 -11.15
CA ALA G 519 -45.51 -22.13 -12.55
C ALA G 519 -45.99 -20.70 -12.83
N ARG G 520 -45.28 -20.00 -13.71
CA ARG G 520 -45.59 -18.61 -14.02
C ARG G 520 -45.28 -18.32 -15.49
N SER G 521 -45.89 -17.28 -16.04
CA SER G 521 -45.59 -16.87 -17.41
C SER G 521 -44.32 -16.03 -17.46
N MET G 522 -44.00 -15.54 -18.66
CA MET G 522 -42.84 -14.70 -18.87
C MET G 522 -43.16 -13.23 -18.64
N GLY G 523 -44.42 -12.87 -18.85
CA GLY G 523 -44.87 -11.50 -18.70
C GLY G 523 -44.51 -10.89 -17.36
N GLY G 524 -43.53 -10.00 -17.37
CA GLY G 524 -43.08 -9.34 -16.16
C GLY G 524 -42.47 -10.29 -15.15
N ALA G 525 -41.95 -11.42 -15.64
CA ALA G 525 -41.32 -12.40 -14.78
C ALA G 525 -40.03 -11.86 -14.18
N GLY G 526 -39.37 -11.00 -14.94
CA GLY G 526 -38.12 -10.40 -14.50
C GLY G 526 -38.21 -9.64 -13.19
N ARG G 527 -39.28 -8.89 -13.09
CA ARG G 527 -39.57 -8.04 -11.96
C ARG G 527 -40.43 -8.79 -10.98
N ALA G 528 -40.64 -10.07 -11.24
CA ALA G 528 -41.46 -10.94 -10.40
C ALA G 528 -40.50 -11.77 -9.59
N LEU G 529 -39.20 -11.50 -9.75
CA LEU G 529 -38.17 -12.22 -9.01
C LEU G 529 -37.93 -11.59 -7.64
N TYR G 530 -38.49 -10.39 -7.44
CA TYR G 530 -38.22 -9.64 -6.21
C TYR G 530 -39.41 -9.66 -5.25
N GLU G 531 -40.55 -10.17 -5.71
CA GLU G 531 -41.72 -10.31 -4.86
C GLU G 531 -41.47 -11.46 -3.86
N PRO G 532 -41.99 -11.31 -2.63
CA PRO G 532 -41.68 -12.13 -1.45
C PRO G 532 -41.41 -13.62 -1.69
N ILE G 533 -42.32 -14.28 -2.40
CA ILE G 533 -42.25 -15.74 -2.55
C ILE G 533 -41.16 -16.19 -3.52
N ILE G 534 -41.24 -15.71 -4.76
CA ILE G 534 -40.31 -16.14 -5.81
C ILE G 534 -38.87 -15.76 -5.46
N GLN G 535 -38.69 -14.61 -4.82
CA GLN G 535 -37.37 -14.21 -4.34
C GLN G 535 -36.79 -15.24 -3.39
N ARG G 536 -37.58 -15.64 -2.41
CA ARG G 536 -37.11 -16.57 -1.39
C ARG G 536 -36.95 -17.98 -1.95
N ILE G 537 -37.75 -18.34 -2.95
CA ILE G 537 -37.60 -19.63 -3.60
C ILE G 537 -36.31 -19.68 -4.42
N LYS G 538 -36.03 -18.60 -5.13
CA LYS G 538 -34.82 -18.51 -5.94
C LYS G 538 -33.59 -18.41 -5.04
N GLU G 539 -33.76 -17.72 -3.90
CA GLU G 539 -32.69 -17.57 -2.93
C GLU G 539 -32.27 -18.93 -2.37
N MET G 540 -33.23 -19.85 -2.28
CA MET G 540 -32.96 -21.18 -1.75
C MET G 540 -32.22 -22.07 -2.74
N ALA G 541 -31.92 -21.52 -3.92
CA ALA G 541 -31.33 -22.29 -5.01
C ALA G 541 -32.21 -23.47 -5.36
N SER G 542 -33.51 -23.23 -5.44
CA SER G 542 -34.47 -24.28 -5.79
C SER G 542 -34.31 -24.68 -7.25
N PRO G 543 -34.58 -25.96 -7.56
CA PRO G 543 -34.59 -26.41 -8.94
C PRO G 543 -35.73 -25.78 -9.72
N GLY G 544 -35.57 -25.68 -11.03
CA GLY G 544 -36.60 -25.13 -11.89
C GLY G 544 -36.13 -25.14 -13.33
N LEU G 545 -36.98 -24.72 -14.26
CA LEU G 545 -36.56 -24.61 -15.63
C LEU G 545 -37.27 -23.49 -16.38
N VAL G 546 -36.65 -23.03 -17.45
CA VAL G 546 -37.16 -21.91 -18.23
C VAL G 546 -37.71 -22.33 -19.60
N MET G 547 -38.96 -22.06 -19.88
CA MET G 547 -39.43 -22.34 -21.21
C MET G 547 -39.79 -21.24 -22.13
N SER G 548 -39.45 -21.34 -23.38
CA SER G 548 -40.03 -20.56 -24.42
C SER G 548 -40.30 -19.12 -24.04
N GLY G 549 -39.28 -18.47 -23.51
CA GLY G 549 -39.38 -17.08 -23.12
C GLY G 549 -38.97 -16.11 -24.19
N ASN G 550 -38.88 -14.85 -23.81
CA ASN G 550 -38.29 -13.81 -24.65
C ASN G 550 -37.07 -13.26 -23.91
N LYS G 551 -35.97 -13.03 -24.63
CA LYS G 551 -34.74 -12.61 -23.97
C LYS G 551 -34.87 -11.21 -23.39
N ASP G 552 -35.97 -10.53 -23.72
CA ASP G 552 -36.31 -9.25 -23.14
C ASP G 552 -36.37 -9.30 -21.61
N GLU G 553 -36.75 -10.46 -21.08
CA GLU G 553 -37.05 -10.61 -19.65
C GLU G 553 -35.80 -10.85 -18.79
N GLY G 554 -34.67 -11.10 -19.44
CA GLY G 554 -33.41 -11.29 -18.73
C GLY G 554 -33.32 -12.64 -18.02
N ILE G 555 -32.18 -12.90 -17.39
CA ILE G 555 -31.98 -14.17 -16.69
C ILE G 555 -32.97 -14.31 -15.54
N LEU G 556 -33.50 -15.52 -15.39
CA LEU G 556 -34.46 -15.79 -14.33
C LEU G 556 -33.88 -16.82 -13.37
N LEU G 557 -33.36 -17.91 -13.92
CA LEU G 557 -32.75 -18.95 -13.11
C LEU G 557 -31.36 -19.31 -13.65
N GLY G 558 -30.35 -19.16 -12.81
CA GLY G 558 -28.99 -19.48 -13.21
C GLY G 558 -28.43 -18.56 -14.28
N ASN G 559 -27.84 -19.17 -15.30
CA ASN G 559 -27.07 -18.43 -16.30
C ASN G 559 -27.77 -18.29 -17.64
N VAL G 560 -29.01 -18.74 -17.73
CA VAL G 560 -29.69 -18.83 -19.02
C VAL G 560 -30.61 -17.65 -19.31
N LYS G 561 -30.38 -17.00 -20.46
CA LYS G 561 -31.29 -15.96 -20.92
C LYS G 561 -32.33 -16.59 -21.84
N PRO G 562 -33.62 -16.43 -21.48
CA PRO G 562 -34.76 -17.04 -22.16
C PRO G 562 -34.80 -16.73 -23.65
N HIS G 563 -35.22 -17.70 -24.44
CA HIS G 563 -35.46 -17.47 -25.86
C HIS G 563 -36.48 -18.49 -26.34
N LYS G 564 -37.03 -18.29 -27.53
CA LYS G 564 -38.11 -19.14 -28.03
C LYS G 564 -37.67 -20.60 -28.16
N LEU G 565 -38.40 -21.47 -27.46
CA LEU G 565 -38.16 -22.90 -27.48
C LEU G 565 -39.41 -23.64 -27.95
N PRO G 566 -39.27 -24.90 -28.38
CA PRO G 566 -40.45 -25.70 -28.74
C PRO G 566 -41.30 -26.05 -27.52
N GLN G 567 -42.48 -26.62 -27.78
CA GLN G 567 -43.36 -27.04 -26.70
C GLN G 567 -42.76 -28.19 -25.90
N GLY G 568 -42.68 -28.01 -24.59
CA GLY G 568 -42.19 -29.06 -23.70
C GLY G 568 -40.72 -28.90 -23.34
N ARG G 569 -39.98 -28.15 -24.14
CA ARG G 569 -38.55 -27.98 -23.92
C ARG G 569 -38.25 -26.78 -23.04
N GLY G 570 -37.22 -26.93 -22.21
CA GLY G 570 -36.80 -25.86 -21.31
C GLY G 570 -35.45 -26.15 -20.68
N TYR G 571 -34.77 -25.09 -20.24
CA TYR G 571 -33.45 -25.25 -19.61
C TYR G 571 -33.58 -25.56 -18.13
N PHE G 572 -33.29 -26.81 -17.79
CA PHE G 572 -33.41 -27.32 -16.42
C PHE G 572 -32.26 -26.83 -15.53
N VAL G 573 -32.52 -25.78 -14.76
CA VAL G 573 -31.48 -25.22 -13.90
C VAL G 573 -31.47 -25.85 -12.51
N GLU G 574 -30.36 -26.48 -12.18
CA GLU G 574 -30.11 -27.06 -10.87
C GLU G 574 -28.66 -26.76 -10.52
N ARG G 575 -28.41 -26.31 -9.30
CA ARG G 575 -27.09 -25.77 -8.99
C ARG G 575 -26.12 -26.83 -8.46
N ARG G 576 -26.51 -28.08 -8.59
CA ARG G 576 -25.59 -29.19 -8.35
C ARG G 576 -25.08 -29.71 -9.69
N SER G 577 -25.96 -29.75 -10.67
CA SER G 577 -25.63 -30.28 -11.99
C SER G 577 -25.61 -29.21 -13.07
N GLY G 578 -25.53 -27.95 -12.65
CA GLY G 578 -25.50 -26.83 -13.60
C GLY G 578 -26.75 -26.74 -14.44
N THR G 579 -26.64 -26.10 -15.60
CA THR G 579 -27.79 -25.93 -16.48
C THR G 579 -27.75 -26.91 -17.66
N ARG G 580 -28.84 -27.62 -17.86
CA ARG G 580 -28.96 -28.56 -18.98
C ARG G 580 -30.28 -28.36 -19.73
N LEU G 581 -30.20 -28.37 -21.06
CA LEU G 581 -31.41 -28.35 -21.88
C LEU G 581 -32.09 -29.72 -21.83
N ILE G 582 -33.35 -29.74 -21.43
CA ILE G 582 -34.11 -30.98 -21.37
C ILE G 582 -35.43 -30.90 -22.12
N GLN G 583 -36.03 -32.06 -22.36
CA GLN G 583 -37.36 -32.13 -22.97
C GLN G 583 -38.30 -32.87 -22.03
N THR G 584 -39.38 -32.19 -21.63
CA THR G 584 -40.32 -32.76 -20.65
C THR G 584 -41.33 -33.69 -21.31
N ALA G 585 -41.91 -34.58 -20.51
CA ALA G 585 -42.83 -35.59 -21.01
C ALA G 585 -44.25 -35.04 -21.16
N TYR G 586 -45.08 -35.76 -21.91
CA TYR G 586 -46.45 -35.34 -22.17
C TYR G 586 -47.44 -36.35 -21.59
N ARG G 587 -48.26 -35.89 -20.65
CA ARG G 587 -49.30 -36.75 -20.08
C ARG G 587 -50.61 -36.58 -20.84
N GLU G 588 -51.13 -37.69 -21.35
CA GLU G 588 -52.39 -37.69 -22.09
C GLU G 588 -53.55 -37.29 -21.20
N SER G 589 -54.40 -36.39 -21.70
CA SER G 589 -55.56 -35.89 -20.96
C SER G 589 -55.17 -35.31 -19.61
N VAL H 17 -53.00 -34.51 10.72
CA VAL H 17 -52.19 -33.49 10.06
C VAL H 17 -52.78 -32.09 10.26
N GLN H 18 -54.10 -32.00 10.15
CA GLN H 18 -54.83 -30.77 10.44
C GLN H 18 -56.30 -31.08 10.65
N ALA H 19 -56.71 -31.17 11.92
CA ALA H 19 -58.07 -31.54 12.28
C ALA H 19 -59.07 -30.45 11.87
N LEU H 20 -58.69 -29.20 12.09
CA LEU H 20 -59.53 -28.09 11.68
C LEU H 20 -59.16 -27.59 10.28
N LEU H 21 -58.92 -28.54 9.39
CA LEU H 21 -58.63 -28.20 8.00
C LEU H 21 -59.92 -27.79 7.31
N ASN H 22 -60.91 -28.68 7.39
CA ASN H 22 -62.22 -28.45 6.80
C ASN H 22 -63.32 -28.88 7.75
PG ATP I . -6.72 25.16 -0.52
O1G ATP I . -5.53 24.90 0.37
O2G ATP I . -6.42 26.05 -1.71
O3G ATP I . -7.55 23.94 -0.85
PB ATP I . -7.39 27.62 0.61
O1B ATP I . -7.21 28.27 -0.74
O2B ATP I . -6.30 27.74 1.65
O3B ATP I . -7.70 26.05 0.38
PA ATP I . -9.67 29.23 0.51
O1A ATP I . -9.17 30.61 0.86
O2A ATP I . -9.73 28.82 -0.95
O3A ATP I . -8.75 28.16 1.28
O5' ATP I . -11.12 29.04 1.16
C5' ATP I . -11.74 27.75 1.24
C4' ATP I . -13.21 27.96 1.57
O4' ATP I . -13.33 28.68 2.80
C3' ATP I . -13.90 28.79 0.50
O3' ATP I . -14.84 27.99 -0.22
C2' ATP I . -14.61 29.91 1.23
O2' ATP I . -16.02 29.88 0.92
C1' ATP I . -14.39 29.64 2.70
N9 ATP I . -13.98 30.90 3.39
C8 ATP I . -12.82 31.54 3.22
N7 ATP I . -12.75 32.65 3.98
C5 ATP I . -13.91 32.74 4.67
C6 ATP I . -14.49 33.68 5.66
N6 ATP I . -13.81 34.77 6.07
N1 ATP I . -15.73 33.40 6.12
C2 ATP I . -16.41 32.32 5.72
N3 ATP I . -15.95 31.42 4.83
C4 ATP I . -14.72 31.58 4.27
PG ATP J . 9.25 17.68 -42.38
O1G ATP J . 9.82 16.87 -41.24
O2G ATP J . 10.27 18.08 -43.42
O3G ATP J . 7.95 17.16 -42.94
PB ATP J . 9.93 20.21 -41.48
O1B ATP J . 10.60 20.48 -42.81
O2B ATP J . 10.77 19.82 -40.29
O3B ATP J . 8.83 19.08 -41.70
PA ATP J . 8.66 22.59 -42.17
O1A ATP J . 9.70 23.69 -42.12
O2A ATP J . 8.40 21.88 -43.47
O3A ATP J . 9.05 21.50 -41.06
O5' ATP J . 7.27 23.20 -41.62
C5' ATP J . 6.13 22.38 -41.38
C4' ATP J . 4.97 23.27 -40.97
O4' ATP J . 5.30 23.97 -39.76
C3' ATP J . 4.65 24.31 -42.02
O3' ATP J . 3.36 24.06 -42.59
C2' ATP J . 4.64 25.64 -41.32
O2' ATP J . 3.35 26.23 -41.40
C1' ATP J . 4.99 25.35 -39.87
N9 ATP J . 6.17 26.16 -39.47
C8 ATP J . 7.41 26.04 -40.01
N7 ATP J . 8.28 26.91 -39.43
C5 ATP J . 7.59 27.61 -38.52
C6 ATP J . 7.91 28.70 -37.55
N6 ATP J . 9.15 29.22 -37.46
N1 ATP J . 6.91 29.16 -36.77
C2 ATP J . 5.66 28.65 -36.85
N3 ATP J . 5.30 27.67 -37.70
C4 ATP J . 6.21 27.12 -38.54
MG MG K . 12.22 18.77 -43.61
MG MG L . -5.89 27.76 -2.53
PG ATP M . 20.77 59.57 27.95
O1G ATP M . 21.14 58.47 26.98
O2G ATP M . 20.82 59.16 29.40
O3G ATP M . 21.42 60.90 27.66
PB ATP M . 18.11 58.67 27.85
O1B ATP M . 18.45 57.87 29.07
O2B ATP M . 17.94 57.97 26.52
O3B ATP M . 19.21 59.84 27.67
PA ATP M . 15.89 59.25 29.42
O1A ATP M . 14.92 58.13 29.16
O2A ATP M . 16.83 59.16 30.59
O3A ATP M . 16.76 59.50 28.09
O5' ATP M . 15.03 60.61 29.56
C5' ATP M . 15.67 61.86 29.72
C4' ATP M . 14.65 62.90 30.16
O4' ATP M . 13.57 62.95 29.23
C3' ATP M . 14.05 62.55 31.52
O3' ATP M . 14.62 63.37 32.55
C2' ATP M . 12.57 62.84 31.38
O2' ATP M . 12.25 64.02 32.14
C1' ATP M . 12.33 63.09 29.91
N9 ATP M . 11.42 62.03 29.41
C8 ATP M . 11.78 60.75 29.20
N7 ATP M . 10.73 60.01 28.75
C5 ATP M . 9.68 60.83 28.68
C6 ATP M . 8.26 60.68 28.28
N6 ATP M . 7.78 59.48 27.87
N1 ATP M . 7.48 61.78 28.34
C2 ATP M . 7.95 62.97 28.76
N3 ATP M . 9.23 63.18 29.13
C4 ATP M . 10.12 62.16 29.11
PG ATP N . 53.73 44.35 56.18
O1G ATP N . 54.17 44.69 54.78
O2G ATP N . 54.41 43.13 56.76
O3G ATP N . 53.66 45.53 57.12
PB ATP N . 51.81 42.48 55.35
O1B ATP N . 52.66 41.41 55.98
O2B ATP N . 51.81 42.66 53.84
O3B ATP N . 52.20 43.89 56.02
PA ATP N . 49.94 41.43 57.16
O1A ATP N . 49.72 40.01 56.72
O2A ATP N . 51.00 41.72 58.20
O3A ATP N . 50.28 42.29 55.82
O5' ATP N . 48.53 42.02 57.64
C5' ATP N . 48.38 43.39 58.03
C4' ATP N . 46.92 43.67 58.36
O4' ATP N . 46.11 43.49 57.19
C3' ATP N . 46.37 42.74 59.43
O3' ATP N . 46.26 43.41 60.69
C2' ATP N . 44.99 42.32 58.94
O2' ATP N . 44.00 42.96 59.75
C1' ATP N . 44.89 42.81 57.51
N9 ATP N . 44.73 41.64 56.62
C8 ATP N . 45.71 40.80 56.24
N7 ATP N . 45.25 39.82 55.42
C5 ATP N . 43.94 40.04 55.25
C6 ATP N . 42.83 39.38 54.50
N6 ATP N . 43.06 38.28 53.75
N1 ATP N . 41.60 39.92 54.59
C2 ATP N . 41.37 41.02 55.34
N3 ATP N . 42.31 41.67 56.04
C4 ATP N . 43.59 41.23 56.04
MG MG O . 55.16 41.41 56.62
MG MG P . 20.28 56.85 29.37
PG ATP Q . 5.38 -31.63 23.74
O1G ATP Q . 5.75 -31.11 22.38
O2G ATP Q . 3.96 -32.12 23.86
O3G ATP Q . 6.41 -32.56 24.37
PB ATP Q . 4.25 -29.23 24.60
O1B ATP Q . 2.94 -29.94 24.47
O2B ATP Q . 4.66 -28.21 23.56
O3B ATP Q . 5.42 -30.33 24.69
PA ATP Q . 3.14 -28.65 27.10
O1A ATP Q . 2.21 -27.48 26.91
O2A ATP Q . 2.58 -30.05 27.02
O3A ATP Q . 4.34 -28.51 26.03
O5' ATP Q . 3.89 -28.47 28.52
C5' ATP Q . 4.90 -29.38 28.93
C4' ATP Q . 5.28 -29.08 30.37
O4' ATP Q . 5.57 -27.68 30.50
C3' ATP Q . 4.13 -29.39 31.33
O3' ATP Q . 4.49 -30.49 32.17
C2' ATP Q . 3.94 -28.15 32.16
O2' ATP Q . 4.19 -28.45 33.54
C1' ATP Q . 4.95 -27.13 31.67
N9 ATP Q . 4.26 -25.87 31.31
C8 ATP Q . 3.59 -25.64 30.16
N7 ATP Q . 3.06 -24.39 30.14
C5 ATP Q . 3.39 -23.79 31.30
C6 ATP Q . 3.16 -22.48 31.92
N6 ATP Q . 2.44 -21.51 31.28
N1 ATP Q . 3.67 -22.25 33.16
C2 ATP Q . 4.38 -23.20 33.80
N3 ATP Q . 4.64 -24.42 33.29
C4 ATP Q . 4.18 -24.77 32.07
PG ATP R . -18.51 -67.74 7.26
O1G ATP R . -17.14 -67.34 6.75
O2G ATP R . -19.48 -68.13 6.17
O3G ATP R . -18.48 -68.67 8.44
PB ATP R . -19.53 -65.17 6.87
O1B ATP R . -20.53 -65.69 5.86
O2B ATP R . -18.25 -64.52 6.38
O3B ATP R . -19.12 -66.38 7.85
PA ATP R . -21.80 -64.32 8.26
O1A ATP R . -22.62 -63.44 7.35
O2A ATP R . -22.11 -65.79 8.33
O3A ATP R . -20.25 -64.14 7.86
O5' ATP R . -21.89 -63.70 9.74
C5' ATP R . -20.99 -64.11 10.78
C4' ATP R . -21.19 -63.20 11.98
O4' ATP R . -20.96 -61.84 11.58
C3' ATP R . -22.61 -63.27 12.52
O3' ATP R . -22.61 -63.86 13.82
C2' ATP R . -23.11 -61.85 12.59
O2' ATP R . -23.49 -61.51 13.93
C1' ATP R . -21.97 -60.97 12.14
N9 ATP R . -22.41 -60.01 11.09
C8 ATP R . -22.73 -60.33 9.83
N7 ATP R . -23.10 -59.22 9.13
C5 ATP R . -23.03 -58.17 9.97
C6 ATP R . -23.30 -56.72 9.87
N6 ATP R . -23.71 -56.15 8.72
N1 ATP R . -23.09 -55.97 10.99
C2 ATP R . -22.68 -56.53 12.13
N3 ATP R . -22.42 -57.83 12.29
C4 ATP R . -22.57 -58.70 11.27
MG MG S . 2.28 -30.90 22.49
MG MG T . -20.57 -67.97 4.38
MG MG U . -51.40 -22.88 -17.88
MG MG V . -16.90 -24.45 -48.39
#